data_2M80
#
_entry.id   2M80
#
_entity_poly.entity_id   1
_entity_poly.type   'polypeptide(L)'
_entity_poly.pdbx_seq_one_letter_code
;MGHHHHHHMSAFVTKAEEMIKSHPYFQLSASWCPDCVYANSIWNKLNVQDKVFVFDIGSLPRNEQEKWRIAFQKVVGSRN
LPTIVVNGKFWGTESQLHRFEAKGTLEEELTKIGLLP
;
_entity_poly.pdbx_strand_id   A
#
# COMPACT_ATOMS: atom_id res chain seq x y z
N MET A 9 7.14 20.11 1.00
CA MET A 9 8.11 19.72 2.06
C MET A 9 9.51 19.50 1.50
N SER A 10 9.57 18.77 0.38
CA SER A 10 10.85 18.47 -0.29
C SER A 10 11.66 17.44 0.49
N ALA A 11 12.04 17.79 1.74
CA ALA A 11 12.82 16.88 2.58
C ALA A 11 12.21 15.49 2.62
N PHE A 12 10.88 15.42 2.60
CA PHE A 12 10.17 14.15 2.62
C PHE A 12 9.69 13.77 1.22
N VAL A 13 9.33 14.78 0.42
CA VAL A 13 8.84 14.53 -0.94
C VAL A 13 9.93 13.90 -1.81
N THR A 14 11.14 14.46 -1.75
CA THR A 14 12.27 13.96 -2.52
C THR A 14 12.59 12.51 -2.14
N LYS A 15 12.62 12.25 -0.81
CA LYS A 15 12.92 10.91 -0.31
C LYS A 15 11.84 9.91 -0.75
N ALA A 16 10.59 10.37 -0.82
CA ALA A 16 9.48 9.52 -1.25
C ALA A 16 9.65 9.05 -2.69
N GLU A 17 10.13 9.96 -3.55
CA GLU A 17 10.35 9.63 -4.97
C GLU A 17 11.38 8.51 -5.11
N GLU A 18 12.44 8.58 -4.31
CA GLU A 18 13.49 7.56 -4.35
C GLU A 18 12.96 6.21 -3.85
N MET A 19 11.96 6.24 -2.96
CA MET A 19 11.38 5.03 -2.41
C MET A 19 10.58 4.28 -3.47
N ILE A 20 9.73 5.01 -4.21
CA ILE A 20 8.92 4.43 -5.26
C ILE A 20 9.75 4.06 -6.49
N LYS A 21 10.98 4.57 -6.56
CA LYS A 21 11.86 4.30 -7.69
C LYS A 21 12.16 2.80 -7.78
N SER A 22 12.87 2.28 -6.78
CA SER A 22 13.22 0.87 -6.73
C SER A 22 12.12 0.03 -6.10
N HIS A 23 11.27 0.67 -5.29
CA HIS A 23 10.17 -0.03 -4.64
C HIS A 23 8.83 0.58 -5.03
N PRO A 24 8.42 0.41 -6.31
CA PRO A 24 7.15 0.95 -6.81
C PRO A 24 5.94 0.20 -6.24
N TYR A 25 6.11 -1.08 -5.94
CA TYR A 25 5.05 -1.90 -5.39
C TYR A 25 5.08 -1.86 -3.86
N PHE A 26 4.78 -0.69 -3.30
CA PHE A 26 4.78 -0.50 -1.86
C PHE A 26 3.36 -0.36 -1.30
N GLN A 27 3.12 -0.98 -0.15
CA GLN A 27 1.81 -0.93 0.50
C GLN A 27 1.94 -0.40 1.92
N LEU A 28 1.34 0.76 2.18
CA LEU A 28 1.39 1.38 3.50
C LEU A 28 0.26 0.84 4.38
N SER A 29 0.59 -0.16 5.20
CA SER A 29 -0.38 -0.77 6.11
C SER A 29 -0.06 -0.45 7.57
N ALA A 30 -0.95 -0.87 8.48
CA ALA A 30 -0.76 -0.65 9.91
C ALA A 30 -0.13 -1.86 10.58
N SER A 31 0.02 -1.81 11.90
CA SER A 31 0.61 -2.92 12.65
C SER A 31 -0.47 -3.85 13.20
N TRP A 32 -1.58 -3.27 13.65
CA TRP A 32 -2.69 -4.05 14.20
C TRP A 32 -4.02 -3.31 14.00
N CYS A 33 -4.50 -3.27 12.75
CA CYS A 33 -5.75 -2.61 12.43
C CYS A 33 -6.70 -3.55 11.70
N PRO A 34 -8.03 -3.37 11.90
CA PRO A 34 -9.06 -4.21 11.26
C PRO A 34 -8.92 -4.24 9.73
N ASP A 35 -8.31 -3.20 9.16
CA ASP A 35 -8.12 -3.13 7.71
C ASP A 35 -6.81 -3.80 7.31
N CYS A 36 -5.76 -3.58 8.10
CA CYS A 36 -4.45 -4.17 7.82
C CYS A 36 -4.55 -5.69 7.78
N VAL A 37 -5.27 -6.27 8.74
CA VAL A 37 -5.44 -7.73 8.81
C VAL A 37 -6.01 -8.29 7.51
N TYR A 38 -6.84 -7.49 6.83
CA TYR A 38 -7.45 -7.92 5.56
C TYR A 38 -6.41 -7.98 4.46
N ALA A 39 -5.72 -6.85 4.22
CA ALA A 39 -4.69 -6.78 3.18
C ALA A 39 -3.57 -7.79 3.42
N ASN A 40 -3.21 -8.00 4.69
CA ASN A 40 -2.16 -8.94 5.05
C ASN A 40 -2.66 -10.37 4.95
N SER A 41 -3.96 -10.57 5.21
CA SER A 41 -4.55 -11.90 5.15
C SER A 41 -4.52 -12.44 3.71
N ILE A 42 -4.97 -11.61 2.76
CA ILE A 42 -4.99 -12.01 1.35
C ILE A 42 -3.58 -12.22 0.82
N TRP A 43 -2.65 -11.34 1.19
CA TRP A 43 -1.26 -11.43 0.75
C TRP A 43 -0.58 -12.67 1.33
N ASN A 44 -0.89 -12.98 2.59
CA ASN A 44 -0.32 -14.14 3.27
C ASN A 44 -0.91 -15.45 2.74
N LYS A 45 -2.17 -15.39 2.29
CA LYS A 45 -2.84 -16.57 1.76
C LYS A 45 -2.45 -16.82 0.31
N LEU A 46 -2.17 -15.74 -0.43
CA LEU A 46 -1.79 -15.85 -1.83
C LEU A 46 -0.31 -16.17 -1.99
N ASN A 47 0.46 -16.15 -0.89
CA ASN A 47 1.88 -16.44 -0.93
C ASN A 47 2.59 -15.56 -1.97
N VAL A 48 2.27 -14.27 -1.96
CA VAL A 48 2.87 -13.33 -2.89
C VAL A 48 3.54 -12.18 -2.15
N GLN A 49 4.27 -12.51 -1.08
CA GLN A 49 4.97 -11.51 -0.29
C GLN A 49 6.42 -11.33 -0.75
N ASP A 50 6.72 -11.76 -1.97
CA ASP A 50 8.06 -11.64 -2.53
C ASP A 50 8.08 -10.65 -3.69
N LYS A 51 7.11 -10.81 -4.61
CA LYS A 51 7.01 -9.92 -5.76
C LYS A 51 6.62 -8.50 -5.36
N VAL A 52 5.97 -8.37 -4.19
CA VAL A 52 5.54 -7.09 -3.68
C VAL A 52 6.25 -6.75 -2.37
N PHE A 53 6.29 -5.47 -2.01
CA PHE A 53 6.94 -5.03 -0.79
C PHE A 53 5.94 -4.32 0.11
N VAL A 54 5.62 -4.97 1.21
CA VAL A 54 4.67 -4.42 2.20
C VAL A 54 5.40 -3.96 3.46
N PHE A 55 5.08 -2.76 3.91
CA PHE A 55 5.70 -2.19 5.11
C PHE A 55 4.64 -1.73 6.12
N ASP A 56 4.82 -2.14 7.37
CA ASP A 56 3.88 -1.78 8.44
C ASP A 56 4.36 -0.53 9.17
N ILE A 57 3.42 0.32 9.55
CA ILE A 57 3.74 1.55 10.27
C ILE A 57 2.86 1.74 11.51
N GLY A 58 3.20 1.01 12.57
CA GLY A 58 2.44 1.09 13.81
C GLY A 58 3.27 1.55 15.00
N SER A 59 4.55 1.18 15.04
CA SER A 59 5.44 1.56 16.14
C SER A 59 5.61 3.07 16.23
N LEU A 60 5.66 3.72 15.07
CA LEU A 60 5.82 5.18 15.00
C LEU A 60 4.69 5.89 15.75
N PRO A 61 5.06 6.69 16.79
CA PRO A 61 4.10 7.43 17.60
C PRO A 61 3.33 8.48 16.80
N ARG A 62 2.51 9.28 17.50
CA ARG A 62 1.71 10.32 16.86
C ARG A 62 2.59 11.37 16.17
N ASN A 63 3.78 11.61 16.72
CA ASN A 63 4.71 12.58 16.15
C ASN A 63 5.16 12.15 14.74
N GLU A 64 5.56 10.89 14.61
CA GLU A 64 6.01 10.36 13.33
C GLU A 64 4.83 10.14 12.38
N GLN A 65 3.68 9.75 12.95
CA GLN A 65 2.48 9.51 12.16
C GLN A 65 2.09 10.75 11.35
N GLU A 66 2.12 11.91 11.99
CA GLU A 66 1.78 13.18 11.33
C GLU A 66 2.67 13.41 10.11
N LYS A 67 3.98 13.24 10.29
CA LYS A 67 4.94 13.42 9.20
C LYS A 67 4.63 12.49 8.03
N TRP A 68 4.41 11.20 8.33
CA TRP A 68 4.09 10.22 7.31
C TRP A 68 2.77 10.56 6.61
N ARG A 69 1.79 11.04 7.38
CA ARG A 69 0.49 11.41 6.84
C ARG A 69 0.63 12.50 5.78
N ILE A 70 1.33 13.58 6.11
CA ILE A 70 1.55 14.69 5.19
C ILE A 70 2.38 14.24 3.99
N ALA A 71 3.41 13.43 4.25
CA ALA A 71 4.30 12.94 3.20
C ALA A 71 3.52 12.15 2.15
N PHE A 72 2.75 11.15 2.60
CA PHE A 72 1.94 10.33 1.71
C PHE A 72 0.93 11.18 0.94
N GLN A 73 0.38 12.19 1.61
CA GLN A 73 -0.59 13.09 0.98
C GLN A 73 0.02 13.81 -0.22
N LYS A 74 1.32 14.10 -0.13
CA LYS A 74 2.03 14.78 -1.21
C LYS A 74 2.39 13.81 -2.34
N VAL A 75 2.57 12.52 -1.99
CA VAL A 75 2.92 11.50 -2.97
C VAL A 75 1.70 11.09 -3.78
N VAL A 76 0.58 10.85 -3.10
CA VAL A 76 -0.65 10.45 -3.77
C VAL A 76 -1.87 11.21 -3.24
N GLY A 77 -1.97 11.33 -1.91
CA GLY A 77 -3.09 12.03 -1.30
C GLY A 77 -3.99 11.10 -0.50
N SER A 78 -3.39 10.29 0.36
CA SER A 78 -4.13 9.35 1.19
C SER A 78 -3.71 9.46 2.65
N ARG A 79 -4.55 10.12 3.45
CA ARG A 79 -4.27 10.31 4.88
C ARG A 79 -4.94 9.21 5.71
N ASN A 80 -4.94 7.98 5.18
CA ASN A 80 -5.54 6.84 5.88
C ASN A 80 -4.87 5.54 5.46
N LEU A 81 -4.81 4.58 6.39
CA LEU A 81 -4.20 3.27 6.14
C LEU A 81 -5.25 2.16 6.25
N PRO A 82 -5.05 1.03 5.52
CA PRO A 82 -3.88 0.82 4.65
C PRO A 82 -4.02 1.51 3.29
N THR A 83 -2.98 1.36 2.46
CA THR A 83 -2.95 1.96 1.12
C THR A 83 -2.11 1.12 0.16
N ILE A 84 -2.54 1.06 -1.10
CA ILE A 84 -1.82 0.32 -2.12
C ILE A 84 -1.29 1.24 -3.22
N VAL A 85 0.03 1.39 -3.27
CA VAL A 85 0.67 2.25 -4.27
C VAL A 85 1.44 1.41 -5.29
N VAL A 86 1.01 1.47 -6.55
CA VAL A 86 1.65 0.72 -7.62
C VAL A 86 2.34 1.65 -8.62
N ASN A 87 3.50 1.22 -9.12
CA ASN A 87 4.30 2.01 -10.08
C ASN A 87 4.35 3.49 -9.68
N GLY A 88 4.51 3.74 -8.37
CA GLY A 88 4.60 5.10 -7.87
C GLY A 88 3.32 5.90 -8.00
N LYS A 89 2.18 5.29 -7.70
CA LYS A 89 0.89 5.96 -7.77
C LYS A 89 -0.23 5.07 -7.24
N PHE A 90 -1.13 5.68 -6.48
CA PHE A 90 -2.27 4.99 -5.89
C PHE A 90 -3.04 4.21 -6.95
N TRP A 91 -2.98 2.88 -6.85
CA TRP A 91 -3.66 2.01 -7.81
C TRP A 91 -4.82 1.24 -7.15
N GLY A 92 -4.76 1.10 -5.82
CA GLY A 92 -5.81 0.38 -5.12
C GLY A 92 -5.99 0.85 -3.69
N THR A 93 -7.23 0.76 -3.20
CA THR A 93 -7.56 1.16 -1.83
C THR A 93 -8.12 -0.02 -1.04
N GLU A 94 -8.38 0.20 0.25
CA GLU A 94 -8.94 -0.84 1.12
C GLU A 94 -10.32 -1.29 0.63
N SER A 95 -11.03 -0.41 -0.07
CA SER A 95 -12.37 -0.73 -0.58
C SER A 95 -12.30 -1.51 -1.89
N GLN A 96 -11.32 -1.19 -2.74
CA GLN A 96 -11.15 -1.86 -4.02
C GLN A 96 -10.98 -3.37 -3.84
N LEU A 97 -10.35 -3.77 -2.73
CA LEU A 97 -10.12 -5.18 -2.44
C LEU A 97 -11.44 -5.92 -2.23
N HIS A 98 -12.31 -5.34 -1.41
CA HIS A 98 -13.61 -5.95 -1.13
C HIS A 98 -14.57 -5.76 -2.32
N ARG A 99 -14.42 -4.64 -3.03
CA ARG A 99 -15.27 -4.36 -4.19
C ARG A 99 -15.00 -5.33 -5.34
N PHE A 100 -13.74 -5.69 -5.54
CA PHE A 100 -13.36 -6.61 -6.61
C PHE A 100 -13.66 -8.06 -6.22
N GLU A 101 -13.32 -8.42 -4.98
CA GLU A 101 -13.55 -9.78 -4.48
C GLU A 101 -15.04 -10.14 -4.54
N ALA A 102 -15.88 -9.17 -4.20
CA ALA A 102 -17.33 -9.36 -4.22
C ALA A 102 -17.82 -9.71 -5.63
N LYS A 103 -17.27 -9.02 -6.63
CA LYS A 103 -17.64 -9.27 -8.02
C LYS A 103 -17.01 -10.55 -8.55
N GLY A 104 -15.85 -10.92 -8.00
CA GLY A 104 -15.15 -12.11 -8.43
C GLY A 104 -14.20 -11.85 -9.58
N THR A 105 -13.69 -10.62 -9.66
CA THR A 105 -12.76 -10.22 -10.72
C THR A 105 -11.44 -9.69 -10.16
N LEU A 106 -11.16 -10.02 -8.88
CA LEU A 106 -9.92 -9.58 -8.23
C LEU A 106 -8.70 -10.28 -8.82
N GLU A 107 -8.83 -11.60 -9.04
CA GLU A 107 -7.74 -12.40 -9.61
C GLU A 107 -7.29 -11.84 -10.95
N GLU A 108 -8.26 -11.62 -11.86
CA GLU A 108 -7.97 -11.08 -13.18
C GLU A 108 -7.30 -9.70 -13.08
N GLU A 109 -7.78 -8.89 -12.13
CA GLU A 109 -7.24 -7.55 -11.91
C GLU A 109 -5.77 -7.64 -11.44
N LEU A 110 -5.49 -8.60 -10.57
CA LEU A 110 -4.14 -8.80 -10.04
C LEU A 110 -3.17 -9.24 -11.14
N THR A 111 -3.69 -9.96 -12.15
CA THR A 111 -2.86 -10.43 -13.25
C THR A 111 -2.59 -9.29 -14.26
N LYS A 112 -3.54 -8.36 -14.37
CA LYS A 112 -3.40 -7.22 -15.28
C LYS A 112 -2.16 -6.39 -14.95
N ILE A 113 -1.96 -6.12 -13.66
CA ILE A 113 -0.80 -5.34 -13.22
C ILE A 113 0.52 -6.07 -13.45
N GLY A 114 0.46 -7.41 -13.53
CA GLY A 114 1.65 -8.20 -13.76
C GLY A 114 2.20 -8.81 -12.48
N LEU A 115 1.32 -9.03 -11.50
CA LEU A 115 1.73 -9.61 -10.23
C LEU A 115 1.73 -11.13 -10.30
N LEU A 116 0.66 -11.70 -10.86
CA LEU A 116 0.54 -13.14 -11.00
C LEU A 116 0.68 -13.56 -12.47
N PRO A 117 1.29 -14.74 -12.71
CA PRO A 117 1.50 -15.26 -14.07
C PRO A 117 0.19 -15.39 -14.86
N MET A 9 10.40 20.94 4.00
CA MET A 9 9.40 19.85 3.77
C MET A 9 9.75 18.97 2.57
N SER A 10 10.26 19.60 1.51
CA SER A 10 10.64 18.88 0.29
C SER A 10 11.66 17.77 0.58
N ALA A 11 12.49 17.98 1.61
CA ALA A 11 13.49 16.98 1.99
C ALA A 11 12.88 15.59 2.14
N PHE A 12 11.64 15.54 2.63
CA PHE A 12 10.95 14.27 2.81
C PHE A 12 10.17 13.89 1.55
N VAL A 13 9.62 14.89 0.86
CA VAL A 13 8.84 14.65 -0.36
C VAL A 13 9.74 14.10 -1.49
N THR A 14 10.87 14.77 -1.72
CA THR A 14 11.80 14.36 -2.77
C THR A 14 12.43 13.00 -2.45
N LYS A 15 12.82 12.81 -1.18
CA LYS A 15 13.42 11.54 -0.76
C LYS A 15 12.46 10.37 -0.98
N ALA A 16 11.17 10.62 -0.74
CA ALA A 16 10.14 9.59 -0.93
C ALA A 16 10.07 9.15 -2.38
N GLU A 17 10.15 10.11 -3.30
CA GLU A 17 10.11 9.82 -4.73
C GLU A 17 11.22 8.85 -5.13
N GLU A 18 12.40 9.04 -4.55
CA GLU A 18 13.54 8.17 -4.84
C GLU A 18 13.28 6.74 -4.36
N MET A 19 12.60 6.61 -3.23
CA MET A 19 12.28 5.29 -2.67
C MET A 19 11.29 4.54 -3.55
N ILE A 20 10.23 5.22 -3.99
CA ILE A 20 9.21 4.62 -4.84
C ILE A 20 9.74 4.38 -6.26
N LYS A 21 10.86 5.00 -6.59
CA LYS A 21 11.46 4.86 -7.91
C LYS A 21 11.82 3.40 -8.20
N SER A 22 12.70 2.84 -7.36
CA SER A 22 13.12 1.44 -7.51
C SER A 22 12.13 0.50 -6.84
N HIS A 23 11.21 1.06 -6.06
CA HIS A 23 10.20 0.25 -5.36
C HIS A 23 8.79 0.72 -5.71
N PRO A 24 8.34 0.42 -6.95
CA PRO A 24 7.01 0.81 -7.41
C PRO A 24 5.89 -0.01 -6.75
N TYR A 25 6.21 -1.23 -6.33
CA TYR A 25 5.23 -2.10 -5.68
C TYR A 25 5.30 -1.96 -4.16
N PHE A 26 4.84 -0.81 -3.66
CA PHE A 26 4.84 -0.55 -2.21
C PHE A 26 3.42 -0.59 -1.64
N GLN A 27 3.26 -1.30 -0.53
CA GLN A 27 1.96 -1.41 0.13
C GLN A 27 2.07 -1.02 1.61
N LEU A 28 1.51 0.14 1.96
CA LEU A 28 1.56 0.63 3.33
C LEU A 28 0.34 0.15 4.13
N SER A 29 0.59 -0.30 5.37
CA SER A 29 -0.49 -0.79 6.23
C SER A 29 -0.39 -0.19 7.65
N ALA A 30 -1.41 -0.45 8.47
CA ALA A 30 -1.46 0.05 9.84
C ALA A 30 -0.94 -0.98 10.84
N SER A 31 -0.90 -0.60 12.12
CA SER A 31 -0.42 -1.49 13.18
C SER A 31 -1.48 -2.52 13.54
N TRP A 32 -1.52 -3.62 12.77
CA TRP A 32 -2.48 -4.70 13.00
C TRP A 32 -3.93 -4.19 12.94
N CYS A 33 -4.23 -3.39 11.91
CA CYS A 33 -5.58 -2.83 11.73
C CYS A 33 -6.56 -3.93 11.32
N PRO A 34 -7.87 -3.72 11.61
CA PRO A 34 -8.93 -4.69 11.26
C PRO A 34 -9.14 -4.81 9.75
N ASP A 35 -8.94 -3.71 9.02
CA ASP A 35 -9.11 -3.72 7.57
C ASP A 35 -7.81 -4.11 6.87
N CYS A 36 -6.68 -3.73 7.46
CA CYS A 36 -5.36 -4.04 6.89
C CYS A 36 -5.08 -5.54 7.00
N VAL A 37 -5.43 -6.13 8.14
CA VAL A 37 -5.21 -7.56 8.38
C VAL A 37 -5.88 -8.41 7.28
N TYR A 38 -7.00 -7.94 6.75
CA TYR A 38 -7.72 -8.67 5.68
C TYR A 38 -6.82 -8.87 4.46
N ALA A 39 -6.21 -7.77 4.00
CA ALA A 39 -5.33 -7.82 2.83
C ALA A 39 -4.14 -8.77 3.06
N ASN A 40 -3.65 -8.82 4.30
CA ASN A 40 -2.53 -9.69 4.65
C ASN A 40 -2.99 -11.14 4.74
N SER A 41 -4.24 -11.34 5.16
CA SER A 41 -4.80 -12.67 5.30
C SER A 41 -4.87 -13.38 3.95
N ILE A 42 -5.34 -12.65 2.93
CA ILE A 42 -5.47 -13.22 1.59
C ILE A 42 -4.09 -13.51 0.98
N TRP A 43 -3.19 -12.54 1.04
CA TRP A 43 -1.84 -12.70 0.50
C TRP A 43 -1.05 -13.77 1.26
N ASN A 44 -1.35 -13.92 2.55
CA ASN A 44 -0.68 -14.92 3.39
C ASN A 44 -1.07 -16.34 2.99
N LYS A 45 -2.33 -16.51 2.59
CA LYS A 45 -2.84 -17.83 2.19
C LYS A 45 -2.45 -18.15 0.75
N LEU A 46 -2.37 -17.11 -0.09
CA LEU A 46 -1.99 -17.29 -1.49
C LEU A 46 -0.49 -17.43 -1.69
N ASN A 47 0.30 -17.21 -0.61
CA ASN A 47 1.75 -17.32 -0.68
C ASN A 47 2.31 -16.46 -1.83
N VAL A 48 1.79 -15.24 -1.95
CA VAL A 48 2.22 -14.32 -3.00
C VAL A 48 2.60 -12.95 -2.41
N GLN A 49 3.10 -12.97 -1.17
CA GLN A 49 3.51 -11.74 -0.49
C GLN A 49 5.03 -11.59 -0.51
N ASP A 50 5.69 -12.16 -1.53
CA ASP A 50 7.14 -12.09 -1.67
C ASP A 50 7.52 -11.23 -2.88
N LYS A 51 6.80 -11.40 -3.99
CA LYS A 51 7.07 -10.65 -5.20
C LYS A 51 6.76 -9.16 -5.02
N VAL A 52 5.86 -8.85 -4.07
CA VAL A 52 5.48 -7.47 -3.78
C VAL A 52 6.22 -6.95 -2.54
N PHE A 53 6.31 -5.63 -2.41
CA PHE A 53 6.97 -5.02 -1.26
C PHE A 53 5.95 -4.32 -0.38
N VAL A 54 5.75 -4.89 0.81
CA VAL A 54 4.80 -4.36 1.78
C VAL A 54 5.53 -3.77 3.00
N PHE A 55 5.05 -2.62 3.47
CA PHE A 55 5.64 -1.95 4.63
C PHE A 55 4.61 -1.72 5.73
N ASP A 56 5.01 -1.93 6.98
CA ASP A 56 4.13 -1.75 8.12
C ASP A 56 4.42 -0.43 8.83
N ILE A 57 3.37 0.35 9.09
CA ILE A 57 3.51 1.63 9.77
C ILE A 57 3.40 1.44 11.28
N GLY A 58 4.41 0.80 11.85
CA GLY A 58 4.42 0.54 13.28
C GLY A 58 5.69 1.04 13.97
N SER A 59 6.84 0.83 13.32
CA SER A 59 8.12 1.26 13.87
C SER A 59 8.14 2.76 14.16
N LEU A 60 7.43 3.53 13.33
CA LEU A 60 7.35 4.99 13.49
C LEU A 60 6.34 5.37 14.57
N PRO A 61 6.78 6.14 15.58
CA PRO A 61 5.92 6.59 16.69
C PRO A 61 4.95 7.69 16.25
N ARG A 62 4.18 8.22 17.21
CA ARG A 62 3.22 9.28 16.93
C ARG A 62 3.92 10.51 16.34
N ASN A 63 5.13 10.80 16.83
CA ASN A 63 5.89 11.96 16.34
C ASN A 63 6.26 11.79 14.87
N GLU A 64 6.81 10.62 14.52
CA GLU A 64 7.19 10.33 13.15
C GLU A 64 5.96 10.23 12.24
N GLN A 65 4.89 9.64 12.77
CA GLN A 65 3.64 9.48 12.03
C GLN A 65 3.12 10.82 11.54
N GLU A 66 3.38 11.90 12.29
CA GLU A 66 2.93 13.24 11.91
C GLU A 66 3.47 13.63 10.54
N LYS A 67 4.79 13.51 10.36
CA LYS A 67 5.41 13.85 9.09
C LYS A 67 4.97 12.87 7.99
N TRP A 68 4.68 11.62 8.39
CA TRP A 68 4.25 10.60 7.44
C TRP A 68 2.97 11.02 6.73
N ARG A 69 1.94 11.36 7.49
CA ARG A 69 0.65 11.77 6.91
C ARG A 69 0.83 12.98 5.98
N ILE A 70 1.73 13.89 6.37
CA ILE A 70 1.99 15.08 5.56
C ILE A 70 2.71 14.72 4.26
N ALA A 71 3.73 13.88 4.36
CA ALA A 71 4.49 13.45 3.19
C ALA A 71 3.61 12.68 2.21
N PHE A 72 2.88 11.69 2.73
CA PHE A 72 1.99 10.86 1.91
C PHE A 72 0.98 11.73 1.16
N GLN A 73 0.37 12.69 1.87
CA GLN A 73 -0.61 13.59 1.27
C GLN A 73 0.04 14.47 0.19
N LYS A 74 1.34 14.71 0.32
CA LYS A 74 2.07 15.53 -0.63
C LYS A 74 2.45 14.72 -1.87
N VAL A 75 2.68 13.42 -1.69
CA VAL A 75 3.04 12.53 -2.80
C VAL A 75 1.81 12.05 -3.56
N VAL A 76 0.78 11.63 -2.83
CA VAL A 76 -0.44 11.14 -3.46
C VAL A 76 -1.68 11.96 -3.05
N GLY A 77 -1.76 12.31 -1.77
CA GLY A 77 -2.88 13.09 -1.29
C GLY A 77 -3.95 12.21 -0.65
N SER A 78 -3.53 11.18 0.08
CA SER A 78 -4.45 10.27 0.75
C SER A 78 -4.23 10.28 2.26
N ARG A 79 -5.17 10.88 2.99
CA ARG A 79 -5.09 10.95 4.45
C ARG A 79 -5.86 9.79 5.08
N ASN A 80 -5.70 8.59 4.52
CA ASN A 80 -6.38 7.39 5.02
C ASN A 80 -5.51 6.15 4.82
N LEU A 81 -5.79 5.10 5.61
CA LEU A 81 -5.05 3.84 5.53
C LEU A 81 -6.00 2.65 5.64
N PRO A 82 -5.61 1.48 5.07
CA PRO A 82 -4.34 1.31 4.35
C PRO A 82 -4.36 1.94 2.94
N THR A 83 -3.17 2.05 2.34
CA THR A 83 -3.04 2.63 1.01
C THR A 83 -2.09 1.81 0.14
N ILE A 84 -2.51 1.53 -1.08
CA ILE A 84 -1.70 0.74 -2.02
C ILE A 84 -1.21 1.61 -3.18
N VAL A 85 0.11 1.81 -3.25
CA VAL A 85 0.71 2.61 -4.31
C VAL A 85 1.50 1.74 -5.29
N VAL A 86 1.06 1.72 -6.55
CA VAL A 86 1.72 0.92 -7.58
C VAL A 86 2.32 1.84 -8.66
N ASN A 87 3.61 1.62 -8.95
CA ASN A 87 4.32 2.42 -9.95
C ASN A 87 4.31 3.90 -9.58
N GLY A 88 4.49 4.20 -8.29
CA GLY A 88 4.51 5.56 -7.81
C GLY A 88 3.19 6.28 -8.05
N LYS A 89 2.10 5.64 -7.67
CA LYS A 89 0.76 6.22 -7.83
C LYS A 89 -0.28 5.37 -7.12
N PHE A 90 -1.16 6.03 -6.38
CA PHE A 90 -2.23 5.34 -5.65
C PHE A 90 -3.27 4.76 -6.61
N TRP A 91 -3.25 3.44 -6.77
CA TRP A 91 -4.18 2.75 -7.67
C TRP A 91 -4.99 1.66 -6.95
N GLY A 92 -4.76 1.48 -5.64
CA GLY A 92 -5.50 0.48 -4.90
C GLY A 92 -5.83 0.91 -3.48
N THR A 93 -7.06 0.65 -3.06
CA THR A 93 -7.52 1.01 -1.72
C THR A 93 -8.03 -0.22 -0.96
N GLU A 94 -8.45 0.00 0.29
CA GLU A 94 -8.97 -1.09 1.14
C GLU A 94 -10.24 -1.71 0.56
N SER A 95 -11.15 -0.84 0.07
CA SER A 95 -12.40 -1.31 -0.51
C SER A 95 -12.17 -2.08 -1.81
N GLN A 96 -11.09 -1.76 -2.51
CA GLN A 96 -10.75 -2.42 -3.77
C GLN A 96 -10.61 -3.94 -3.57
N LEU A 97 -10.10 -4.34 -2.40
CA LEU A 97 -9.90 -5.74 -2.08
C LEU A 97 -11.24 -6.44 -1.85
N HIS A 98 -12.17 -5.76 -1.19
CA HIS A 98 -13.49 -6.32 -0.90
C HIS A 98 -14.40 -6.27 -2.14
N ARG A 99 -14.48 -5.09 -2.77
CA ARG A 99 -15.33 -4.90 -3.95
C ARG A 99 -14.98 -5.86 -5.08
N PHE A 100 -13.70 -5.94 -5.41
CA PHE A 100 -13.22 -6.81 -6.49
C PHE A 100 -13.50 -8.29 -6.16
N GLU A 101 -13.31 -8.66 -4.89
CA GLU A 101 -13.55 -10.04 -4.46
C GLU A 101 -15.02 -10.41 -4.65
N ALA A 102 -15.91 -9.52 -4.24
CA ALA A 102 -17.35 -9.75 -4.36
C ALA A 102 -17.75 -9.92 -5.83
N LYS A 103 -17.17 -9.10 -6.70
CA LYS A 103 -17.46 -9.16 -8.13
C LYS A 103 -16.78 -10.36 -8.78
N GLY A 104 -15.63 -10.78 -8.24
CA GLY A 104 -14.90 -11.90 -8.80
C GLY A 104 -13.85 -11.46 -9.80
N THR A 105 -13.33 -10.24 -9.63
CA THR A 105 -12.31 -9.70 -10.52
C THR A 105 -11.00 -9.42 -9.79
N LEU A 106 -10.83 -10.00 -8.60
CA LEU A 106 -9.62 -9.81 -7.81
C LEU A 106 -8.42 -10.51 -8.47
N GLU A 107 -8.61 -11.79 -8.84
CA GLU A 107 -7.56 -12.57 -9.48
C GLU A 107 -7.05 -11.87 -10.74
N GLU A 108 -7.97 -11.30 -11.52
CA GLU A 108 -7.60 -10.60 -12.75
C GLU A 108 -6.79 -9.33 -12.42
N GLU A 109 -7.24 -8.59 -11.41
CA GLU A 109 -6.54 -7.36 -11.01
C GLU A 109 -5.08 -7.64 -10.71
N LEU A 110 -4.82 -8.71 -9.94
CA LEU A 110 -3.46 -9.09 -9.57
C LEU A 110 -2.65 -9.51 -10.82
N THR A 111 -3.29 -10.24 -11.72
CA THR A 111 -2.62 -10.69 -12.94
C THR A 111 -2.37 -9.51 -13.89
N LYS A 112 -3.30 -8.56 -13.92
CA LYS A 112 -3.19 -7.38 -14.77
C LYS A 112 -1.94 -6.56 -14.45
N ILE A 113 -1.78 -6.22 -13.17
CA ILE A 113 -0.62 -5.44 -12.71
C ILE A 113 0.71 -6.18 -12.96
N GLY A 114 0.65 -7.51 -13.02
CA GLY A 114 1.85 -8.29 -13.24
C GLY A 114 2.26 -9.11 -12.03
N LEU A 115 1.31 -9.35 -11.11
CA LEU A 115 1.59 -10.13 -9.91
C LEU A 115 1.61 -11.62 -10.23
N LEU A 116 0.58 -12.08 -10.94
CA LEU A 116 0.47 -13.49 -11.31
C LEU A 116 0.67 -13.66 -12.81
N PRO A 117 1.60 -14.54 -13.24
CA PRO A 117 1.88 -14.80 -14.65
C PRO A 117 0.63 -15.21 -15.42
N MET A 9 10.68 21.47 2.43
CA MET A 9 9.65 20.42 2.15
C MET A 9 10.11 19.42 1.10
N SER A 10 10.85 19.91 0.10
CA SER A 10 11.36 19.06 -0.98
C SER A 10 12.14 17.85 -0.42
N ALA A 11 12.84 18.07 0.69
CA ALA A 11 13.61 17.01 1.33
C ALA A 11 12.77 15.75 1.56
N PHE A 12 11.49 15.96 1.90
CA PHE A 12 10.58 14.86 2.15
C PHE A 12 9.98 14.35 0.84
N VAL A 13 9.66 15.27 -0.07
CA VAL A 13 9.08 14.90 -1.37
C VAL A 13 10.01 13.98 -2.14
N THR A 14 11.29 14.34 -2.20
CA THR A 14 12.29 13.56 -2.90
C THR A 14 12.42 12.16 -2.28
N LYS A 15 12.41 12.10 -0.95
CA LYS A 15 12.51 10.82 -0.24
C LYS A 15 11.35 9.90 -0.62
N ALA A 16 10.17 10.48 -0.76
CA ALA A 16 8.97 9.71 -1.13
C ALA A 16 9.13 9.10 -2.51
N GLU A 17 9.64 9.90 -3.46
CA GLU A 17 9.85 9.43 -4.82
C GLU A 17 10.87 8.30 -4.87
N GLU A 18 11.96 8.45 -4.10
CA GLU A 18 13.01 7.43 -4.06
C GLU A 18 12.45 6.11 -3.53
N MET A 19 11.52 6.18 -2.57
CA MET A 19 10.91 5.00 -1.98
C MET A 19 10.07 4.23 -3.00
N ILE A 20 9.19 4.95 -3.70
CA ILE A 20 8.35 4.34 -4.72
C ILE A 20 9.14 3.94 -5.96
N LYS A 21 10.36 4.45 -6.08
CA LYS A 21 11.22 4.15 -7.22
C LYS A 21 11.54 2.66 -7.28
N SER A 22 12.24 2.16 -6.26
CA SER A 22 12.61 0.75 -6.20
C SER A 22 11.50 -0.08 -5.58
N HIS A 23 10.65 0.56 -4.78
CA HIS A 23 9.53 -0.13 -4.14
C HIS A 23 8.20 0.46 -4.59
N PRO A 24 7.85 0.29 -5.89
CA PRO A 24 6.59 0.80 -6.44
C PRO A 24 5.37 0.04 -5.91
N TYR A 25 5.57 -1.23 -5.57
CA TYR A 25 4.49 -2.06 -5.05
C TYR A 25 4.49 -2.05 -3.52
N PHE A 26 4.17 -0.89 -2.94
CA PHE A 26 4.14 -0.73 -1.49
C PHE A 26 2.72 -0.61 -0.97
N GLN A 27 2.38 -1.45 0.01
CA GLN A 27 1.06 -1.43 0.61
C GLN A 27 1.14 -1.07 2.10
N LEU A 28 0.73 0.16 2.42
CA LEU A 28 0.75 0.63 3.80
C LEU A 28 -0.56 0.30 4.51
N SER A 29 -0.46 -0.38 5.65
CA SER A 29 -1.64 -0.77 6.42
C SER A 29 -1.40 -0.57 7.92
N ALA A 30 -2.41 -0.86 8.73
CA ALA A 30 -2.31 -0.71 10.19
C ALA A 30 -3.11 -1.77 10.93
N SER A 31 -2.73 -2.05 12.18
CA SER A 31 -3.43 -3.04 12.99
C SER A 31 -4.64 -2.43 13.69
N TRP A 32 -5.52 -1.82 12.90
CA TRP A 32 -6.73 -1.19 13.45
C TRP A 32 -7.97 -1.71 12.72
N CYS A 33 -7.92 -1.76 11.38
CA CYS A 33 -9.02 -2.23 10.57
C CYS A 33 -8.70 -3.60 9.95
N PRO A 34 -9.74 -4.41 9.65
CA PRO A 34 -9.56 -5.74 9.05
C PRO A 34 -8.82 -5.70 7.71
N ASP A 35 -8.75 -4.52 7.10
CA ASP A 35 -8.07 -4.35 5.82
C ASP A 35 -6.64 -4.89 5.86
N CYS A 36 -5.91 -4.59 6.94
CA CYS A 36 -4.54 -5.06 7.10
C CYS A 36 -4.47 -6.58 7.08
N VAL A 37 -5.20 -7.21 8.01
CA VAL A 37 -5.22 -8.68 8.09
C VAL A 37 -5.77 -9.29 6.80
N TYR A 38 -6.68 -8.58 6.13
CA TYR A 38 -7.27 -9.05 4.87
C TYR A 38 -6.28 -8.92 3.72
N ALA A 39 -5.42 -7.91 3.78
CA ALA A 39 -4.42 -7.68 2.74
C ALA A 39 -3.32 -8.73 2.81
N ASN A 40 -2.87 -9.04 4.03
CA ASN A 40 -1.82 -10.03 4.23
C ASN A 40 -2.35 -11.44 4.04
N SER A 41 -3.64 -11.64 4.31
CA SER A 41 -4.25 -12.96 4.17
C SER A 41 -4.22 -13.42 2.71
N ILE A 42 -4.62 -12.54 1.79
CA ILE A 42 -4.62 -12.86 0.37
C ILE A 42 -3.20 -13.02 -0.17
N TRP A 43 -2.31 -12.11 0.22
CA TRP A 43 -0.91 -12.17 -0.23
C TRP A 43 -0.23 -13.44 0.29
N ASN A 44 -0.53 -13.82 1.53
CA ASN A 44 0.04 -15.01 2.14
C ASN A 44 -0.49 -16.28 1.47
N LYS A 45 -1.75 -16.24 1.00
CA LYS A 45 -2.37 -17.38 0.34
C LYS A 45 -1.92 -17.48 -1.12
N LEU A 46 -1.65 -16.32 -1.73
CA LEU A 46 -1.22 -16.28 -3.13
C LEU A 46 0.28 -16.60 -3.27
N ASN A 47 0.99 -16.70 -2.14
CA ASN A 47 2.43 -16.99 -2.16
C ASN A 47 3.18 -15.97 -3.01
N VAL A 48 2.89 -14.69 -2.78
CA VAL A 48 3.54 -13.60 -3.52
C VAL A 48 3.97 -12.48 -2.58
N GLN A 49 4.34 -12.84 -1.34
CA GLN A 49 4.77 -11.86 -0.34
C GLN A 49 6.20 -11.37 -0.62
N ASP A 50 6.99 -12.19 -1.32
CA ASP A 50 8.37 -11.83 -1.65
C ASP A 50 8.42 -10.91 -2.87
N LYS A 51 7.60 -11.21 -3.87
CA LYS A 51 7.53 -10.41 -5.09
C LYS A 51 6.99 -9.01 -4.82
N VAL A 52 6.27 -8.85 -3.71
CA VAL A 52 5.69 -7.56 -3.32
C VAL A 52 6.28 -7.07 -2.01
N PHE A 53 6.11 -5.78 -1.71
CA PHE A 53 6.61 -5.21 -0.47
C PHE A 53 5.48 -4.56 0.32
N VAL A 54 5.15 -5.18 1.45
CA VAL A 54 4.09 -4.70 2.33
C VAL A 54 4.62 -4.37 3.72
N PHE A 55 4.22 -3.22 4.26
CA PHE A 55 4.66 -2.78 5.57
C PHE A 55 3.48 -2.31 6.41
N ASP A 56 3.38 -2.82 7.65
CA ASP A 56 2.30 -2.45 8.54
C ASP A 56 2.76 -1.42 9.57
N ILE A 57 1.83 -0.59 10.03
CA ILE A 57 2.12 0.44 11.01
C ILE A 57 1.24 0.27 12.27
N GLY A 58 0.82 1.38 12.87
CA GLY A 58 -0.02 1.32 14.06
C GLY A 58 0.75 1.61 15.34
N SER A 59 1.96 2.16 15.20
CA SER A 59 2.79 2.48 16.36
C SER A 59 3.67 3.70 16.09
N LEU A 60 3.16 4.65 15.31
CA LEU A 60 3.92 5.87 14.97
C LEU A 60 3.51 7.02 15.89
N PRO A 61 4.46 7.52 16.70
CA PRO A 61 4.24 8.63 17.64
C PRO A 61 3.85 9.92 16.92
N ARG A 62 3.80 11.03 17.68
CA ARG A 62 3.44 12.34 17.11
C ARG A 62 4.60 12.97 16.32
N ASN A 63 5.72 12.26 16.20
CA ASN A 63 6.87 12.75 15.45
C ASN A 63 7.01 12.02 14.12
N GLU A 64 6.77 10.70 14.15
CA GLU A 64 6.88 9.87 12.96
C GLU A 64 5.69 10.10 12.02
N GLN A 65 4.50 10.26 12.59
CA GLN A 65 3.28 10.48 11.80
C GLN A 65 3.37 11.76 10.97
N GLU A 66 3.97 12.81 11.54
CA GLU A 66 4.12 14.08 10.83
C GLU A 66 4.98 13.91 9.57
N LYS A 67 5.99 13.05 9.65
CA LYS A 67 6.89 12.81 8.51
C LYS A 67 6.14 12.18 7.34
N TRP A 68 5.43 11.08 7.60
CA TRP A 68 4.67 10.39 6.55
C TRP A 68 3.47 11.21 6.10
N ARG A 69 2.84 11.90 7.04
CA ARG A 69 1.66 12.72 6.74
C ARG A 69 1.96 13.73 5.63
N ILE A 70 3.10 14.42 5.73
CA ILE A 70 3.49 15.41 4.73
C ILE A 70 3.89 14.75 3.41
N ALA A 71 4.80 13.77 3.49
CA ALA A 71 5.29 13.07 2.30
C ALA A 71 4.13 12.45 1.50
N PHE A 72 3.31 11.63 2.16
CA PHE A 72 2.18 10.98 1.50
C PHE A 72 1.19 12.00 0.96
N GLN A 73 0.90 13.04 1.76
CA GLN A 73 -0.04 14.09 1.35
C GLN A 73 0.49 14.88 0.14
N LYS A 74 1.81 14.95 0.01
CA LYS A 74 2.44 15.67 -1.09
C LYS A 74 2.47 14.83 -2.37
N VAL A 75 2.54 13.50 -2.22
CA VAL A 75 2.59 12.60 -3.36
C VAL A 75 1.18 12.21 -3.83
N VAL A 76 0.32 11.81 -2.90
CA VAL A 76 -1.03 11.41 -3.24
C VAL A 76 -2.08 12.37 -2.67
N GLY A 77 -1.80 12.96 -1.50
CA GLY A 77 -2.73 13.88 -0.89
C GLY A 77 -3.87 13.15 -0.19
N SER A 78 -3.57 12.00 0.40
CA SER A 78 -4.58 11.19 1.09
C SER A 78 -3.97 10.50 2.31
N ARG A 79 -4.08 11.16 3.46
CA ARG A 79 -3.54 10.61 4.72
C ARG A 79 -4.61 9.83 5.47
N ASN A 80 -5.41 9.07 4.73
CA ASN A 80 -6.48 8.26 5.32
C ASN A 80 -6.18 6.78 5.14
N LEU A 81 -5.49 6.18 6.11
CA LEU A 81 -5.13 4.76 6.07
C LEU A 81 -6.38 3.88 6.14
N PRO A 82 -6.34 2.67 5.55
CA PRO A 82 -5.15 2.15 4.86
C PRO A 82 -4.98 2.74 3.46
N THR A 83 -3.82 2.48 2.84
CA THR A 83 -3.53 2.99 1.50
C THR A 83 -2.63 2.03 0.71
N ILE A 84 -3.01 1.78 -0.55
CA ILE A 84 -2.23 0.89 -1.41
C ILE A 84 -1.58 1.67 -2.56
N VAL A 85 -0.25 1.75 -2.53
CA VAL A 85 0.50 2.46 -3.56
C VAL A 85 1.13 1.47 -4.55
N VAL A 86 0.72 1.55 -5.80
CA VAL A 86 1.25 0.67 -6.85
C VAL A 86 1.80 1.48 -8.02
N ASN A 87 3.00 1.12 -8.46
CA ASN A 87 3.66 1.82 -9.57
C ASN A 87 3.94 3.28 -9.22
N GLY A 88 4.21 3.55 -7.95
CA GLY A 88 4.49 4.91 -7.50
C GLY A 88 3.30 5.82 -7.66
N LYS A 89 2.13 5.35 -7.24
CA LYS A 89 0.90 6.13 -7.32
C LYS A 89 -0.26 5.37 -6.68
N PHE A 90 -1.07 6.10 -5.92
CA PHE A 90 -2.22 5.51 -5.23
C PHE A 90 -3.18 4.88 -6.23
N TRP A 91 -3.14 3.56 -6.34
CA TRP A 91 -4.00 2.82 -7.26
C TRP A 91 -5.00 1.93 -6.51
N GLY A 92 -4.66 1.52 -5.29
CA GLY A 92 -5.54 0.66 -4.52
C GLY A 92 -6.16 1.36 -3.32
N THR A 93 -7.45 1.10 -3.10
CA THR A 93 -8.17 1.71 -1.97
C THR A 93 -8.73 0.62 -1.04
N GLU A 94 -9.45 1.06 -0.02
CA GLU A 94 -10.06 0.15 0.94
C GLU A 94 -11.22 -0.61 0.31
N SER A 95 -12.05 0.11 -0.44
CA SER A 95 -13.21 -0.49 -1.10
C SER A 95 -12.82 -1.40 -2.25
N GLN A 96 -11.71 -1.08 -2.93
CA GLN A 96 -11.25 -1.90 -4.06
C GLN A 96 -11.11 -3.37 -3.66
N LEU A 97 -10.70 -3.62 -2.42
CA LEU A 97 -10.53 -5.00 -1.93
C LEU A 97 -11.87 -5.74 -1.93
N HIS A 98 -12.88 -5.17 -1.28
CA HIS A 98 -14.20 -5.80 -1.21
C HIS A 98 -14.93 -5.71 -2.55
N ARG A 99 -14.71 -4.62 -3.29
CA ARG A 99 -15.35 -4.42 -4.58
C ARG A 99 -14.95 -5.51 -5.58
N PHE A 100 -13.67 -5.85 -5.59
CA PHE A 100 -13.16 -6.88 -6.49
C PHE A 100 -13.48 -8.28 -5.99
N GLU A 101 -13.29 -8.52 -4.69
CA GLU A 101 -13.58 -9.83 -4.10
C GLU A 101 -15.06 -10.18 -4.25
N ALA A 102 -15.92 -9.18 -4.02
CA ALA A 102 -17.37 -9.36 -4.13
C ALA A 102 -17.77 -9.94 -5.48
N LYS A 103 -17.17 -9.41 -6.55
CA LYS A 103 -17.47 -9.89 -7.90
C LYS A 103 -16.65 -11.12 -8.24
N GLY A 104 -15.39 -11.14 -7.80
CA GLY A 104 -14.52 -12.26 -8.05
C GLY A 104 -13.42 -11.95 -9.05
N THR A 105 -12.91 -10.71 -9.01
CA THR A 105 -11.84 -10.29 -9.92
C THR A 105 -10.54 -9.98 -9.16
N LEU A 106 -10.44 -10.47 -7.92
CA LEU A 106 -9.25 -10.23 -7.10
C LEU A 106 -8.02 -10.88 -7.74
N GLU A 107 -8.14 -12.17 -8.09
CA GLU A 107 -7.02 -12.90 -8.71
C GLU A 107 -6.73 -12.34 -10.11
N GLU A 108 -7.78 -11.97 -10.84
CA GLU A 108 -7.64 -11.43 -12.18
C GLU A 108 -6.87 -10.10 -12.16
N GLU A 109 -7.16 -9.27 -11.15
CA GLU A 109 -6.50 -7.98 -11.00
C GLU A 109 -4.99 -8.14 -10.88
N LEU A 110 -4.56 -9.05 -9.99
CA LEU A 110 -3.13 -9.31 -9.79
C LEU A 110 -2.46 -9.78 -11.09
N THR A 111 -3.23 -10.46 -11.93
CA THR A 111 -2.72 -10.96 -13.21
C THR A 111 -2.65 -9.82 -14.24
N LYS A 112 -3.61 -8.90 -14.17
CA LYS A 112 -3.65 -7.76 -15.10
C LYS A 112 -2.38 -6.91 -15.01
N ILE A 113 -1.96 -6.60 -13.79
CA ILE A 113 -0.76 -5.80 -13.56
C ILE A 113 0.50 -6.51 -14.05
N GLY A 114 0.45 -7.85 -14.06
CA GLY A 114 1.60 -8.63 -14.50
C GLY A 114 2.34 -9.27 -13.35
N LEU A 115 1.64 -9.50 -12.23
CA LEU A 115 2.25 -10.12 -11.05
C LEU A 115 2.46 -11.62 -11.30
N LEU A 116 1.43 -12.27 -11.83
CA LEU A 116 1.51 -13.70 -12.11
C LEU A 116 2.25 -13.96 -13.43
N PRO A 117 1.76 -13.43 -14.57
CA PRO A 117 2.40 -13.62 -15.87
C PRO A 117 3.64 -12.74 -16.04
N MET A 9 8.65 21.76 1.96
CA MET A 9 7.48 21.69 1.04
C MET A 9 7.89 21.29 -0.38
N SER A 10 8.97 20.51 -0.49
CA SER A 10 9.48 20.06 -1.78
C SER A 10 10.62 19.05 -1.58
N ALA A 11 11.58 19.44 -0.76
CA ALA A 11 12.74 18.59 -0.47
C ALA A 11 12.30 17.22 0.07
N PHE A 12 11.23 17.22 0.86
CA PHE A 12 10.71 15.98 1.44
C PHE A 12 9.81 15.25 0.44
N VAL A 13 9.03 16.01 -0.33
CA VAL A 13 8.12 15.43 -1.32
C VAL A 13 8.91 14.63 -2.37
N THR A 14 9.93 15.25 -2.95
CA THR A 14 10.77 14.58 -3.96
C THR A 14 11.43 13.34 -3.37
N LYS A 15 11.81 13.41 -2.09
CA LYS A 15 12.45 12.27 -1.42
C LYS A 15 11.57 11.03 -1.48
N ALA A 16 10.27 11.22 -1.26
CA ALA A 16 9.30 10.12 -1.30
C ALA A 16 9.24 9.52 -2.71
N GLU A 17 9.33 10.37 -3.73
CA GLU A 17 9.30 9.93 -5.11
C GLU A 17 10.49 9.02 -5.43
N GLU A 18 11.63 9.31 -4.83
CA GLU A 18 12.84 8.51 -5.04
C GLU A 18 12.66 7.10 -4.50
N MET A 19 11.99 6.99 -3.34
CA MET A 19 11.75 5.69 -2.72
C MET A 19 10.85 4.82 -3.59
N ILE A 20 9.78 5.42 -4.11
CA ILE A 20 8.84 4.70 -4.97
C ILE A 20 9.44 4.43 -6.35
N LYS A 21 10.54 5.12 -6.67
CA LYS A 21 11.20 4.94 -7.96
C LYS A 21 11.68 3.51 -8.13
N SER A 22 12.59 3.08 -7.25
CA SER A 22 13.12 1.72 -7.29
C SER A 22 12.17 0.74 -6.59
N HIS A 23 11.28 1.28 -5.76
CA HIS A 23 10.31 0.45 -5.04
C HIS A 23 8.88 0.90 -5.36
N PRO A 24 8.47 0.77 -6.63
CA PRO A 24 7.12 1.17 -7.07
C PRO A 24 6.02 0.33 -6.42
N TYR A 25 6.36 -0.88 -5.98
CA TYR A 25 5.40 -1.77 -5.34
C TYR A 25 5.45 -1.62 -3.82
N PHE A 26 4.95 -0.48 -3.33
CA PHE A 26 4.95 -0.20 -1.89
C PHE A 26 3.53 -0.14 -1.34
N GLN A 27 3.34 -0.70 -0.15
CA GLN A 27 2.03 -0.72 0.50
C GLN A 27 2.13 -0.17 1.93
N LEU A 28 1.19 0.71 2.28
CA LEU A 28 1.16 1.31 3.62
C LEU A 28 0.01 0.75 4.45
N SER A 29 0.33 0.28 5.65
CA SER A 29 -0.68 -0.29 6.55
C SER A 29 -0.79 0.52 7.84
N ALA A 30 -1.97 0.48 8.46
CA ALA A 30 -2.23 1.21 9.71
C ALA A 30 -1.48 0.62 10.90
N SER A 31 -1.46 -0.72 10.98
CA SER A 31 -0.78 -1.42 12.07
C SER A 31 -1.46 -1.15 13.42
N TRP A 32 -2.79 -1.00 13.38
CA TRP A 32 -3.57 -0.76 14.59
C TRP A 32 -5.05 -1.11 14.38
N CYS A 33 -5.58 -0.77 13.20
CA CYS A 33 -6.97 -1.07 12.88
C CYS A 33 -7.07 -2.34 12.05
N PRO A 34 -8.17 -3.11 12.22
CA PRO A 34 -8.40 -4.37 11.48
C PRO A 34 -8.34 -4.17 9.97
N ASP A 35 -8.52 -2.92 9.51
CA ASP A 35 -8.49 -2.60 8.10
C ASP A 35 -7.23 -3.13 7.44
N CYS A 36 -6.10 -3.03 8.14
CA CYS A 36 -4.82 -3.51 7.62
C CYS A 36 -4.74 -5.03 7.68
N VAL A 37 -5.30 -5.61 8.74
CA VAL A 37 -5.29 -7.06 8.92
C VAL A 37 -6.01 -7.77 7.77
N TYR A 38 -7.07 -7.16 7.24
CA TYR A 38 -7.83 -7.73 6.14
C TYR A 38 -6.92 -7.98 4.93
N ALA A 39 -6.21 -6.93 4.50
CA ALA A 39 -5.31 -7.03 3.35
C ALA A 39 -4.20 -8.04 3.60
N ASN A 40 -3.74 -8.14 4.85
CA ASN A 40 -2.68 -9.07 5.21
C ASN A 40 -3.20 -10.51 5.25
N SER A 41 -4.49 -10.66 5.56
CA SER A 41 -5.10 -11.98 5.63
C SER A 41 -5.12 -12.65 4.26
N ILE A 42 -5.59 -11.92 3.25
CA ILE A 42 -5.64 -12.44 1.88
C ILE A 42 -4.24 -12.70 1.34
N TRP A 43 -3.31 -11.79 1.63
CA TRP A 43 -1.93 -11.92 1.18
C TRP A 43 -1.25 -13.11 1.85
N ASN A 44 -1.57 -13.34 3.12
CA ASN A 44 -0.99 -14.46 3.88
C ASN A 44 -1.38 -15.80 3.26
N LYS A 45 -2.61 -15.89 2.75
CA LYS A 45 -3.11 -17.12 2.13
C LYS A 45 -2.68 -17.20 0.66
N LEU A 46 -2.54 -16.05 0.00
CA LEU A 46 -2.15 -16.03 -1.41
C LEU A 46 -0.63 -16.19 -1.59
N ASN A 47 0.12 -16.16 -0.49
CA ASN A 47 1.58 -16.31 -0.55
C ASN A 47 2.18 -15.40 -1.63
N VAL A 48 1.73 -14.14 -1.67
CA VAL A 48 2.22 -13.18 -2.65
C VAL A 48 2.88 -11.97 -1.95
N GLN A 49 3.60 -12.24 -0.86
CA GLN A 49 4.27 -11.18 -0.10
C GLN A 49 5.76 -11.12 -0.46
N ASP A 50 6.08 -11.47 -1.72
CA ASP A 50 7.46 -11.44 -2.20
C ASP A 50 7.61 -10.50 -3.38
N LYS A 51 6.73 -10.64 -4.37
CA LYS A 51 6.74 -9.79 -5.56
C LYS A 51 6.49 -8.33 -5.20
N VAL A 52 5.80 -8.08 -4.08
CA VAL A 52 5.50 -6.74 -3.63
C VAL A 52 6.15 -6.47 -2.26
N PHE A 53 6.43 -5.21 -1.96
CA PHE A 53 7.03 -4.84 -0.69
C PHE A 53 6.08 -3.96 0.12
N VAL A 54 5.57 -4.51 1.21
CA VAL A 54 4.64 -3.81 2.08
C VAL A 54 5.31 -3.42 3.40
N PHE A 55 4.97 -2.22 3.90
CA PHE A 55 5.54 -1.72 5.15
C PHE A 55 4.43 -1.32 6.12
N ASP A 56 4.47 -1.88 7.32
CA ASP A 56 3.47 -1.59 8.35
C ASP A 56 3.89 -0.42 9.23
N ILE A 57 3.01 0.58 9.34
CA ILE A 57 3.28 1.76 10.17
C ILE A 57 3.04 1.46 11.64
N GLY A 58 3.79 0.49 12.16
CA GLY A 58 3.66 0.11 13.56
C GLY A 58 5.00 0.02 14.28
N SER A 59 6.03 0.64 13.70
CA SER A 59 7.37 0.63 14.30
C SER A 59 7.97 2.04 14.38
N LEU A 60 7.15 3.06 14.11
CA LEU A 60 7.60 4.45 14.15
C LEU A 60 7.01 5.19 15.35
N PRO A 61 7.86 5.91 16.12
CA PRO A 61 7.42 6.68 17.30
C PRO A 61 6.55 7.88 16.91
N ARG A 62 6.22 8.72 17.89
CA ARG A 62 5.40 9.90 17.64
C ARG A 62 6.18 11.03 16.94
N ASN A 63 7.43 10.75 16.55
CA ASN A 63 8.26 11.74 15.87
C ASN A 63 8.50 11.34 14.41
N GLU A 64 8.81 10.06 14.20
CA GLU A 64 9.06 9.56 12.85
C GLU A 64 7.75 9.26 12.12
N GLN A 65 6.80 8.64 12.82
CA GLN A 65 5.50 8.30 12.23
C GLN A 65 4.77 9.56 11.72
N GLU A 66 4.97 10.69 12.41
CA GLU A 66 4.32 11.94 12.01
C GLU A 66 4.86 12.44 10.67
N LYS A 67 6.17 12.65 10.60
CA LYS A 67 6.79 13.13 9.36
C LYS A 67 6.53 12.18 8.20
N TRP A 68 6.41 10.88 8.51
CA TRP A 68 6.15 9.87 7.47
C TRP A 68 4.71 9.96 6.97
N ARG A 69 3.74 9.89 7.89
CA ARG A 69 2.32 9.95 7.51
C ARG A 69 2.02 11.18 6.66
N ILE A 70 2.59 12.33 7.02
CA ILE A 70 2.35 13.56 6.28
C ILE A 70 2.87 13.44 4.84
N ALA A 71 4.16 13.13 4.69
CA ALA A 71 4.78 13.00 3.38
C ALA A 71 4.08 11.93 2.54
N PHE A 72 3.82 10.77 3.14
CA PHE A 72 3.16 9.67 2.43
C PHE A 72 1.74 10.03 2.02
N GLN A 73 0.94 10.52 2.98
CA GLN A 73 -0.45 10.90 2.70
C GLN A 73 -0.53 11.98 1.62
N LYS A 74 0.53 12.78 1.47
CA LYS A 74 0.57 13.84 0.47
C LYS A 74 0.95 13.29 -0.90
N VAL A 75 1.77 12.24 -0.92
CA VAL A 75 2.22 11.64 -2.19
C VAL A 75 1.22 10.62 -2.73
N VAL A 76 0.78 9.70 -1.88
CA VAL A 76 -0.18 8.67 -2.31
C VAL A 76 -1.12 8.23 -1.19
N GLY A 77 -0.62 8.17 0.05
CA GLY A 77 -1.43 7.76 1.18
C GLY A 77 -2.79 8.43 1.23
N SER A 78 -2.85 9.70 0.81
CA SER A 78 -4.11 10.45 0.82
C SER A 78 -4.67 10.59 2.23
N ARG A 79 -5.93 11.00 2.33
CA ARG A 79 -6.59 11.16 3.62
C ARG A 79 -7.39 9.91 3.99
N ASN A 80 -6.82 8.73 3.70
CA ASN A 80 -7.47 7.46 3.99
C ASN A 80 -6.46 6.31 4.02
N LEU A 81 -6.49 5.50 5.07
CA LEU A 81 -5.58 4.37 5.21
C LEU A 81 -6.34 3.10 5.59
N PRO A 82 -5.81 1.91 5.23
CA PRO A 82 -4.54 1.77 4.51
C PRO A 82 -4.66 2.14 3.02
N THR A 83 -3.54 2.07 2.30
CA THR A 83 -3.51 2.40 0.88
C THR A 83 -2.54 1.49 0.10
N ILE A 84 -2.79 1.35 -1.21
CA ILE A 84 -1.94 0.51 -2.06
C ILE A 84 -1.29 1.34 -3.17
N VAL A 85 0.04 1.45 -3.12
CA VAL A 85 0.80 2.19 -4.13
C VAL A 85 1.44 1.25 -5.14
N VAL A 86 1.05 1.41 -6.41
CA VAL A 86 1.58 0.57 -7.49
C VAL A 86 2.18 1.43 -8.60
N ASN A 87 3.39 1.07 -9.02
CA ASN A 87 4.09 1.81 -10.08
C ASN A 87 4.37 3.25 -9.66
N GLY A 88 4.58 3.46 -8.35
CA GLY A 88 4.85 4.80 -7.84
C GLY A 88 3.68 5.74 -8.01
N LYS A 89 2.48 5.26 -7.70
CA LYS A 89 1.27 6.06 -7.82
C LYS A 89 0.08 5.31 -7.23
N PHE A 90 -0.76 6.04 -6.50
CA PHE A 90 -1.94 5.47 -5.87
C PHE A 90 -2.86 4.82 -6.90
N TRP A 91 -2.90 3.49 -6.90
CA TRP A 91 -3.72 2.75 -7.86
C TRP A 91 -4.60 1.69 -7.17
N GLY A 92 -4.58 1.65 -5.83
CA GLY A 92 -5.39 0.69 -5.11
C GLY A 92 -5.89 1.21 -3.79
N THR A 93 -7.14 0.88 -3.46
CA THR A 93 -7.76 1.32 -2.20
C THR A 93 -8.39 0.15 -1.47
N GLU A 94 -8.94 0.42 -0.29
CA GLU A 94 -9.59 -0.61 0.52
C GLU A 94 -10.85 -1.13 -0.18
N SER A 95 -11.66 -0.19 -0.71
CA SER A 95 -12.90 -0.55 -1.41
C SER A 95 -12.61 -1.39 -2.64
N GLN A 96 -11.52 -1.07 -3.35
CA GLN A 96 -11.14 -1.81 -4.55
C GLN A 96 -11.00 -3.30 -4.26
N LEU A 97 -10.51 -3.64 -3.07
CA LEU A 97 -10.33 -5.03 -2.67
C LEU A 97 -11.68 -5.74 -2.55
N HIS A 98 -12.59 -5.16 -1.77
CA HIS A 98 -13.91 -5.73 -1.58
C HIS A 98 -14.72 -5.72 -2.88
N ARG A 99 -14.53 -4.67 -3.69
CA ARG A 99 -15.24 -4.55 -4.95
C ARG A 99 -14.76 -5.59 -5.98
N PHE A 100 -13.45 -5.81 -6.03
CA PHE A 100 -12.88 -6.77 -6.98
C PHE A 100 -13.09 -8.21 -6.51
N GLU A 101 -12.82 -8.47 -5.22
CA GLU A 101 -12.98 -9.81 -4.65
C GLU A 101 -14.44 -10.26 -4.73
N ALA A 102 -15.35 -9.36 -4.40
CA ALA A 102 -16.78 -9.65 -4.43
C ALA A 102 -17.25 -10.00 -5.85
N LYS A 103 -16.79 -9.22 -6.83
CA LYS A 103 -17.16 -9.45 -8.22
C LYS A 103 -16.44 -10.69 -8.79
N GLY A 104 -15.27 -11.00 -8.25
CA GLY A 104 -14.50 -12.13 -8.72
C GLY A 104 -13.51 -11.77 -9.82
N THR A 105 -13.05 -10.51 -9.81
CA THR A 105 -12.09 -10.02 -10.81
C THR A 105 -10.74 -9.67 -10.18
N LEU A 106 -10.52 -10.09 -8.94
CA LEU A 106 -9.26 -9.81 -8.23
C LEU A 106 -8.11 -10.62 -8.84
N GLU A 107 -8.31 -11.94 -8.97
CA GLU A 107 -7.29 -12.82 -9.53
C GLU A 107 -6.97 -12.45 -10.98
N GLU A 108 -8.01 -12.19 -11.78
CA GLU A 108 -7.83 -11.84 -13.19
C GLU A 108 -7.06 -10.53 -13.32
N GLU A 109 -7.50 -9.50 -12.61
CA GLU A 109 -6.84 -8.19 -12.66
C GLU A 109 -5.40 -8.28 -12.13
N LEU A 110 -5.20 -9.09 -11.10
CA LEU A 110 -3.87 -9.27 -10.50
C LEU A 110 -2.85 -9.72 -11.55
N THR A 111 -3.23 -10.70 -12.38
CA THR A 111 -2.35 -11.20 -13.43
C THR A 111 -2.08 -10.11 -14.48
N LYS A 112 -3.05 -9.23 -14.70
CA LYS A 112 -2.91 -8.14 -15.66
C LYS A 112 -1.79 -7.18 -15.25
N ILE A 113 -1.58 -7.06 -13.93
CA ILE A 113 -0.53 -6.18 -13.40
C ILE A 113 0.84 -6.87 -13.40
N GLY A 114 0.84 -8.20 -13.29
CA GLY A 114 2.09 -8.94 -13.27
C GLY A 114 2.41 -9.51 -11.89
N LEU A 115 1.39 -9.66 -11.05
CA LEU A 115 1.59 -10.19 -9.70
C LEU A 115 1.35 -11.71 -9.67
N LEU A 116 0.26 -12.15 -10.31
CA LEU A 116 -0.09 -13.57 -10.38
C LEU A 116 0.48 -14.20 -11.65
N PRO A 117 0.61 -15.55 -11.68
CA PRO A 117 1.14 -16.27 -12.84
C PRO A 117 0.19 -16.20 -14.04
N MET A 9 8.20 21.45 0.56
CA MET A 9 7.18 20.49 0.04
C MET A 9 7.82 19.38 -0.79
N SER A 10 8.47 19.78 -1.88
CA SER A 10 9.14 18.83 -2.77
C SER A 10 10.23 18.04 -2.03
N ALA A 11 10.83 18.65 -1.00
CA ALA A 11 11.88 18.00 -0.21
C ALA A 11 11.50 16.57 0.17
N PHE A 12 10.21 16.36 0.48
CA PHE A 12 9.72 15.05 0.86
C PHE A 12 9.24 14.27 -0.35
N VAL A 13 8.58 14.96 -1.28
CA VAL A 13 8.07 14.33 -2.49
C VAL A 13 9.20 13.66 -3.28
N THR A 14 10.32 14.38 -3.43
CA THR A 14 11.48 13.84 -4.14
C THR A 14 12.02 12.60 -3.45
N LYS A 15 12.13 12.66 -2.12
CA LYS A 15 12.63 11.54 -1.33
C LYS A 15 11.71 10.33 -1.47
N ALA A 16 10.41 10.56 -1.32
CA ALA A 16 9.42 9.49 -1.44
C ALA A 16 9.40 8.92 -2.85
N GLU A 17 9.62 9.78 -3.85
CA GLU A 17 9.65 9.37 -5.24
C GLU A 17 10.81 8.42 -5.52
N GLU A 18 11.94 8.63 -4.82
CA GLU A 18 13.12 7.79 -4.99
C GLU A 18 12.85 6.38 -4.47
N MET A 19 12.13 6.28 -3.36
CA MET A 19 11.80 4.98 -2.76
C MET A 19 10.92 4.15 -3.68
N ILE A 20 9.89 4.79 -4.26
CA ILE A 20 8.98 4.12 -5.17
C ILE A 20 9.64 3.83 -6.51
N LYS A 21 10.79 4.47 -6.77
CA LYS A 21 11.50 4.26 -8.02
C LYS A 21 11.94 2.81 -8.17
N SER A 22 12.82 2.36 -7.27
CA SER A 22 13.32 0.99 -7.30
C SER A 22 12.37 0.05 -6.56
N HIS A 23 11.60 0.61 -5.62
CA HIS A 23 10.65 -0.18 -4.85
C HIS A 23 9.23 0.36 -5.04
N PRO A 24 8.69 0.24 -6.27
CA PRO A 24 7.34 0.71 -6.59
C PRO A 24 6.25 -0.14 -5.93
N TYR A 25 6.59 -1.36 -5.54
CA TYR A 25 5.64 -2.26 -4.90
C TYR A 25 5.68 -2.08 -3.37
N PHE A 26 5.12 -0.96 -2.91
CA PHE A 26 5.09 -0.66 -1.48
C PHE A 26 3.69 -0.84 -0.90
N GLN A 27 3.62 -1.44 0.29
CA GLN A 27 2.35 -1.69 0.96
C GLN A 27 2.40 -1.23 2.41
N LEU A 28 1.80 -0.07 2.69
CA LEU A 28 1.78 0.48 4.04
C LEU A 28 0.72 -0.20 4.91
N SER A 29 1.16 -0.80 6.02
CA SER A 29 0.25 -1.49 6.93
C SER A 29 0.30 -0.87 8.33
N ALA A 30 -0.83 -0.95 9.05
CA ALA A 30 -0.92 -0.39 10.41
C ALA A 30 -1.11 -1.49 11.45
N SER A 31 -1.89 -2.52 11.09
CA SER A 31 -2.16 -3.64 11.99
C SER A 31 -3.01 -3.20 13.20
N TRP A 32 -3.59 -2.01 13.12
CA TRP A 32 -4.42 -1.48 14.20
C TRP A 32 -5.89 -1.49 13.81
N CYS A 33 -6.17 -1.27 12.53
CA CYS A 33 -7.53 -1.26 12.01
C CYS A 33 -7.88 -2.60 11.35
N PRO A 34 -9.19 -2.95 11.28
CA PRO A 34 -9.64 -4.20 10.67
C PRO A 34 -9.44 -4.23 9.15
N ASP A 35 -9.12 -3.08 8.56
CA ASP A 35 -8.90 -2.98 7.11
C ASP A 35 -7.54 -3.57 6.72
N CYS A 36 -6.57 -3.48 7.64
CA CYS A 36 -5.23 -4.00 7.38
C CYS A 36 -5.19 -5.52 7.53
N VAL A 37 -5.72 -6.01 8.67
CA VAL A 37 -5.74 -7.46 8.93
C VAL A 37 -6.33 -8.24 7.76
N TYR A 38 -7.34 -7.65 7.10
CA TYR A 38 -7.99 -8.28 5.95
C TYR A 38 -7.06 -8.26 4.74
N ALA A 39 -6.40 -7.11 4.52
CA ALA A 39 -5.48 -6.94 3.39
C ALA A 39 -4.35 -7.98 3.42
N ASN A 40 -3.89 -8.31 4.62
CA ASN A 40 -2.82 -9.29 4.79
C ASN A 40 -3.35 -10.70 4.56
N SER A 41 -4.62 -10.93 4.91
CA SER A 41 -5.25 -12.21 4.74
C SER A 41 -5.27 -12.61 3.26
N ILE A 42 -5.61 -11.65 2.39
CA ILE A 42 -5.66 -11.90 0.96
C ILE A 42 -4.28 -12.21 0.40
N TRP A 43 -3.29 -11.41 0.81
CA TRP A 43 -1.91 -11.60 0.35
C TRP A 43 -1.34 -12.93 0.84
N ASN A 44 -1.73 -13.33 2.05
CA ASN A 44 -1.27 -14.59 2.64
C ASN A 44 -1.82 -15.79 1.87
N LYS A 45 -3.04 -15.64 1.36
CA LYS A 45 -3.68 -16.72 0.59
C LYS A 45 -3.21 -16.73 -0.86
N LEU A 46 -2.90 -15.54 -1.39
CA LEU A 46 -2.43 -15.42 -2.77
C LEU A 46 -0.94 -15.72 -2.89
N ASN A 47 -0.25 -15.87 -1.75
CA ASN A 47 1.18 -16.16 -1.74
C ASN A 47 1.95 -15.16 -2.62
N VAL A 48 1.68 -13.87 -2.40
CA VAL A 48 2.34 -12.81 -3.16
C VAL A 48 2.99 -11.79 -2.23
N GLN A 49 3.49 -12.26 -1.09
CA GLN A 49 4.14 -11.39 -0.10
C GLN A 49 5.61 -11.15 -0.46
N ASP A 50 6.23 -12.12 -1.14
CA ASP A 50 7.62 -12.01 -1.54
C ASP A 50 7.78 -11.11 -2.76
N LYS A 51 6.89 -11.27 -3.73
CA LYS A 51 6.93 -10.46 -4.96
C LYS A 51 6.66 -8.98 -4.67
N VAL A 52 6.00 -8.71 -3.54
CA VAL A 52 5.69 -7.34 -3.14
C VAL A 52 6.54 -6.94 -1.93
N PHE A 53 6.63 -5.64 -1.66
CA PHE A 53 7.39 -5.15 -0.52
C PHE A 53 6.48 -4.38 0.41
N VAL A 54 6.25 -4.96 1.59
CA VAL A 54 5.40 -4.36 2.60
C VAL A 54 6.20 -3.52 3.60
N PHE A 55 5.60 -2.43 4.07
CA PHE A 55 6.25 -1.53 5.01
C PHE A 55 5.32 -1.24 6.19
N ASP A 56 5.50 -1.97 7.29
CA ASP A 56 4.69 -1.78 8.48
C ASP A 56 5.17 -0.57 9.28
N ILE A 57 4.22 0.15 9.88
CA ILE A 57 4.54 1.33 10.67
C ILE A 57 4.56 1.03 12.17
N GLY A 58 5.49 0.17 12.58
CA GLY A 58 5.60 -0.20 13.97
C GLY A 58 6.86 0.34 14.64
N SER A 59 7.94 0.48 13.87
CA SER A 59 9.21 0.99 14.41
C SER A 59 9.37 2.48 14.14
N LEU A 60 8.25 3.23 14.23
CA LEU A 60 8.27 4.67 14.01
C LEU A 60 7.27 5.37 14.92
N PRO A 61 7.76 6.25 15.83
CA PRO A 61 6.91 7.00 16.76
C PRO A 61 5.95 7.95 16.04
N ARG A 62 5.18 8.72 16.82
CA ARG A 62 4.21 9.67 16.26
C ARG A 62 4.89 10.67 15.33
N ASN A 63 6.14 11.01 15.63
CA ASN A 63 6.91 11.96 14.82
C ASN A 63 6.96 11.52 13.36
N GLU A 64 7.15 10.23 13.12
CA GLU A 64 7.21 9.69 11.77
C GLU A 64 5.80 9.57 11.18
N GLN A 65 4.83 9.27 12.04
CA GLN A 65 3.44 9.12 11.62
C GLN A 65 2.96 10.35 10.85
N GLU A 66 3.18 11.54 11.43
CA GLU A 66 2.77 12.79 10.79
C GLU A 66 3.52 13.00 9.48
N LYS A 67 4.82 12.71 9.48
CA LYS A 67 5.66 12.86 8.29
C LYS A 67 5.12 12.03 7.13
N TRP A 68 4.63 10.83 7.44
CA TRP A 68 4.08 9.94 6.42
C TRP A 68 2.73 10.42 5.93
N ARG A 69 1.86 10.83 6.87
CA ARG A 69 0.52 11.31 6.52
C ARG A 69 0.59 12.48 5.53
N ILE A 70 1.57 13.37 5.71
CA ILE A 70 1.73 14.52 4.82
C ILE A 70 2.20 14.08 3.44
N ALA A 71 3.30 13.31 3.40
CA ALA A 71 3.86 12.83 2.14
C ALA A 71 2.82 12.04 1.34
N PHE A 72 2.24 11.02 1.97
CA PHE A 72 1.23 10.18 1.32
C PHE A 72 0.06 11.02 0.80
N GLN A 73 -0.30 12.08 1.53
CA GLN A 73 -1.40 12.95 1.12
C GLN A 73 -1.05 13.72 -0.15
N LYS A 74 0.22 14.12 -0.29
CA LYS A 74 0.67 14.85 -1.46
C LYS A 74 0.96 13.91 -2.63
N VAL A 75 1.36 12.68 -2.32
CA VAL A 75 1.68 11.70 -3.35
C VAL A 75 0.42 11.04 -3.91
N VAL A 76 -0.47 10.61 -3.02
CA VAL A 76 -1.72 9.98 -3.44
C VAL A 76 -2.96 10.69 -2.89
N GLY A 77 -2.89 11.14 -1.64
CA GLY A 77 -4.01 11.82 -1.03
C GLY A 77 -4.86 10.92 -0.16
N SER A 78 -4.19 10.06 0.63
CA SER A 78 -4.89 9.14 1.51
C SER A 78 -4.46 9.36 2.96
N ARG A 79 -5.36 9.92 3.76
CA ARG A 79 -5.08 10.19 5.16
C ARG A 79 -5.60 9.05 6.06
N ASN A 80 -5.47 7.82 5.57
CA ASN A 80 -5.92 6.64 6.32
C ASN A 80 -5.12 5.40 5.93
N LEU A 81 -5.14 4.38 6.79
CA LEU A 81 -4.42 3.13 6.53
C LEU A 81 -5.37 1.93 6.55
N PRO A 82 -5.00 0.82 5.87
CA PRO A 82 -3.73 0.70 5.12
C PRO A 82 -3.77 1.41 3.77
N THR A 83 -2.63 1.39 3.07
CA THR A 83 -2.52 2.03 1.75
C THR A 83 -1.59 1.24 0.84
N ILE A 84 -2.14 0.73 -0.27
CA ILE A 84 -1.36 -0.05 -1.24
C ILE A 84 -1.04 0.79 -2.47
N VAL A 85 0.26 1.03 -2.70
CA VAL A 85 0.70 1.81 -3.85
C VAL A 85 1.55 0.97 -4.81
N VAL A 86 1.15 0.97 -6.08
CA VAL A 86 1.88 0.21 -7.11
C VAL A 86 2.39 1.14 -8.21
N ASN A 87 3.67 1.02 -8.53
CA ASN A 87 4.30 1.85 -9.57
C ASN A 87 4.20 3.33 -9.21
N GLY A 88 4.28 3.64 -7.91
CA GLY A 88 4.19 5.02 -7.46
C GLY A 88 2.81 5.62 -7.67
N LYS A 89 1.77 4.77 -7.59
CA LYS A 89 0.40 5.22 -7.76
C LYS A 89 -0.54 4.34 -6.94
N PHE A 90 -1.44 4.98 -6.22
CA PHE A 90 -2.42 4.29 -5.38
C PHE A 90 -3.29 3.35 -6.21
N TRP A 91 -2.99 2.06 -6.14
CA TRP A 91 -3.75 1.04 -6.87
C TRP A 91 -4.64 0.22 -5.96
N GLY A 92 -4.31 0.16 -4.66
CA GLY A 92 -5.12 -0.61 -3.73
C GLY A 92 -5.51 0.19 -2.50
N THR A 93 -6.76 0.01 -2.05
CA THR A 93 -7.27 0.71 -0.88
C THR A 93 -7.80 -0.26 0.17
N GLU A 94 -8.26 0.29 1.30
CA GLU A 94 -8.81 -0.53 2.39
C GLU A 94 -10.14 -1.17 1.99
N SER A 95 -10.96 -0.43 1.24
CA SER A 95 -12.26 -0.92 0.79
C SER A 95 -12.21 -1.46 -0.64
N GLN A 96 -11.21 -1.02 -1.42
CA GLN A 96 -11.09 -1.47 -2.81
C GLN A 96 -10.97 -3.00 -2.90
N LEU A 97 -10.38 -3.61 -1.89
CA LEU A 97 -10.21 -5.07 -1.86
C LEU A 97 -11.57 -5.78 -1.89
N HIS A 98 -12.51 -5.27 -1.10
CA HIS A 98 -13.85 -5.85 -1.04
C HIS A 98 -14.59 -5.72 -2.37
N ARG A 99 -14.67 -4.50 -2.90
CA ARG A 99 -15.36 -4.24 -4.16
C ARG A 99 -14.73 -5.03 -5.32
N PHE A 100 -13.40 -5.09 -5.34
CA PHE A 100 -12.69 -5.82 -6.40
C PHE A 100 -12.98 -7.31 -6.32
N GLU A 101 -12.98 -7.85 -5.10
CA GLU A 101 -13.25 -9.27 -4.89
C GLU A 101 -14.67 -9.62 -5.34
N ALA A 102 -15.61 -8.73 -5.04
CA ALA A 102 -17.01 -8.92 -5.42
C ALA A 102 -17.18 -8.87 -6.94
N LYS A 103 -16.45 -7.96 -7.59
CA LYS A 103 -16.52 -7.82 -9.04
C LYS A 103 -15.78 -8.96 -9.74
N GLY A 104 -14.78 -9.53 -9.07
CA GLY A 104 -14.01 -10.61 -9.65
C GLY A 104 -12.81 -10.11 -10.44
N THR A 105 -12.34 -8.92 -10.12
CA THR A 105 -11.19 -8.33 -10.81
C THR A 105 -10.00 -8.13 -9.87
N LEU A 106 -10.07 -8.69 -8.67
CA LEU A 106 -8.98 -8.57 -7.70
C LEU A 106 -7.74 -9.31 -8.20
N GLU A 107 -7.92 -10.58 -8.55
CA GLU A 107 -6.81 -11.40 -9.06
C GLU A 107 -6.33 -10.90 -10.42
N GLU A 108 -7.27 -10.66 -11.33
CA GLU A 108 -6.94 -10.18 -12.68
C GLU A 108 -6.06 -8.93 -12.61
N GLU A 109 -6.51 -7.93 -11.86
CA GLU A 109 -5.74 -6.69 -11.72
C GLU A 109 -4.34 -6.97 -11.19
N LEU A 110 -4.24 -7.88 -10.22
CA LEU A 110 -2.95 -8.25 -9.63
C LEU A 110 -2.03 -8.89 -10.67
N THR A 111 -2.61 -9.71 -11.55
CA THR A 111 -1.82 -10.37 -12.60
C THR A 111 -1.43 -9.37 -13.69
N LYS A 112 -2.32 -8.42 -13.98
CA LYS A 112 -2.08 -7.40 -15.01
C LYS A 112 -0.95 -6.47 -14.58
N ILE A 113 -0.98 -6.00 -13.33
CA ILE A 113 0.05 -5.10 -12.82
C ILE A 113 1.43 -5.78 -12.76
N GLY A 114 1.43 -7.10 -12.60
CA GLY A 114 2.67 -7.85 -12.53
C GLY A 114 2.99 -8.32 -11.11
N LEU A 115 1.97 -8.43 -10.28
CA LEU A 115 2.15 -8.87 -8.89
C LEU A 115 1.88 -10.38 -8.77
N LEU A 116 0.80 -10.83 -9.38
CA LEU A 116 0.43 -12.24 -9.34
C LEU A 116 1.07 -13.00 -10.51
N PRO A 117 1.59 -14.22 -10.24
CA PRO A 117 2.22 -15.05 -11.27
C PRO A 117 1.21 -15.67 -12.24
N MET A 9 7.47 17.35 5.32
CA MET A 9 8.68 18.01 4.75
C MET A 9 9.05 17.41 3.40
N SER A 10 9.52 18.25 2.48
CA SER A 10 9.91 17.81 1.14
C SER A 10 10.98 16.72 1.22
N ALA A 11 11.87 16.82 2.22
CA ALA A 11 12.94 15.85 2.41
C ALA A 11 12.39 14.41 2.43
N PHE A 12 11.20 14.24 3.00
CA PHE A 12 10.57 12.92 3.07
C PHE A 12 9.78 12.63 1.79
N VAL A 13 9.13 13.66 1.25
CA VAL A 13 8.33 13.51 0.03
C VAL A 13 9.20 13.05 -1.15
N THR A 14 10.33 13.72 -1.35
CA THR A 14 11.25 13.37 -2.43
C THR A 14 11.75 11.93 -2.27
N LYS A 15 12.07 11.53 -1.04
CA LYS A 15 12.55 10.18 -0.76
C LYS A 15 11.51 9.14 -1.17
N ALA A 16 10.22 9.47 -0.99
CA ALA A 16 9.13 8.57 -1.36
C ALA A 16 9.15 8.28 -2.85
N GLU A 17 9.38 9.33 -3.66
CA GLU A 17 9.43 9.19 -5.11
C GLU A 17 10.55 8.23 -5.54
N GLU A 18 11.65 8.23 -4.79
CA GLU A 18 12.78 7.37 -5.09
C GLU A 18 12.45 5.91 -4.73
N MET A 19 11.67 5.72 -3.67
CA MET A 19 11.29 4.38 -3.23
C MET A 19 10.34 3.74 -4.24
N ILE A 20 9.34 4.49 -4.68
CA ILE A 20 8.37 3.98 -5.64
C ILE A 20 8.99 3.85 -7.04
N LYS A 21 10.14 4.52 -7.25
CA LYS A 21 10.82 4.46 -8.54
C LYS A 21 11.25 3.04 -8.88
N SER A 22 12.16 2.49 -8.06
CA SER A 22 12.66 1.12 -8.27
C SER A 22 11.75 0.11 -7.59
N HIS A 23 11.07 0.54 -6.52
CA HIS A 23 10.16 -0.32 -5.78
C HIS A 23 8.74 0.24 -5.80
N PRO A 24 8.11 0.29 -6.99
CA PRO A 24 6.75 0.82 -7.15
C PRO A 24 5.68 -0.06 -6.49
N TYR A 25 6.04 -1.31 -6.19
CA TYR A 25 5.11 -2.24 -5.56
C TYR A 25 5.22 -2.15 -4.03
N PHE A 26 4.77 -1.01 -3.49
CA PHE A 26 4.82 -0.79 -2.05
C PHE A 26 3.42 -0.74 -1.44
N GLN A 27 3.24 -1.41 -0.31
CA GLN A 27 1.96 -1.45 0.38
C GLN A 27 2.13 -1.07 1.86
N LEU A 28 1.58 0.08 2.23
CA LEU A 28 1.68 0.55 3.61
C LEU A 28 0.53 0.02 4.46
N SER A 29 0.87 -0.77 5.49
CA SER A 29 -0.13 -1.35 6.37
C SER A 29 0.34 -1.32 7.83
N ALA A 30 -0.58 -1.61 8.75
CA ALA A 30 -0.27 -1.61 10.19
C ALA A 30 -0.58 -2.96 10.82
N SER A 31 0.03 -3.23 11.97
CA SER A 31 -0.18 -4.48 12.69
C SER A 31 -1.13 -4.28 13.89
N TRP A 32 -1.93 -3.22 13.86
CA TRP A 32 -2.87 -2.93 14.95
C TRP A 32 -4.07 -2.13 14.45
N CYS A 33 -4.47 -2.36 13.20
CA CYS A 33 -5.63 -1.66 12.62
C CYS A 33 -6.75 -2.64 12.31
N PRO A 34 -8.02 -2.20 12.47
CA PRO A 34 -9.19 -3.04 12.20
C PRO A 34 -9.39 -3.31 10.71
N ASP A 35 -8.94 -2.37 9.87
CA ASP A 35 -9.08 -2.50 8.42
C ASP A 35 -7.73 -2.72 7.73
N CYS A 36 -6.75 -3.21 8.48
CA CYS A 36 -5.41 -3.47 7.92
C CYS A 36 -5.09 -4.96 7.93
N VAL A 37 -5.43 -5.64 9.02
CA VAL A 37 -5.19 -7.08 9.15
C VAL A 37 -5.83 -7.86 7.99
N TYR A 38 -6.96 -7.36 7.50
CA TYR A 38 -7.67 -8.02 6.39
C TYR A 38 -6.84 -7.97 5.11
N ALA A 39 -6.38 -6.78 4.74
CA ALA A 39 -5.58 -6.61 3.53
C ALA A 39 -4.32 -7.48 3.56
N ASN A 40 -3.68 -7.55 4.73
CA ASN A 40 -2.47 -8.36 4.88
C ASN A 40 -2.80 -9.85 4.93
N SER A 41 -3.99 -10.16 5.46
CA SER A 41 -4.44 -11.54 5.58
C SER A 41 -4.54 -12.20 4.20
N ILE A 42 -5.18 -11.51 3.26
CA ILE A 42 -5.34 -12.02 1.91
C ILE A 42 -3.99 -12.21 1.22
N TRP A 43 -3.10 -11.23 1.38
CA TRP A 43 -1.77 -11.29 0.80
C TRP A 43 -0.96 -12.44 1.39
N ASN A 44 -1.13 -12.68 2.69
CA ASN A 44 -0.41 -13.75 3.38
C ASN A 44 -0.96 -15.13 2.98
N LYS A 45 -2.25 -15.19 2.63
CA LYS A 45 -2.88 -16.45 2.23
C LYS A 45 -2.57 -16.76 0.77
N LEU A 46 -2.45 -15.72 -0.06
CA LEU A 46 -2.17 -15.91 -1.48
C LEU A 46 -0.68 -16.14 -1.73
N ASN A 47 0.16 -15.98 -0.70
CA ASN A 47 1.60 -16.17 -0.83
C ASN A 47 2.17 -15.31 -1.96
N VAL A 48 1.76 -14.04 -1.98
CA VAL A 48 2.23 -13.11 -3.00
C VAL A 48 2.89 -11.88 -2.36
N GLN A 49 3.48 -12.08 -1.18
CA GLN A 49 4.15 -10.99 -0.46
C GLN A 49 5.66 -10.99 -0.71
N ASP A 50 6.15 -12.02 -1.40
CA ASP A 50 7.59 -12.12 -1.71
C ASP A 50 7.94 -11.24 -2.91
N LYS A 51 7.11 -11.33 -3.96
CA LYS A 51 7.32 -10.53 -5.18
C LYS A 51 7.09 -9.04 -4.92
N VAL A 52 6.22 -8.73 -3.93
CA VAL A 52 5.92 -7.34 -3.59
C VAL A 52 6.65 -6.94 -2.31
N PHE A 53 6.80 -5.62 -2.10
CA PHE A 53 7.46 -5.12 -0.91
C PHE A 53 6.47 -4.36 -0.04
N VAL A 54 6.17 -4.94 1.10
CA VAL A 54 5.22 -4.36 2.06
C VAL A 54 5.95 -3.86 3.30
N PHE A 55 5.59 -2.65 3.76
CA PHE A 55 6.20 -2.06 4.94
C PHE A 55 5.18 -1.94 6.08
N ASP A 56 5.45 -2.63 7.18
CA ASP A 56 4.55 -2.60 8.34
C ASP A 56 5.00 -1.56 9.36
N ILE A 57 4.03 -0.93 10.01
CA ILE A 57 4.31 0.09 11.02
C ILE A 57 4.01 -0.43 12.42
N GLY A 58 5.05 -0.91 13.10
CA GLY A 58 4.91 -1.45 14.45
C GLY A 58 4.36 -0.43 15.43
N SER A 59 5.23 0.46 15.91
CA SER A 59 4.83 1.49 16.87
C SER A 59 5.53 2.81 16.56
N LEU A 60 5.33 3.31 15.34
CA LEU A 60 5.93 4.58 14.90
C LEU A 60 5.58 5.72 15.87
N PRO A 61 6.58 6.54 16.22
CA PRO A 61 6.37 7.69 17.13
C PRO A 61 5.67 8.85 16.44
N ARG A 62 5.63 10.00 17.11
CA ARG A 62 5.00 11.19 16.56
C ARG A 62 5.86 11.85 15.48
N ASN A 63 7.04 11.27 15.19
CA ASN A 63 7.94 11.81 14.16
C ASN A 63 7.78 11.05 12.84
N GLU A 64 7.70 9.73 12.93
CA GLU A 64 7.55 8.89 11.73
C GLU A 64 6.11 8.97 11.19
N GLN A 65 5.14 8.78 12.08
CA GLN A 65 3.73 8.84 11.69
C GLN A 65 3.36 10.19 11.08
N GLU A 66 3.97 11.26 11.61
CA GLU A 66 3.70 12.61 11.12
C GLU A 66 4.22 12.80 9.70
N LYS A 67 5.49 12.47 9.48
CA LYS A 67 6.10 12.61 8.16
C LYS A 67 5.34 11.79 7.12
N TRP A 68 4.94 10.57 7.49
CA TRP A 68 4.20 9.69 6.59
C TRP A 68 2.85 10.32 6.21
N ARG A 69 2.19 10.96 7.17
CA ARG A 69 0.89 11.59 6.92
C ARG A 69 0.98 12.62 5.79
N ILE A 70 1.91 13.57 5.93
CA ILE A 70 2.10 14.61 4.93
C ILE A 70 2.66 14.03 3.63
N ALA A 71 3.67 13.17 3.76
CA ALA A 71 4.29 12.54 2.60
C ALA A 71 3.25 11.82 1.74
N PHE A 72 2.32 11.13 2.39
CA PHE A 72 1.26 10.41 1.68
C PHE A 72 0.27 11.37 1.05
N GLN A 73 -0.16 12.39 1.80
CA GLN A 73 -1.12 13.37 1.30
C GLN A 73 -0.54 14.16 0.12
N LYS A 74 0.78 14.31 0.07
CA LYS A 74 1.43 15.04 -1.01
C LYS A 74 1.60 14.17 -2.25
N VAL A 75 1.81 12.86 -2.06
CA VAL A 75 2.00 11.95 -3.18
C VAL A 75 0.66 11.47 -3.74
N VAL A 76 -0.29 11.16 -2.88
CA VAL A 76 -1.60 10.69 -3.32
C VAL A 76 -2.75 11.58 -2.81
N GLY A 77 -2.64 12.05 -1.58
CA GLY A 77 -3.68 12.89 -1.00
C GLY A 77 -4.74 12.09 -0.25
N SER A 78 -4.30 11.03 0.43
CA SER A 78 -5.21 10.18 1.19
C SER A 78 -4.62 9.82 2.55
N ARG A 79 -5.24 10.32 3.62
CA ARG A 79 -4.78 10.06 4.98
C ARG A 79 -5.57 8.90 5.60
N ASN A 80 -5.87 7.88 4.79
CA ASN A 80 -6.62 6.72 5.26
C ASN A 80 -5.97 5.42 4.77
N LEU A 81 -5.74 4.49 5.70
CA LEU A 81 -5.14 3.20 5.37
C LEU A 81 -6.21 2.12 5.23
N PRO A 82 -5.85 0.96 4.63
CA PRO A 82 -4.51 0.68 4.12
C PRO A 82 -4.21 1.47 2.85
N THR A 83 -2.96 1.90 2.69
CA THR A 83 -2.54 2.67 1.53
C THR A 83 -1.69 1.82 0.60
N ILE A 84 -2.28 1.40 -0.52
CA ILE A 84 -1.57 0.59 -1.51
C ILE A 84 -1.14 1.45 -2.69
N VAL A 85 0.18 1.66 -2.81
CA VAL A 85 0.73 2.45 -3.90
C VAL A 85 1.39 1.57 -4.95
N VAL A 86 0.86 1.61 -6.17
CA VAL A 86 1.38 0.81 -7.27
C VAL A 86 1.83 1.70 -8.44
N ASN A 87 3.14 1.73 -8.68
CA ASN A 87 3.72 2.55 -9.75
C ASN A 87 3.54 4.04 -9.47
N GLY A 88 3.77 4.44 -8.22
CA GLY A 88 3.63 5.83 -7.85
C GLY A 88 2.23 6.37 -8.06
N LYS A 89 1.24 5.66 -7.55
CA LYS A 89 -0.15 6.06 -7.67
C LYS A 89 -1.06 5.14 -6.84
N PHE A 90 -2.03 5.74 -6.17
CA PHE A 90 -2.98 5.01 -5.34
C PHE A 90 -3.79 4.03 -6.18
N TRP A 91 -3.34 2.79 -6.23
CA TRP A 91 -4.03 1.75 -7.00
C TRP A 91 -4.94 0.91 -6.12
N GLY A 92 -4.58 0.76 -4.84
CA GLY A 92 -5.40 -0.04 -3.95
C GLY A 92 -5.90 0.75 -2.74
N THR A 93 -7.18 0.56 -2.42
CA THR A 93 -7.80 1.24 -1.29
C THR A 93 -8.37 0.24 -0.29
N GLU A 94 -9.02 0.75 0.75
CA GLU A 94 -9.63 -0.10 1.78
C GLU A 94 -10.80 -0.88 1.20
N SER A 95 -11.72 -0.17 0.57
CA SER A 95 -12.90 -0.78 -0.04
C SER A 95 -12.53 -1.61 -1.27
N GLN A 96 -11.49 -1.19 -1.99
CA GLN A 96 -11.04 -1.90 -3.18
C GLN A 96 -10.84 -3.40 -2.92
N LEU A 97 -10.39 -3.74 -1.70
CA LEU A 97 -10.16 -5.13 -1.32
C LEU A 97 -11.38 -6.00 -1.63
N HIS A 98 -12.52 -5.67 -1.03
CA HIS A 98 -13.75 -6.43 -1.25
C HIS A 98 -14.40 -6.05 -2.58
N ARG A 99 -14.26 -4.79 -2.98
CA ARG A 99 -14.84 -4.31 -4.24
C ARG A 99 -14.33 -5.12 -5.43
N PHE A 100 -13.01 -5.30 -5.51
CA PHE A 100 -12.40 -6.07 -6.59
C PHE A 100 -12.66 -7.55 -6.44
N GLU A 101 -12.61 -8.05 -5.19
CA GLU A 101 -12.85 -9.47 -4.92
C GLU A 101 -14.26 -9.87 -5.36
N ALA A 102 -15.25 -9.05 -4.98
CA ALA A 102 -16.63 -9.30 -5.34
C ALA A 102 -16.85 -9.25 -6.85
N LYS A 103 -16.09 -8.38 -7.52
CA LYS A 103 -16.19 -8.23 -8.98
C LYS A 103 -15.52 -9.41 -9.70
N GLY A 104 -14.52 -10.02 -9.06
CA GLY A 104 -13.82 -11.14 -9.66
C GLY A 104 -12.66 -10.68 -10.55
N THR A 105 -12.16 -9.47 -10.29
CA THR A 105 -11.05 -8.92 -11.07
C THR A 105 -9.77 -8.77 -10.22
N LEU A 106 -9.83 -9.15 -8.94
CA LEU A 106 -8.67 -9.03 -8.06
C LEU A 106 -7.51 -9.88 -8.59
N GLU A 107 -7.80 -11.13 -8.97
CA GLU A 107 -6.76 -12.03 -9.49
C GLU A 107 -6.26 -11.55 -10.85
N GLU A 108 -7.20 -11.20 -11.73
CA GLU A 108 -6.83 -10.72 -13.07
C GLU A 108 -5.95 -9.48 -12.98
N GLU A 109 -6.34 -8.54 -12.12
CA GLU A 109 -5.56 -7.31 -11.93
C GLU A 109 -4.14 -7.62 -11.46
N LEU A 110 -4.02 -8.62 -10.57
CA LEU A 110 -2.71 -9.02 -10.04
C LEU A 110 -1.80 -9.55 -11.15
N THR A 111 -2.37 -10.33 -12.07
CA THR A 111 -1.60 -10.88 -13.19
C THR A 111 -1.35 -9.81 -14.25
N LYS A 112 -2.32 -8.91 -14.43
CA LYS A 112 -2.21 -7.84 -15.42
C LYS A 112 -1.10 -6.85 -15.06
N ILE A 113 -1.01 -6.48 -13.78
CA ILE A 113 0.02 -5.54 -13.31
C ILE A 113 1.42 -6.08 -13.54
N GLY A 114 1.55 -7.41 -13.60
CA GLY A 114 2.85 -8.02 -13.80
C GLY A 114 3.34 -8.77 -12.57
N LEU A 115 2.42 -9.16 -11.70
CA LEU A 115 2.78 -9.88 -10.48
C LEU A 115 2.80 -11.39 -10.74
N LEU A 116 1.69 -11.93 -11.25
CA LEU A 116 1.59 -13.34 -11.55
C LEU A 116 2.06 -13.64 -12.97
N PRO A 117 2.78 -14.76 -13.17
CA PRO A 117 3.29 -15.15 -14.50
C PRO A 117 2.20 -15.22 -15.56
N MET A 9 8.72 17.57 5.03
CA MET A 9 9.70 18.51 4.42
C MET A 9 10.27 17.97 3.13
N SER A 10 10.74 18.88 2.26
CA SER A 10 11.32 18.50 0.98
C SER A 10 12.42 17.45 1.14
N ALA A 11 13.18 17.54 2.23
CA ALA A 11 14.25 16.59 2.52
C ALA A 11 13.75 15.15 2.51
N PHE A 12 12.51 14.96 2.97
CA PHE A 12 11.89 13.64 3.01
C PHE A 12 11.00 13.40 1.79
N VAL A 13 10.29 14.44 1.34
CA VAL A 13 9.40 14.32 0.18
C VAL A 13 10.18 13.85 -1.05
N THR A 14 11.32 14.48 -1.31
CA THR A 14 12.15 14.12 -2.45
C THR A 14 12.63 12.67 -2.34
N LYS A 15 13.06 12.29 -1.14
CA LYS A 15 13.53 10.93 -0.89
C LYS A 15 12.40 9.90 -1.10
N ALA A 16 11.18 10.30 -0.74
CA ALA A 16 10.02 9.42 -0.88
C ALA A 16 9.80 9.04 -2.35
N GLU A 17 9.90 10.04 -3.24
CA GLU A 17 9.72 9.81 -4.67
C GLU A 17 10.77 8.84 -5.20
N GLU A 18 11.98 8.93 -4.66
CA GLU A 18 13.07 8.04 -5.07
C GLU A 18 12.82 6.61 -4.60
N MET A 19 12.15 6.47 -3.44
CA MET A 19 11.83 5.15 -2.88
C MET A 19 10.79 4.43 -3.73
N ILE A 20 9.71 5.13 -4.07
CA ILE A 20 8.64 4.56 -4.88
C ILE A 20 9.08 4.36 -6.33
N LYS A 21 10.19 4.98 -6.70
CA LYS A 21 10.72 4.87 -8.06
C LYS A 21 11.07 3.42 -8.39
N SER A 22 12.02 2.86 -7.63
CA SER A 22 12.45 1.48 -7.83
C SER A 22 11.51 0.51 -7.11
N HIS A 23 10.77 1.02 -6.14
CA HIS A 23 9.83 0.20 -5.39
C HIS A 23 8.41 0.73 -5.55
N PRO A 24 7.84 0.61 -6.77
CA PRO A 24 6.48 1.09 -7.07
C PRO A 24 5.39 0.25 -6.38
N TYR A 25 5.75 -0.96 -5.95
CA TYR A 25 4.80 -1.85 -5.27
C TYR A 25 4.86 -1.63 -3.75
N PHE A 26 4.38 -0.46 -3.32
CA PHE A 26 4.38 -0.13 -1.89
C PHE A 26 2.96 -0.18 -1.31
N GLN A 27 2.84 -0.71 -0.10
CA GLN A 27 1.54 -0.81 0.56
C GLN A 27 1.59 -0.23 1.98
N LEU A 28 0.70 0.70 2.26
CA LEU A 28 0.63 1.34 3.58
C LEU A 28 -0.46 0.72 4.43
N SER A 29 -0.06 0.05 5.50
CA SER A 29 -1.01 -0.61 6.41
C SER A 29 -0.43 -0.75 7.82
N ALA A 30 -1.24 -1.26 8.75
CA ALA A 30 -0.82 -1.45 10.13
C ALA A 30 -1.27 -2.81 10.67
N SER A 31 -0.78 -3.16 11.86
CA SER A 31 -1.13 -4.44 12.49
C SER A 31 -2.16 -4.26 13.60
N TRP A 32 -2.37 -3.01 14.06
CA TRP A 32 -3.33 -2.72 15.12
C TRP A 32 -4.74 -2.52 14.56
N CYS A 33 -4.84 -1.84 13.41
CA CYS A 33 -6.13 -1.59 12.77
C CYS A 33 -6.72 -2.86 12.16
N PRO A 34 -8.06 -3.04 12.26
CA PRO A 34 -8.75 -4.22 11.72
C PRO A 34 -8.87 -4.18 10.19
N ASP A 35 -9.13 -2.99 9.62
CA ASP A 35 -9.28 -2.86 8.17
C ASP A 35 -7.97 -3.24 7.46
N CYS A 36 -6.84 -3.03 8.13
CA CYS A 36 -5.54 -3.37 7.58
C CYS A 36 -5.34 -4.88 7.54
N VAL A 37 -5.87 -5.57 8.54
CA VAL A 37 -5.76 -7.03 8.62
C VAL A 37 -6.35 -7.71 7.38
N TYR A 38 -7.42 -7.13 6.82
CA TYR A 38 -8.06 -7.68 5.63
C TYR A 38 -7.12 -7.65 4.42
N ALA A 39 -6.58 -6.46 4.12
CA ALA A 39 -5.67 -6.29 2.99
C ALA A 39 -4.45 -7.21 3.11
N ASN A 40 -3.96 -7.40 4.34
CA ASN A 40 -2.82 -8.25 4.60
C ASN A 40 -3.20 -9.72 4.50
N SER A 41 -4.44 -10.03 4.88
CA SER A 41 -4.95 -11.39 4.85
C SER A 41 -4.98 -11.93 3.41
N ILE A 42 -5.47 -11.10 2.49
CA ILE A 42 -5.55 -11.50 1.08
C ILE A 42 -4.15 -11.75 0.50
N TRP A 43 -3.21 -10.86 0.81
CA TRP A 43 -1.84 -10.98 0.32
C TRP A 43 -1.15 -12.21 0.93
N ASN A 44 -1.48 -12.52 2.18
CA ASN A 44 -0.88 -13.67 2.87
C ASN A 44 -1.42 -14.99 2.30
N LYS A 45 -2.63 -14.97 1.76
CA LYS A 45 -3.25 -16.16 1.19
C LYS A 45 -2.73 -16.41 -0.23
N LEU A 46 -2.43 -15.32 -0.95
CA LEU A 46 -1.94 -15.42 -2.32
C LEU A 46 -0.43 -15.71 -2.36
N ASN A 47 0.24 -15.67 -1.20
CA ASN A 47 1.67 -15.93 -1.13
C ASN A 47 2.44 -15.05 -2.11
N VAL A 48 2.15 -13.75 -2.07
CA VAL A 48 2.82 -12.78 -2.96
C VAL A 48 3.52 -11.68 -2.16
N GLN A 49 3.89 -12.00 -0.91
CA GLN A 49 4.57 -11.03 -0.04
C GLN A 49 5.98 -10.71 -0.53
N ASP A 50 6.60 -11.64 -1.26
CA ASP A 50 7.95 -11.43 -1.79
C ASP A 50 7.91 -10.61 -3.08
N LYS A 51 6.82 -10.76 -3.84
CA LYS A 51 6.67 -10.03 -5.10
C LYS A 51 6.28 -8.57 -4.85
N VAL A 52 5.59 -8.31 -3.73
CA VAL A 52 5.17 -6.96 -3.37
C VAL A 52 5.92 -6.47 -2.13
N PHE A 53 5.92 -5.15 -1.90
CA PHE A 53 6.59 -4.59 -0.73
C PHE A 53 5.58 -3.82 0.12
N VAL A 54 5.30 -4.37 1.28
CA VAL A 54 4.35 -3.77 2.22
C VAL A 54 5.08 -3.17 3.42
N PHE A 55 4.67 -1.96 3.80
CA PHE A 55 5.28 -1.26 4.94
C PHE A 55 4.30 -1.21 6.12
N ASP A 56 4.66 -1.90 7.19
CA ASP A 56 3.83 -1.94 8.40
C ASP A 56 4.08 -0.71 9.27
N ILE A 57 3.04 -0.22 9.92
CA ILE A 57 3.14 0.95 10.79
C ILE A 57 2.91 0.56 12.24
N GLY A 58 3.93 -0.02 12.86
CA GLY A 58 3.83 -0.43 14.25
C GLY A 58 4.90 0.18 15.13
N SER A 59 6.14 0.20 14.65
CA SER A 59 7.27 0.76 15.39
C SER A 59 7.53 2.21 14.97
N LEU A 60 6.45 2.97 14.72
CA LEU A 60 6.56 4.36 14.31
C LEU A 60 5.85 5.27 15.31
N PRO A 61 6.61 5.99 16.16
CA PRO A 61 6.06 6.90 17.18
C PRO A 61 5.09 7.93 16.59
N ARG A 62 4.29 8.56 17.45
CA ARG A 62 3.33 9.58 17.02
C ARG A 62 3.95 10.57 16.02
N ASN A 63 5.22 10.90 16.23
CA ASN A 63 5.92 11.83 15.34
C ASN A 63 6.29 11.15 14.02
N GLU A 64 6.89 9.97 14.11
CA GLU A 64 7.30 9.22 12.91
C GLU A 64 6.08 8.83 12.07
N GLN A 65 4.97 8.49 12.75
CA GLN A 65 3.75 8.10 12.06
C GLN A 65 3.24 9.21 11.15
N GLU A 66 3.19 10.42 11.69
CA GLU A 66 2.72 11.58 10.93
C GLU A 66 3.73 11.95 9.82
N LYS A 67 5.00 11.66 10.07
CA LYS A 67 6.07 11.98 9.11
C LYS A 67 5.77 11.35 7.75
N TRP A 68 5.53 10.03 7.73
CA TRP A 68 5.23 9.33 6.48
C TRP A 68 3.81 9.66 6.01
N ARG A 69 2.90 9.89 6.95
CA ARG A 69 1.51 10.21 6.63
C ARG A 69 1.43 11.45 5.74
N ILE A 70 2.12 12.52 6.15
CA ILE A 70 2.11 13.76 5.37
C ILE A 70 2.96 13.62 4.10
N ALA A 71 4.10 12.94 4.23
CA ALA A 71 5.00 12.74 3.09
C ALA A 71 4.28 12.02 1.95
N PHE A 72 3.63 10.89 2.27
CA PHE A 72 2.90 10.12 1.27
C PHE A 72 1.74 10.92 0.69
N GLN A 73 1.12 11.77 1.50
CA GLN A 73 0.01 12.60 1.04
C GLN A 73 0.45 13.51 -0.11
N LYS A 74 1.71 13.94 -0.08
CA LYS A 74 2.26 14.80 -1.12
C LYS A 74 2.62 13.99 -2.37
N VAL A 75 2.99 12.72 -2.17
CA VAL A 75 3.36 11.85 -3.28
C VAL A 75 2.12 11.32 -4.01
N VAL A 76 1.12 10.89 -3.25
CA VAL A 76 -0.11 10.36 -3.84
C VAL A 76 -1.37 11.04 -3.27
N GLY A 77 -1.40 11.26 -1.95
CA GLY A 77 -2.55 11.88 -1.33
C GLY A 77 -3.39 10.90 -0.52
N SER A 78 -2.71 10.08 0.28
CA SER A 78 -3.39 9.09 1.10
C SER A 78 -3.46 9.56 2.56
N ARG A 79 -4.48 10.35 2.87
CA ARG A 79 -4.67 10.87 4.23
C ARG A 79 -5.44 9.87 5.09
N ASN A 80 -5.41 8.59 4.70
CA ASN A 80 -6.12 7.53 5.44
C ASN A 80 -5.59 6.15 5.05
N LEU A 81 -5.70 5.19 5.97
CA LEU A 81 -5.24 3.82 5.72
C LEU A 81 -6.37 2.82 5.96
N PRO A 82 -6.26 1.60 5.38
CA PRO A 82 -5.12 1.19 4.55
C PRO A 82 -5.11 1.87 3.18
N THR A 83 -3.92 1.95 2.57
CA THR A 83 -3.76 2.58 1.26
C THR A 83 -2.69 1.87 0.43
N ILE A 84 -3.03 1.54 -0.81
CA ILE A 84 -2.10 0.85 -1.71
C ILE A 84 -1.66 1.76 -2.86
N VAL A 85 -0.35 1.96 -2.98
CA VAL A 85 0.21 2.80 -4.05
C VAL A 85 1.01 1.97 -5.06
N VAL A 86 0.60 2.03 -6.32
CA VAL A 86 1.27 1.28 -7.39
C VAL A 86 1.80 2.23 -8.46
N ASN A 87 3.11 2.17 -8.69
CA ASN A 87 3.77 3.04 -9.68
C ASN A 87 3.69 4.51 -9.25
N GLY A 88 3.93 4.76 -7.97
CA GLY A 88 3.89 6.12 -7.45
C GLY A 88 2.54 6.78 -7.66
N LYS A 89 1.47 6.08 -7.28
CA LYS A 89 0.12 6.59 -7.41
C LYS A 89 -0.89 5.64 -6.77
N PHE A 90 -1.83 6.22 -6.01
CA PHE A 90 -2.85 5.43 -5.32
C PHE A 90 -3.74 4.70 -6.32
N TRP A 91 -3.47 3.41 -6.49
CA TRP A 91 -4.25 2.58 -7.43
C TRP A 91 -5.07 1.52 -6.69
N GLY A 92 -4.61 1.11 -5.50
CA GLY A 92 -5.34 0.10 -4.74
C GLY A 92 -5.95 0.67 -3.46
N THR A 93 -7.16 0.21 -3.14
CA THR A 93 -7.85 0.66 -1.94
C THR A 93 -8.22 -0.51 -1.04
N GLU A 94 -8.36 -0.24 0.26
CA GLU A 94 -8.74 -1.27 1.23
C GLU A 94 -10.06 -1.93 0.83
N SER A 95 -10.98 -1.14 0.28
CA SER A 95 -12.28 -1.64 -0.15
C SER A 95 -12.22 -2.20 -1.58
N GLN A 96 -11.29 -1.69 -2.39
CA GLN A 96 -11.14 -2.15 -3.76
C GLN A 96 -10.92 -3.66 -3.81
N LEU A 97 -10.15 -4.18 -2.85
CA LEU A 97 -9.86 -5.62 -2.79
C LEU A 97 -11.12 -6.42 -2.44
N HIS A 98 -11.95 -5.88 -1.56
CA HIS A 98 -13.19 -6.55 -1.15
C HIS A 98 -14.19 -6.62 -2.30
N ARG A 99 -14.51 -5.47 -2.89
CA ARG A 99 -15.46 -5.41 -4.00
C ARG A 99 -14.99 -6.24 -5.21
N PHE A 100 -13.67 -6.38 -5.37
CA PHE A 100 -13.11 -7.14 -6.48
C PHE A 100 -13.16 -8.65 -6.18
N GLU A 101 -12.75 -9.03 -4.97
CA GLU A 101 -12.74 -10.45 -4.57
C GLU A 101 -14.16 -11.01 -4.57
N ALA A 102 -15.09 -10.24 -4.03
CA ALA A 102 -16.49 -10.65 -3.95
C ALA A 102 -17.04 -11.06 -5.33
N LYS A 103 -16.75 -10.24 -6.35
CA LYS A 103 -17.21 -10.52 -7.70
C LYS A 103 -16.35 -11.61 -8.36
N GLY A 104 -15.05 -11.60 -8.02
CA GLY A 104 -14.13 -12.59 -8.57
C GLY A 104 -13.19 -12.00 -9.60
N THR A 105 -12.81 -10.73 -9.41
CA THR A 105 -11.89 -10.06 -10.34
C THR A 105 -10.57 -9.70 -9.66
N LEU A 106 -10.26 -10.38 -8.55
CA LEU A 106 -9.02 -10.12 -7.82
C LEU A 106 -7.85 -10.86 -8.48
N GLU A 107 -8.06 -12.14 -8.80
CA GLU A 107 -7.02 -12.95 -9.44
C GLU A 107 -6.60 -12.35 -10.79
N GLU A 108 -7.59 -11.97 -11.60
CA GLU A 108 -7.32 -11.38 -12.91
C GLU A 108 -6.56 -10.06 -12.77
N GLU A 109 -6.97 -9.25 -11.79
CA GLU A 109 -6.33 -7.96 -11.53
C GLU A 109 -4.87 -8.14 -11.15
N LEU A 110 -4.59 -9.14 -10.31
CA LEU A 110 -3.22 -9.42 -9.87
C LEU A 110 -2.31 -9.75 -11.06
N THR A 111 -2.85 -10.48 -12.04
CA THR A 111 -2.09 -10.84 -13.23
C THR A 111 -1.99 -9.65 -14.19
N LYS A 112 -3.05 -8.85 -14.25
CA LYS A 112 -3.09 -7.68 -15.12
C LYS A 112 -2.06 -6.62 -14.69
N ILE A 113 -2.00 -6.35 -13.38
CA ILE A 113 -1.06 -5.36 -12.85
C ILE A 113 0.39 -5.74 -13.12
N GLY A 114 0.64 -7.04 -13.29
CA GLY A 114 1.99 -7.51 -13.54
C GLY A 114 2.60 -8.23 -12.34
N LEU A 115 1.74 -8.76 -11.46
CA LEU A 115 2.19 -9.47 -10.28
C LEU A 115 2.31 -10.97 -10.56
N LEU A 116 1.30 -11.53 -11.22
CA LEU A 116 1.29 -12.95 -11.55
C LEU A 116 1.73 -13.17 -13.00
N PRO A 117 2.43 -14.29 -13.28
CA PRO A 117 2.90 -14.61 -14.63
C PRO A 117 1.77 -15.00 -15.58
N MET A 9 9.38 20.71 3.29
CA MET A 9 10.03 19.41 3.64
C MET A 9 10.43 18.63 2.39
N SER A 10 11.04 19.33 1.42
CA SER A 10 11.49 18.70 0.17
C SER A 10 12.47 17.56 0.44
N ALA A 11 13.21 17.66 1.56
CA ALA A 11 14.18 16.62 1.93
C ALA A 11 13.52 15.29 2.28
N PHE A 12 12.19 15.28 2.43
CA PHE A 12 11.44 14.08 2.76
C PHE A 12 10.42 13.73 1.67
N VAL A 13 9.74 14.75 1.15
CA VAL A 13 8.74 14.54 0.08
C VAL A 13 9.36 13.83 -1.12
N THR A 14 10.49 14.36 -1.61
CA THR A 14 11.19 13.79 -2.75
C THR A 14 11.62 12.35 -2.46
N LYS A 15 11.96 12.06 -1.21
CA LYS A 15 12.38 10.71 -0.80
C LYS A 15 11.21 9.73 -0.94
N ALA A 16 9.99 10.21 -0.72
CA ALA A 16 8.80 9.36 -0.83
C ALA A 16 8.62 8.86 -2.25
N GLU A 17 8.74 9.78 -3.22
CA GLU A 17 8.60 9.44 -4.63
C GLU A 17 9.82 8.63 -5.10
N GLU A 18 10.99 8.92 -4.52
CA GLU A 18 12.21 8.19 -4.87
C GLU A 18 12.09 6.73 -4.46
N MET A 19 11.46 6.48 -3.31
CA MET A 19 11.28 5.11 -2.81
C MET A 19 10.40 4.30 -3.75
N ILE A 20 9.28 4.88 -4.19
CA ILE A 20 8.37 4.21 -5.09
C ILE A 20 8.92 4.14 -6.52
N LYS A 21 9.92 4.99 -6.81
CA LYS A 21 10.54 5.02 -8.13
C LYS A 21 11.19 3.68 -8.46
N SER A 22 12.19 3.30 -7.66
CA SER A 22 12.91 2.03 -7.85
C SER A 22 12.16 0.88 -7.19
N HIS A 23 11.27 1.21 -6.26
CA HIS A 23 10.47 0.21 -5.56
C HIS A 23 8.99 0.53 -5.69
N PRO A 24 8.44 0.38 -6.91
CA PRO A 24 7.01 0.66 -7.18
C PRO A 24 6.08 -0.28 -6.43
N TYR A 25 6.60 -1.44 -6.02
CA TYR A 25 5.79 -2.41 -5.28
C TYR A 25 5.91 -2.16 -3.77
N PHE A 26 5.39 -1.01 -3.34
CA PHE A 26 5.43 -0.63 -1.93
C PHE A 26 4.05 -0.70 -1.28
N GLN A 27 3.99 -1.13 -0.02
CA GLN A 27 2.72 -1.25 0.70
C GLN A 27 2.86 -0.69 2.13
N LEU A 28 1.90 0.14 2.52
CA LEU A 28 1.90 0.76 3.85
C LEU A 28 0.79 0.20 4.72
N SER A 29 1.16 -0.51 5.78
CA SER A 29 0.20 -1.10 6.71
C SER A 29 0.57 -0.79 8.16
N ALA A 30 -0.32 -1.15 9.10
CA ALA A 30 -0.08 -0.93 10.51
C ALA A 30 0.57 -2.16 11.16
N SER A 31 -0.25 -3.15 11.51
CA SER A 31 0.25 -4.39 12.12
C SER A 31 -0.90 -5.38 12.34
N TRP A 32 -1.86 -4.99 13.20
CA TRP A 32 -3.01 -5.84 13.50
C TRP A 32 -4.30 -5.01 13.58
N CYS A 33 -4.44 -4.06 12.64
CA CYS A 33 -5.63 -3.20 12.59
C CYS A 33 -6.80 -3.93 11.95
N PRO A 34 -8.05 -3.44 12.17
CA PRO A 34 -9.24 -4.07 11.60
C PRO A 34 -9.27 -4.00 10.08
N ASP A 35 -8.74 -2.91 9.52
CA ASP A 35 -8.70 -2.71 8.07
C ASP A 35 -7.39 -3.24 7.48
N CYS A 36 -6.30 -3.09 8.24
CA CYS A 36 -4.98 -3.55 7.79
C CYS A 36 -4.92 -5.07 7.71
N VAL A 37 -5.47 -5.75 8.72
CA VAL A 37 -5.48 -7.21 8.74
C VAL A 37 -6.19 -7.79 7.51
N TYR A 38 -7.19 -7.08 7.00
CA TYR A 38 -7.94 -7.51 5.82
C TYR A 38 -7.02 -7.56 4.59
N ALA A 39 -6.30 -6.47 4.33
CA ALA A 39 -5.39 -6.39 3.19
C ALA A 39 -4.29 -7.45 3.26
N ASN A 40 -3.80 -7.72 4.49
CA ASN A 40 -2.76 -8.72 4.69
C ASN A 40 -3.32 -10.12 4.56
N SER A 41 -4.59 -10.30 4.97
CA SER A 41 -5.25 -11.59 4.89
C SER A 41 -5.28 -12.10 3.45
N ILE A 42 -5.61 -11.20 2.51
CA ILE A 42 -5.69 -11.56 1.10
C ILE A 42 -4.31 -11.92 0.54
N TRP A 43 -3.31 -11.09 0.85
CA TRP A 43 -1.95 -11.32 0.37
C TRP A 43 -1.38 -12.61 0.98
N ASN A 44 -1.75 -12.91 2.22
CA ASN A 44 -1.28 -14.11 2.90
C ASN A 44 -1.84 -15.36 2.24
N LYS A 45 -3.10 -15.30 1.82
CA LYS A 45 -3.75 -16.44 1.17
C LYS A 45 -3.39 -16.52 -0.32
N LEU A 46 -3.02 -15.38 -0.91
CA LEU A 46 -2.66 -15.34 -2.33
C LEU A 46 -1.21 -15.80 -2.57
N ASN A 47 -0.45 -16.00 -1.48
CA ASN A 47 0.94 -16.45 -1.59
C ASN A 47 1.72 -15.58 -2.59
N VAL A 48 1.59 -14.26 -2.46
CA VAL A 48 2.29 -13.32 -3.34
C VAL A 48 2.78 -12.09 -2.57
N GLN A 49 3.30 -12.33 -1.36
CA GLN A 49 3.81 -11.25 -0.51
C GLN A 49 5.33 -11.07 -0.66
N ASP A 50 6.00 -12.10 -1.20
CA ASP A 50 7.45 -12.04 -1.39
C ASP A 50 7.80 -11.20 -2.62
N LYS A 51 7.08 -11.42 -3.71
CA LYS A 51 7.29 -10.68 -4.96
C LYS A 51 7.05 -9.17 -4.75
N VAL A 52 6.25 -8.82 -3.75
CA VAL A 52 5.95 -7.42 -3.45
C VAL A 52 6.76 -6.96 -2.22
N PHE A 53 6.90 -5.64 -2.06
CA PHE A 53 7.64 -5.09 -0.93
C PHE A 53 6.69 -4.31 -0.02
N VAL A 54 6.48 -4.86 1.16
CA VAL A 54 5.60 -4.23 2.15
C VAL A 54 6.40 -3.66 3.31
N PHE A 55 5.95 -2.51 3.82
CA PHE A 55 6.60 -1.83 4.94
C PHE A 55 5.57 -1.44 6.00
N ASP A 56 5.86 -1.80 7.25
CA ASP A 56 4.98 -1.49 8.38
C ASP A 56 5.26 -0.09 8.92
N ILE A 57 4.20 0.70 9.11
CA ILE A 57 4.33 2.05 9.64
C ILE A 57 4.19 2.08 11.17
N GLY A 58 4.58 0.98 11.83
CA GLY A 58 4.51 0.91 13.27
C GLY A 58 5.87 1.08 13.95
N SER A 59 6.88 1.48 13.17
CA SER A 59 8.23 1.68 13.71
C SER A 59 8.59 3.17 13.76
N LEU A 60 7.58 4.02 13.92
CA LEU A 60 7.78 5.46 13.98
C LEU A 60 6.84 6.10 15.00
N PRO A 61 7.38 7.01 15.85
CA PRO A 61 6.58 7.69 16.88
C PRO A 61 5.62 8.72 16.28
N ARG A 62 4.89 9.42 17.14
CA ARG A 62 3.96 10.46 16.69
C ARG A 62 4.66 11.51 15.82
N ASN A 63 5.96 11.73 16.08
CA ASN A 63 6.74 12.70 15.33
C ASN A 63 6.83 12.31 13.85
N GLU A 64 7.33 11.11 13.59
CA GLU A 64 7.46 10.62 12.21
C GLU A 64 6.09 10.33 11.60
N GLN A 65 5.13 9.93 12.44
CA GLN A 65 3.78 9.63 11.97
C GLN A 65 3.19 10.82 11.20
N GLU A 66 3.35 12.03 11.75
CA GLU A 66 2.85 13.23 11.09
C GLU A 66 3.56 13.46 9.76
N LYS A 67 4.88 13.23 9.75
CA LYS A 67 5.69 13.42 8.54
C LYS A 67 5.20 12.51 7.42
N TRP A 68 4.97 11.24 7.74
CA TRP A 68 4.49 10.27 6.74
C TRP A 68 3.09 10.63 6.24
N ARG A 69 2.24 11.11 7.14
CA ARG A 69 0.87 11.49 6.78
C ARG A 69 0.88 12.61 5.74
N ILE A 70 1.58 13.70 6.04
CA ILE A 70 1.67 14.84 5.11
C ILE A 70 2.35 14.44 3.81
N ALA A 71 3.36 13.58 3.90
CA ALA A 71 4.09 13.12 2.72
C ALA A 71 3.19 12.28 1.81
N PHE A 72 2.59 11.23 2.37
CA PHE A 72 1.70 10.35 1.60
C PHE A 72 0.55 11.14 0.97
N GLN A 73 -0.02 12.08 1.72
CA GLN A 73 -1.12 12.91 1.21
C GLN A 73 -0.66 13.79 0.05
N LYS A 74 0.63 14.15 0.03
CA LYS A 74 1.19 14.98 -1.02
C LYS A 74 1.53 14.15 -2.26
N VAL A 75 1.89 12.87 -2.04
CA VAL A 75 2.26 11.98 -3.13
C VAL A 75 1.03 11.36 -3.78
N VAL A 76 0.10 10.86 -2.96
CA VAL A 76 -1.12 10.24 -3.46
C VAL A 76 -2.39 10.96 -2.99
N GLY A 77 -2.39 11.44 -1.76
CA GLY A 77 -3.55 12.14 -1.22
C GLY A 77 -4.55 11.19 -0.57
N SER A 78 -4.04 10.15 0.10
CA SER A 78 -4.89 9.18 0.77
C SER A 78 -4.55 9.10 2.25
N ARG A 79 -5.42 9.69 3.08
CA ARG A 79 -5.22 9.68 4.53
C ARG A 79 -5.95 8.49 5.18
N ASN A 80 -5.90 7.34 4.50
CA ASN A 80 -6.56 6.13 5.00
C ASN A 80 -5.59 4.94 4.98
N LEU A 81 -5.55 4.21 6.09
CA LEU A 81 -4.67 3.04 6.21
C LEU A 81 -5.48 1.75 6.25
N PRO A 82 -5.00 0.67 5.61
CA PRO A 82 -3.71 0.67 4.88
C PRO A 82 -3.81 1.31 3.50
N THR A 83 -2.70 1.28 2.76
CA THR A 83 -2.65 1.86 1.41
C THR A 83 -1.66 1.10 0.53
N ILE A 84 -2.15 0.64 -0.64
CA ILE A 84 -1.33 -0.10 -1.59
C ILE A 84 -0.92 0.76 -2.78
N VAL A 85 0.39 0.96 -2.95
CA VAL A 85 0.90 1.76 -4.06
C VAL A 85 1.68 0.88 -5.05
N VAL A 86 1.19 0.81 -6.29
CA VAL A 86 1.83 -0.01 -7.33
C VAL A 86 2.25 0.86 -8.51
N ASN A 87 3.44 0.59 -9.05
CA ASN A 87 3.97 1.35 -10.18
C ASN A 87 4.11 2.83 -9.85
N GLY A 88 4.40 3.13 -8.57
CA GLY A 88 4.54 4.50 -8.12
C GLY A 88 3.24 5.28 -8.21
N LYS A 89 2.15 4.65 -7.74
CA LYS A 89 0.84 5.28 -7.77
C LYS A 89 -0.20 4.39 -7.07
N PHE A 90 -1.04 5.03 -6.26
CA PHE A 90 -2.09 4.33 -5.51
C PHE A 90 -3.04 3.60 -6.45
N TRP A 91 -2.95 2.26 -6.44
CA TRP A 91 -3.80 1.43 -7.30
C TRP A 91 -4.79 0.58 -6.50
N GLY A 92 -4.49 0.33 -5.22
CA GLY A 92 -5.38 -0.47 -4.39
C GLY A 92 -5.56 0.09 -3.00
N THR A 93 -6.80 0.06 -2.52
CA THR A 93 -7.13 0.55 -1.18
C THR A 93 -7.73 -0.57 -0.32
N GLU A 94 -8.25 -0.23 0.86
CA GLU A 94 -8.85 -1.22 1.76
C GLU A 94 -10.30 -1.57 1.34
N SER A 95 -11.01 -0.59 0.79
CA SER A 95 -12.39 -0.81 0.35
C SER A 95 -12.45 -1.48 -1.02
N GLN A 96 -11.44 -1.24 -1.86
CA GLN A 96 -11.38 -1.83 -3.19
C GLN A 96 -11.24 -3.35 -3.13
N LEU A 97 -10.59 -3.86 -2.07
CA LEU A 97 -10.39 -5.30 -1.91
C LEU A 97 -11.72 -6.05 -1.92
N HIS A 98 -12.59 -5.72 -0.98
CA HIS A 98 -13.91 -6.36 -0.88
C HIS A 98 -14.75 -6.10 -2.14
N ARG A 99 -14.65 -4.89 -2.68
CA ARG A 99 -15.40 -4.53 -3.88
C ARG A 99 -14.90 -5.30 -5.11
N PHE A 100 -13.58 -5.48 -5.21
CA PHE A 100 -12.99 -6.20 -6.33
C PHE A 100 -13.14 -7.71 -6.17
N GLU A 101 -13.07 -8.19 -4.93
CA GLU A 101 -13.21 -9.62 -4.65
C GLU A 101 -14.57 -10.15 -5.10
N ALA A 102 -15.61 -9.36 -4.83
CA ALA A 102 -16.97 -9.73 -5.20
C ALA A 102 -17.15 -9.77 -6.71
N LYS A 103 -16.70 -8.71 -7.40
CA LYS A 103 -16.81 -8.62 -8.85
C LYS A 103 -15.84 -9.57 -9.55
N GLY A 104 -14.74 -9.92 -8.88
CA GLY A 104 -13.76 -10.80 -9.48
C GLY A 104 -12.65 -10.05 -10.21
N THR A 105 -12.44 -8.79 -9.82
CA THR A 105 -11.42 -7.94 -10.44
C THR A 105 -10.08 -8.03 -9.69
N LEU A 106 -10.12 -8.46 -8.43
CA LEU A 106 -8.91 -8.59 -7.62
C LEU A 106 -7.89 -9.52 -8.29
N GLU A 107 -8.34 -10.73 -8.63
CA GLU A 107 -7.49 -11.71 -9.30
C GLU A 107 -6.99 -11.19 -10.65
N GLU A 108 -7.85 -10.45 -11.35
CA GLU A 108 -7.51 -9.87 -12.65
C GLU A 108 -6.34 -8.89 -12.51
N GLU A 109 -6.39 -8.07 -11.45
CA GLU A 109 -5.34 -7.08 -11.19
C GLU A 109 -3.98 -7.77 -10.98
N LEU A 110 -3.98 -8.88 -10.24
CA LEU A 110 -2.75 -9.62 -9.97
C LEU A 110 -2.19 -10.25 -11.24
N THR A 111 -3.08 -10.69 -12.13
CA THR A 111 -2.67 -11.32 -13.39
C THR A 111 -2.13 -10.27 -14.36
N LYS A 112 -2.74 -9.08 -14.35
CA LYS A 112 -2.32 -7.98 -15.24
C LYS A 112 -0.89 -7.55 -14.92
N ILE A 113 -0.59 -7.35 -13.63
CA ILE A 113 0.74 -6.91 -13.20
C ILE A 113 1.79 -8.02 -13.40
N GLY A 114 1.34 -9.28 -13.42
CA GLY A 114 2.25 -10.40 -13.59
C GLY A 114 2.64 -11.04 -12.27
N LEU A 115 1.77 -10.94 -11.27
CA LEU A 115 2.04 -11.53 -9.95
C LEU A 115 1.46 -12.94 -9.86
N LEU A 116 0.26 -13.14 -10.42
CA LEU A 116 -0.39 -14.44 -10.42
C LEU A 116 0.39 -15.46 -11.25
N PRO A 117 0.81 -15.10 -12.48
CA PRO A 117 1.57 -16.00 -13.37
C PRO A 117 2.78 -16.63 -12.66
N MET A 9 9.06 20.59 0.98
CA MET A 9 10.26 20.19 1.78
C MET A 9 11.37 19.65 0.88
N SER A 10 10.98 18.92 -0.17
CA SER A 10 11.93 18.33 -1.12
C SER A 10 12.65 17.13 -0.53
N ALA A 11 13.34 17.32 0.60
CA ALA A 11 14.06 16.22 1.25
C ALA A 11 13.16 15.01 1.46
N PHE A 12 11.89 15.27 1.78
CA PHE A 12 10.92 14.20 1.99
C PHE A 12 10.24 13.82 0.66
N VAL A 13 10.02 14.82 -0.19
CA VAL A 13 9.38 14.58 -1.49
C VAL A 13 10.23 13.66 -2.37
N THR A 14 11.53 13.96 -2.46
CA THR A 14 12.44 13.15 -3.27
C THR A 14 12.63 11.76 -2.67
N LYS A 15 12.86 11.70 -1.36
CA LYS A 15 13.05 10.42 -0.67
C LYS A 15 11.83 9.51 -0.85
N ALA A 16 10.64 10.10 -0.82
CA ALA A 16 9.40 9.34 -1.01
C ALA A 16 9.34 8.72 -2.39
N GLU A 17 9.66 9.52 -3.41
CA GLU A 17 9.65 9.06 -4.80
C GLU A 17 10.74 8.03 -5.04
N GLU A 18 11.91 8.24 -4.43
CA GLU A 18 13.04 7.32 -4.59
C GLU A 18 12.69 5.93 -4.05
N MET A 19 11.94 5.89 -2.95
CA MET A 19 11.54 4.62 -2.34
C MET A 19 10.58 3.85 -3.25
N ILE A 20 9.57 4.53 -3.77
CA ILE A 20 8.59 3.90 -4.65
C ILE A 20 9.18 3.65 -6.04
N LYS A 21 10.32 4.27 -6.34
CA LYS A 21 10.97 4.11 -7.64
C LYS A 21 11.37 2.65 -7.86
N SER A 22 12.24 2.13 -6.99
CA SER A 22 12.69 0.75 -7.08
C SER A 22 11.70 -0.19 -6.41
N HIS A 23 10.86 0.35 -5.54
CA HIS A 23 9.86 -0.44 -4.83
C HIS A 23 8.46 0.08 -5.11
N PRO A 24 7.98 -0.05 -6.36
CA PRO A 24 6.64 0.42 -6.76
C PRO A 24 5.52 -0.39 -6.10
N TYR A 25 5.82 -1.62 -5.70
CA TYR A 25 4.84 -2.49 -5.05
C TYR A 25 4.92 -2.34 -3.53
N PHE A 26 4.51 -1.18 -3.04
CA PHE A 26 4.53 -0.89 -1.61
C PHE A 26 3.13 -0.86 -1.02
N GLN A 27 2.98 -1.43 0.18
CA GLN A 27 1.68 -1.46 0.85
C GLN A 27 1.80 -0.92 2.28
N LEU A 28 1.41 0.34 2.46
CA LEU A 28 1.48 0.97 3.77
C LEU A 28 0.30 0.53 4.64
N SER A 29 0.53 -0.50 5.45
CA SER A 29 -0.50 -1.04 6.34
C SER A 29 -0.27 -0.59 7.77
N ALA A 30 -1.35 -0.54 8.56
CA ALA A 30 -1.27 -0.12 9.96
C ALA A 30 -1.23 -1.33 10.89
N SER A 31 -0.46 -1.22 11.97
CA SER A 31 -0.35 -2.30 12.94
C SER A 31 -1.32 -2.09 14.12
N TRP A 32 -2.51 -1.57 13.80
CA TRP A 32 -3.54 -1.32 14.81
C TRP A 32 -4.94 -1.57 14.25
N CYS A 33 -5.22 -1.01 13.07
CA CYS A 33 -6.53 -1.17 12.43
C CYS A 33 -6.72 -2.62 11.95
N PRO A 34 -7.93 -3.18 12.18
CA PRO A 34 -8.25 -4.56 11.76
C PRO A 34 -8.44 -4.70 10.25
N ASP A 35 -8.91 -3.63 9.61
CA ASP A 35 -9.14 -3.63 8.16
C ASP A 35 -7.85 -3.94 7.40
N CYS A 36 -6.72 -3.44 7.92
CA CYS A 36 -5.41 -3.66 7.30
C CYS A 36 -5.04 -5.15 7.36
N VAL A 37 -5.47 -5.83 8.41
CA VAL A 37 -5.18 -7.25 8.57
C VAL A 37 -5.71 -8.07 7.39
N TYR A 38 -6.88 -7.68 6.87
CA TYR A 38 -7.49 -8.38 5.73
C TYR A 38 -6.54 -8.38 4.54
N ALA A 39 -5.95 -7.22 4.24
CA ALA A 39 -5.03 -7.10 3.11
C ALA A 39 -3.82 -8.03 3.28
N ASN A 40 -3.41 -8.24 4.54
CA ASN A 40 -2.28 -9.12 4.84
C ASN A 40 -2.69 -10.58 4.69
N SER A 41 -3.94 -10.88 5.01
CA SER A 41 -4.46 -12.23 4.90
C SER A 41 -4.34 -12.76 3.47
N ILE A 42 -4.66 -11.89 2.50
CA ILE A 42 -4.58 -12.25 1.10
C ILE A 42 -3.11 -12.38 0.65
N TRP A 43 -2.25 -11.51 1.17
CA TRP A 43 -0.83 -11.54 0.83
C TRP A 43 -0.18 -12.86 1.25
N ASN A 44 -0.66 -13.42 2.37
CA ASN A 44 -0.13 -14.67 2.89
C ASN A 44 -0.71 -15.89 2.17
N LYS A 45 -1.96 -15.78 1.72
CA LYS A 45 -2.63 -16.89 1.02
C LYS A 45 -2.27 -16.93 -0.46
N LEU A 46 -2.06 -15.75 -1.06
CA LEU A 46 -1.72 -15.66 -2.47
C LEU A 46 -0.22 -15.93 -2.71
N ASN A 47 0.56 -16.05 -1.63
CA ASN A 47 2.00 -16.29 -1.76
C ASN A 47 2.63 -15.24 -2.68
N VAL A 48 2.37 -13.98 -2.39
CA VAL A 48 2.91 -12.88 -3.19
C VAL A 48 3.88 -12.02 -2.38
N GLN A 49 4.51 -12.64 -1.36
CA GLN A 49 5.47 -11.94 -0.51
C GLN A 49 6.68 -11.46 -1.31
N ASP A 50 6.99 -12.18 -2.39
CA ASP A 50 8.11 -11.83 -3.26
C ASP A 50 7.67 -10.88 -4.38
N LYS A 51 6.38 -10.94 -4.73
CA LYS A 51 5.82 -10.10 -5.78
C LYS A 51 5.55 -8.69 -5.26
N VAL A 52 4.99 -8.58 -4.05
CA VAL A 52 4.67 -7.29 -3.45
C VAL A 52 5.41 -7.10 -2.13
N PHE A 53 5.63 -5.84 -1.75
CA PHE A 53 6.31 -5.53 -0.51
C PHE A 53 5.39 -4.74 0.41
N VAL A 54 4.99 -5.39 1.50
CA VAL A 54 4.11 -4.79 2.50
C VAL A 54 4.91 -4.28 3.70
N PHE A 55 4.61 -3.07 4.13
CA PHE A 55 5.29 -2.45 5.26
C PHE A 55 4.29 -1.90 6.28
N ASP A 56 4.51 -2.20 7.56
CA ASP A 56 3.63 -1.74 8.62
C ASP A 56 4.17 -0.46 9.27
N ILE A 57 3.26 0.39 9.74
CA ILE A 57 3.64 1.64 10.39
C ILE A 57 3.42 1.58 11.90
N GLY A 58 4.40 1.04 12.61
CA GLY A 58 4.30 0.93 14.06
C GLY A 58 5.49 1.54 14.80
N SER A 59 6.71 1.24 14.35
CA SER A 59 7.93 1.76 14.98
C SER A 59 7.95 3.28 14.96
N LEU A 60 7.52 3.87 13.84
CA LEU A 60 7.49 5.32 13.68
C LEU A 60 6.58 5.98 14.72
N PRO A 61 7.18 6.75 15.66
CA PRO A 61 6.43 7.44 16.72
C PRO A 61 5.53 8.55 16.17
N ARG A 62 4.92 9.32 17.07
CA ARG A 62 4.04 10.42 16.69
C ARG A 62 4.76 11.42 15.77
N ASN A 63 6.06 11.62 16.02
CA ASN A 63 6.86 12.54 15.22
C ASN A 63 6.88 12.13 13.75
N GLU A 64 7.23 10.87 13.49
CA GLU A 64 7.29 10.34 12.13
C GLU A 64 5.88 10.15 11.55
N GLN A 65 4.93 9.78 12.42
CA GLN A 65 3.54 9.57 11.99
C GLN A 65 3.01 10.82 11.28
N GLU A 66 3.30 12.00 11.85
CA GLU A 66 2.84 13.26 11.28
C GLU A 66 3.59 13.58 9.99
N LYS A 67 4.93 13.47 10.03
CA LYS A 67 5.75 13.75 8.86
C LYS A 67 5.35 12.88 7.67
N TRP A 68 5.20 11.58 7.90
CA TRP A 68 4.81 10.64 6.85
C TRP A 68 3.44 11.03 6.26
N ARG A 69 2.53 11.49 7.12
CA ARG A 69 1.20 11.89 6.67
C ARG A 69 1.28 13.05 5.68
N ILE A 70 1.99 14.11 6.06
CA ILE A 70 2.15 15.28 5.19
C ILE A 70 2.81 14.91 3.88
N ALA A 71 3.91 14.14 3.97
CA ALA A 71 4.64 13.70 2.79
C ALA A 71 3.74 12.88 1.85
N PHE A 72 3.09 11.86 2.40
CA PHE A 72 2.20 11.01 1.60
C PHE A 72 1.09 11.83 0.95
N GLN A 73 0.47 12.72 1.73
CA GLN A 73 -0.61 13.57 1.22
C GLN A 73 -0.09 14.50 0.13
N LYS A 74 1.21 14.83 0.17
CA LYS A 74 1.83 15.69 -0.83
C LYS A 74 2.16 14.90 -2.09
N VAL A 75 2.43 13.60 -1.94
CA VAL A 75 2.77 12.74 -3.06
C VAL A 75 1.53 12.28 -3.80
N VAL A 76 0.54 11.78 -3.05
CA VAL A 76 -0.70 11.30 -3.66
C VAL A 76 -1.93 12.06 -3.13
N GLY A 77 -1.93 12.37 -1.83
CA GLY A 77 -3.06 13.08 -1.23
C GLY A 77 -4.11 12.14 -0.72
N SER A 78 -3.68 11.04 -0.08
CA SER A 78 -4.59 10.05 0.46
C SER A 78 -4.63 10.13 1.99
N ARG A 79 -5.72 10.69 2.52
CA ARG A 79 -5.89 10.81 3.97
C ARG A 79 -6.66 9.62 4.53
N ASN A 80 -6.44 8.45 3.94
CA ASN A 80 -7.11 7.22 4.35
C ASN A 80 -6.10 6.13 4.73
N LEU A 81 -6.54 5.17 5.54
CA LEU A 81 -5.67 4.06 5.97
C LEU A 81 -6.46 2.76 6.05
N PRO A 82 -5.86 1.63 5.60
CA PRO A 82 -4.50 1.60 5.03
C PRO A 82 -4.45 2.17 3.60
N THR A 83 -3.24 2.22 3.04
CA THR A 83 -3.04 2.74 1.70
C THR A 83 -2.17 1.79 0.87
N ILE A 84 -2.55 1.58 -0.38
CA ILE A 84 -1.81 0.70 -1.29
C ILE A 84 -1.30 1.48 -2.50
N VAL A 85 0.02 1.64 -2.59
CA VAL A 85 0.65 2.37 -3.70
C VAL A 85 1.25 1.41 -4.72
N VAL A 86 0.81 1.51 -5.96
CA VAL A 86 1.29 0.66 -7.05
C VAL A 86 1.94 1.50 -8.15
N ASN A 87 3.19 1.17 -8.48
CA ASN A 87 3.93 1.90 -9.51
C ASN A 87 4.16 3.35 -9.10
N GLY A 88 4.37 3.59 -7.79
CA GLY A 88 4.59 4.93 -7.29
C GLY A 88 3.36 5.81 -7.43
N LYS A 89 2.21 5.28 -7.03
CA LYS A 89 0.95 6.02 -7.09
C LYS A 89 -0.19 5.20 -6.48
N PHE A 90 -1.01 5.85 -5.67
CA PHE A 90 -2.13 5.20 -5.01
C PHE A 90 -3.10 4.60 -6.03
N TRP A 91 -3.09 3.27 -6.14
CA TRP A 91 -3.95 2.56 -7.09
C TRP A 91 -4.80 1.48 -6.40
N GLY A 92 -4.72 1.37 -5.07
CA GLY A 92 -5.48 0.37 -4.35
C GLY A 92 -5.87 0.81 -2.95
N THR A 93 -7.10 0.47 -2.53
CA THR A 93 -7.59 0.82 -1.21
C THR A 93 -7.98 -0.42 -0.41
N GLU A 94 -8.47 -0.20 0.82
CA GLU A 94 -8.89 -1.30 1.69
C GLU A 94 -10.21 -1.89 1.17
N SER A 95 -11.13 -1.02 0.77
CA SER A 95 -12.43 -1.44 0.25
C SER A 95 -12.29 -2.06 -1.15
N GLN A 96 -11.34 -1.56 -1.93
CA GLN A 96 -11.11 -2.07 -3.29
C GLN A 96 -10.94 -3.59 -3.29
N LEU A 97 -10.27 -4.11 -2.25
CA LEU A 97 -10.03 -5.55 -2.14
C LEU A 97 -11.35 -6.33 -2.14
N HIS A 98 -12.20 -6.05 -1.17
CA HIS A 98 -13.50 -6.73 -1.07
C HIS A 98 -14.37 -6.43 -2.29
N ARG A 99 -14.26 -5.21 -2.82
CA ARG A 99 -15.04 -4.79 -3.99
C ARG A 99 -14.71 -5.68 -5.20
N PHE A 100 -13.44 -5.92 -5.43
CA PHE A 100 -12.99 -6.74 -6.56
C PHE A 100 -13.15 -8.23 -6.25
N GLU A 101 -12.81 -8.62 -5.02
CA GLU A 101 -12.93 -10.02 -4.60
C GLU A 101 -14.36 -10.51 -4.72
N ALA A 102 -15.31 -9.65 -4.32
CA ALA A 102 -16.73 -9.98 -4.38
C ALA A 102 -17.21 -10.16 -5.82
N LYS A 103 -16.77 -9.24 -6.70
CA LYS A 103 -17.14 -9.30 -8.11
C LYS A 103 -16.42 -10.43 -8.84
N GLY A 104 -15.22 -10.78 -8.36
CA GLY A 104 -14.45 -11.83 -8.99
C GLY A 104 -13.46 -11.32 -10.02
N THR A 105 -13.06 -10.05 -9.87
CA THR A 105 -12.11 -9.43 -10.81
C THR A 105 -10.74 -9.17 -10.15
N LEU A 106 -10.54 -9.71 -8.94
CA LEU A 106 -9.27 -9.53 -8.23
C LEU A 106 -8.12 -10.23 -8.95
N GLU A 107 -8.34 -11.50 -9.33
CA GLU A 107 -7.32 -12.27 -10.04
C GLU A 107 -6.97 -11.64 -11.39
N GLU A 108 -8.00 -11.26 -12.15
CA GLU A 108 -7.80 -10.64 -13.46
C GLU A 108 -6.93 -9.39 -13.35
N GLU A 109 -7.21 -8.57 -12.33
CA GLU A 109 -6.44 -7.35 -12.10
C GLU A 109 -5.04 -7.66 -11.57
N LEU A 110 -4.95 -8.66 -10.68
CA LEU A 110 -3.68 -9.07 -10.09
C LEU A 110 -2.65 -9.44 -11.16
N THR A 111 -3.10 -10.17 -12.18
CA THR A 111 -2.22 -10.57 -13.28
C THR A 111 -1.98 -9.41 -14.25
N LYS A 112 -2.98 -8.55 -14.41
CA LYS A 112 -2.89 -7.40 -15.31
C LYS A 112 -1.89 -6.36 -14.77
N ILE A 113 -1.95 -6.08 -13.47
CA ILE A 113 -1.07 -5.09 -12.84
C ILE A 113 0.40 -5.53 -12.91
N GLY A 114 0.64 -6.83 -13.04
CA GLY A 114 1.99 -7.35 -13.10
C GLY A 114 2.45 -7.96 -11.80
N LEU A 115 1.49 -8.42 -10.98
CA LEU A 115 1.80 -9.04 -9.69
C LEU A 115 2.21 -10.50 -9.87
N LEU A 116 1.42 -11.23 -10.67
CA LEU A 116 1.69 -12.64 -10.93
C LEU A 116 3.01 -12.80 -11.70
N PRO A 117 3.11 -12.21 -12.91
CA PRO A 117 4.33 -12.30 -13.73
C PRO A 117 5.48 -11.46 -13.17
N MET A 9 11.42 20.35 3.99
CA MET A 9 10.36 19.37 3.62
C MET A 9 10.88 18.30 2.67
N SER A 10 11.71 18.72 1.71
CA SER A 10 12.28 17.79 0.73
C SER A 10 12.97 16.61 1.41
N ALA A 11 13.59 16.87 2.56
CA ALA A 11 14.29 15.82 3.31
C ALA A 11 13.39 14.61 3.58
N PHE A 12 12.09 14.86 3.68
CA PHE A 12 11.13 13.78 3.93
C PHE A 12 10.33 13.44 2.67
N VAL A 13 9.97 14.46 1.89
CA VAL A 13 9.19 14.26 0.66
C VAL A 13 10.01 13.57 -0.42
N THR A 14 11.23 14.07 -0.66
CA THR A 14 12.12 13.50 -1.67
C THR A 14 12.44 12.05 -1.35
N LYS A 15 12.72 11.76 -0.08
CA LYS A 15 13.03 10.39 0.35
C LYS A 15 11.88 9.44 0.02
N ALA A 16 10.65 9.95 0.13
CA ALA A 16 9.46 9.15 -0.17
C ALA A 16 9.41 8.79 -1.65
N GLU A 17 9.61 9.79 -2.51
CA GLU A 17 9.59 9.58 -3.96
C GLU A 17 10.72 8.66 -4.39
N GLU A 18 11.86 8.74 -3.70
CA GLU A 18 13.01 7.90 -4.01
C GLU A 18 12.72 6.45 -3.64
N MET A 19 11.96 6.25 -2.57
CA MET A 19 11.61 4.90 -2.11
C MET A 19 10.71 4.18 -3.12
N ILE A 20 9.70 4.90 -3.63
CA ILE A 20 8.77 4.35 -4.59
C ILE A 20 9.42 4.20 -5.97
N LYS A 21 10.55 4.87 -6.17
CA LYS A 21 11.27 4.81 -7.45
C LYS A 21 11.72 3.38 -7.74
N SER A 22 12.58 2.85 -6.88
CA SER A 22 13.08 1.48 -7.04
C SER A 22 12.12 0.47 -6.43
N HIS A 23 11.26 0.93 -5.54
CA HIS A 23 10.27 0.07 -4.90
C HIS A 23 8.86 0.60 -5.13
N PRO A 24 8.39 0.56 -6.39
CA PRO A 24 7.05 1.04 -6.76
C PRO A 24 5.94 0.20 -6.13
N TYR A 25 6.25 -1.04 -5.77
CA TYR A 25 5.28 -1.93 -5.16
C TYR A 25 5.33 -1.82 -3.64
N PHE A 26 4.89 -0.66 -3.13
CA PHE A 26 4.89 -0.41 -1.69
C PHE A 26 3.47 -0.41 -1.13
N GLN A 27 3.31 -1.00 0.05
CA GLN A 27 1.99 -1.09 0.70
C GLN A 27 2.12 -0.88 2.20
N LEU A 28 1.55 0.21 2.71
CA LEU A 28 1.61 0.52 4.13
C LEU A 28 0.31 0.15 4.82
N SER A 29 0.42 -0.39 6.04
CA SER A 29 -0.74 -0.79 6.82
C SER A 29 -0.50 -0.59 8.32
N ALA A 30 -1.56 -0.23 9.04
CA ALA A 30 -1.47 -0.02 10.48
C ALA A 30 -1.67 -1.33 11.24
N SER A 31 -1.71 -1.24 12.57
CA SER A 31 -1.90 -2.42 13.41
C SER A 31 -3.15 -2.27 14.29
N TRP A 32 -4.27 -1.92 13.66
CA TRP A 32 -5.54 -1.74 14.38
C TRP A 32 -6.73 -1.96 13.46
N CYS A 33 -6.71 -1.31 12.29
CA CYS A 33 -7.80 -1.44 11.32
C CYS A 33 -7.84 -2.85 10.71
N PRO A 34 -9.05 -3.45 10.64
CA PRO A 34 -9.22 -4.80 10.07
C PRO A 34 -8.90 -4.86 8.58
N ASP A 35 -9.18 -3.78 7.85
CA ASP A 35 -8.90 -3.72 6.42
C ASP A 35 -7.42 -3.93 6.14
N CYS A 36 -6.57 -3.48 7.06
CA CYS A 36 -5.12 -3.61 6.92
C CYS A 36 -4.69 -5.07 7.02
N VAL A 37 -5.05 -5.72 8.13
CA VAL A 37 -4.70 -7.11 8.35
C VAL A 37 -5.32 -8.00 7.26
N TYR A 38 -6.53 -7.64 6.81
CA TYR A 38 -7.20 -8.40 5.76
C TYR A 38 -6.39 -8.37 4.46
N ALA A 39 -5.90 -7.18 4.10
CA ALA A 39 -5.10 -7.00 2.89
C ALA A 39 -3.86 -7.89 2.91
N ASN A 40 -3.22 -8.01 4.07
CA ASN A 40 -2.03 -8.84 4.22
C ASN A 40 -2.39 -10.31 4.25
N SER A 41 -3.60 -10.62 4.74
CA SER A 41 -4.06 -11.99 4.82
C SER A 41 -4.17 -12.62 3.43
N ILE A 42 -4.76 -11.86 2.49
CA ILE A 42 -4.93 -12.33 1.12
C ILE A 42 -3.58 -12.50 0.41
N TRP A 43 -2.69 -11.52 0.62
CA TRP A 43 -1.37 -11.56 0.00
C TRP A 43 -0.52 -12.68 0.59
N ASN A 44 -0.69 -12.94 1.89
CA ASN A 44 0.06 -13.99 2.57
C ASN A 44 -0.39 -15.38 2.10
N LYS A 45 -1.67 -15.50 1.75
CA LYS A 45 -2.22 -16.78 1.28
C LYS A 45 -1.84 -17.03 -0.18
N LEU A 46 -1.67 -15.95 -0.95
CA LEU A 46 -1.31 -16.06 -2.36
C LEU A 46 0.20 -16.29 -2.54
N ASN A 47 0.96 -16.21 -1.44
CA ASN A 47 2.41 -16.42 -1.50
C ASN A 47 3.05 -15.46 -2.50
N VAL A 48 2.68 -14.18 -2.40
CA VAL A 48 3.23 -13.16 -3.29
C VAL A 48 3.92 -12.05 -2.49
N GLN A 49 4.48 -12.41 -1.33
CA GLN A 49 5.18 -11.45 -0.48
C GLN A 49 6.55 -11.08 -1.05
N ASP A 50 7.07 -11.93 -1.95
CA ASP A 50 8.36 -11.70 -2.58
C ASP A 50 8.22 -10.79 -3.80
N LYS A 51 7.10 -10.95 -4.52
CA LYS A 51 6.82 -10.15 -5.71
C LYS A 51 6.43 -8.71 -5.35
N VAL A 52 5.88 -8.52 -4.13
CA VAL A 52 5.46 -7.21 -3.67
C VAL A 52 6.22 -6.81 -2.40
N PHE A 53 6.24 -5.52 -2.09
CA PHE A 53 6.92 -5.02 -0.90
C PHE A 53 5.94 -4.29 0.01
N VAL A 54 5.67 -4.89 1.15
CA VAL A 54 4.76 -4.32 2.14
C VAL A 54 5.50 -3.88 3.40
N PHE A 55 5.06 -2.75 3.97
CA PHE A 55 5.67 -2.21 5.18
C PHE A 55 4.61 -1.98 6.26
N ASP A 56 4.84 -2.58 7.43
CA ASP A 56 3.91 -2.45 8.56
C ASP A 56 4.30 -1.27 9.44
N ILE A 57 3.29 -0.60 9.99
CA ILE A 57 3.52 0.55 10.88
C ILE A 57 3.09 0.23 12.30
N GLY A 58 3.97 -0.44 13.04
CA GLY A 58 3.68 -0.80 14.42
C GLY A 58 4.81 -0.48 15.37
N SER A 59 5.69 0.45 14.99
CA SER A 59 6.83 0.84 15.82
C SER A 59 7.21 2.30 15.58
N LEU A 60 6.27 3.11 15.11
CA LEU A 60 6.51 4.53 14.85
C LEU A 60 5.20 5.27 14.52
N PRO A 61 4.22 5.25 15.44
CA PRO A 61 2.94 5.90 15.24
C PRO A 61 2.93 7.36 15.73
N ARG A 62 1.95 8.13 15.23
CA ARG A 62 1.78 9.54 15.60
C ARG A 62 2.97 10.40 15.16
N ASN A 63 4.09 10.29 15.88
CA ASN A 63 5.28 11.09 15.57
C ASN A 63 5.75 10.86 14.13
N GLU A 64 5.90 9.60 13.74
CA GLU A 64 6.34 9.27 12.39
C GLU A 64 5.16 9.30 11.42
N GLN A 65 3.95 9.04 11.93
CA GLN A 65 2.75 9.04 11.11
C GLN A 65 2.45 10.43 10.57
N GLU A 66 2.61 11.45 11.42
CA GLU A 66 2.36 12.82 11.01
C GLU A 66 3.26 13.22 9.82
N LYS A 67 4.52 12.79 9.88
CA LYS A 67 5.48 13.08 8.81
C LYS A 67 5.15 12.26 7.56
N TRP A 68 4.88 10.97 7.75
CA TRP A 68 4.55 10.09 6.64
C TRP A 68 3.28 10.55 5.93
N ARG A 69 2.33 11.09 6.71
CA ARG A 69 1.06 11.57 6.15
C ARG A 69 1.30 12.73 5.19
N ILE A 70 2.07 13.73 5.64
CA ILE A 70 2.36 14.90 4.81
C ILE A 70 3.08 14.48 3.53
N ALA A 71 3.97 13.50 3.64
CA ALA A 71 4.73 13.01 2.49
C ALA A 71 3.81 12.30 1.49
N PHE A 72 3.07 11.30 1.97
CA PHE A 72 2.16 10.54 1.12
C PHE A 72 1.09 11.46 0.51
N GLN A 73 0.64 12.44 1.29
CA GLN A 73 -0.37 13.39 0.81
C GLN A 73 0.17 14.23 -0.35
N LYS A 74 1.47 14.49 -0.33
CA LYS A 74 2.12 15.28 -1.37
C LYS A 74 2.37 14.44 -2.62
N VAL A 75 2.56 13.13 -2.43
CA VAL A 75 2.82 12.23 -3.55
C VAL A 75 1.52 11.83 -4.24
N VAL A 76 0.49 11.50 -3.44
CA VAL A 76 -0.79 11.10 -4.00
C VAL A 76 -1.95 11.95 -3.45
N GLY A 77 -1.91 12.24 -2.15
CA GLY A 77 -2.96 13.03 -1.53
C GLY A 77 -4.08 12.18 -0.98
N SER A 78 -3.73 11.01 -0.43
CA SER A 78 -4.70 10.10 0.14
C SER A 78 -4.57 10.03 1.66
N ARG A 79 -5.49 10.68 2.36
CA ARG A 79 -5.47 10.69 3.83
C ARG A 79 -6.32 9.55 4.39
N ASN A 80 -6.29 8.40 3.71
CA ASN A 80 -7.05 7.23 4.15
C ASN A 80 -6.17 5.98 4.21
N LEU A 81 -6.02 5.43 5.40
CA LEU A 81 -5.21 4.22 5.59
C LEU A 81 -6.10 2.98 5.70
N PRO A 82 -5.61 1.81 5.23
CA PRO A 82 -4.28 1.67 4.62
C PRO A 82 -4.21 2.23 3.21
N THR A 83 -3.01 2.23 2.64
CA THR A 83 -2.81 2.76 1.28
C THR A 83 -1.95 1.80 0.44
N ILE A 84 -2.38 1.55 -0.79
CA ILE A 84 -1.64 0.68 -1.70
C ILE A 84 -1.15 1.46 -2.92
N VAL A 85 0.16 1.65 -3.01
CA VAL A 85 0.75 2.38 -4.14
C VAL A 85 1.49 1.43 -5.09
N VAL A 86 1.10 1.46 -6.35
CA VAL A 86 1.70 0.62 -7.38
C VAL A 86 2.24 1.46 -8.53
N ASN A 87 3.52 1.25 -8.86
CA ASN A 87 4.16 1.99 -9.95
C ASN A 87 4.22 3.48 -9.63
N GLY A 88 4.44 3.81 -8.36
CA GLY A 88 4.51 5.21 -7.94
C GLY A 88 3.21 5.95 -8.16
N LYS A 89 2.11 5.36 -7.72
CA LYS A 89 0.79 5.96 -7.84
C LYS A 89 -0.27 5.11 -7.16
N PHE A 90 -1.17 5.77 -6.44
CA PHE A 90 -2.25 5.08 -5.73
C PHE A 90 -3.12 4.28 -6.68
N TRP A 91 -2.91 2.95 -6.71
CA TRP A 91 -3.67 2.07 -7.58
C TRP A 91 -4.53 1.08 -6.81
N GLY A 92 -4.32 0.98 -5.49
CA GLY A 92 -5.10 0.06 -4.69
C GLY A 92 -5.65 0.71 -3.43
N THR A 93 -6.87 0.33 -3.05
CA THR A 93 -7.51 0.89 -1.86
C THR A 93 -8.06 -0.23 -0.97
N GLU A 94 -8.28 0.08 0.31
CA GLU A 94 -8.83 -0.88 1.26
C GLU A 94 -10.17 -1.45 0.78
N SER A 95 -11.00 -0.57 0.21
CA SER A 95 -12.31 -0.99 -0.29
C SER A 95 -12.20 -1.72 -1.63
N GLN A 96 -11.17 -1.39 -2.41
CA GLN A 96 -10.95 -2.02 -3.71
C GLN A 96 -10.95 -3.55 -3.60
N LEU A 97 -10.50 -4.07 -2.47
CA LEU A 97 -10.45 -5.52 -2.26
C LEU A 97 -11.85 -6.09 -2.10
N HIS A 98 -12.66 -5.47 -1.24
CA HIS A 98 -14.03 -5.93 -0.99
C HIS A 98 -14.86 -5.91 -2.27
N ARG A 99 -14.90 -4.76 -2.96
CA ARG A 99 -15.66 -4.62 -4.19
C ARG A 99 -15.25 -5.66 -5.23
N PHE A 100 -13.95 -5.97 -5.28
CA PHE A 100 -13.43 -6.94 -6.23
C PHE A 100 -13.71 -8.36 -5.78
N GLU A 101 -13.53 -8.62 -4.48
CA GLU A 101 -13.77 -9.95 -3.91
C GLU A 101 -15.24 -10.35 -4.08
N ALA A 102 -16.14 -9.46 -3.70
CA ALA A 102 -17.58 -9.71 -3.81
C ALA A 102 -17.99 -9.94 -5.26
N LYS A 103 -17.48 -9.11 -6.17
CA LYS A 103 -17.78 -9.23 -7.59
C LYS A 103 -17.10 -10.43 -8.22
N GLY A 104 -15.95 -10.82 -7.66
CA GLY A 104 -15.21 -11.95 -8.19
C GLY A 104 -14.16 -11.51 -9.22
N THR A 105 -13.65 -10.29 -9.06
CA THR A 105 -12.64 -9.74 -9.98
C THR A 105 -11.26 -9.66 -9.31
N LEU A 106 -11.14 -10.20 -8.09
CA LEU A 106 -9.86 -10.18 -7.36
C LEU A 106 -8.77 -10.89 -8.17
N GLU A 107 -9.11 -12.06 -8.72
CA GLU A 107 -8.17 -12.84 -9.52
C GLU A 107 -7.74 -12.06 -10.76
N GLU A 108 -8.68 -11.33 -11.37
CA GLU A 108 -8.41 -10.53 -12.56
C GLU A 108 -7.43 -9.40 -12.25
N GLU A 109 -7.61 -8.74 -11.09
CA GLU A 109 -6.73 -7.65 -10.69
C GLU A 109 -5.28 -8.11 -10.59
N LEU A 110 -5.07 -9.28 -9.96
CA LEU A 110 -3.73 -9.84 -9.79
C LEU A 110 -3.04 -10.05 -11.14
N THR A 111 -3.80 -10.55 -12.12
CA THR A 111 -3.25 -10.79 -13.46
C THR A 111 -3.21 -9.49 -14.28
N LYS A 112 -4.17 -8.60 -14.02
CA LYS A 112 -4.25 -7.32 -14.71
C LYS A 112 -3.01 -6.47 -14.45
N ILE A 113 -2.57 -6.43 -13.19
CA ILE A 113 -1.39 -5.65 -12.82
C ILE A 113 -0.11 -6.20 -13.46
N GLY A 114 -0.15 -7.48 -13.85
CA GLY A 114 1.01 -8.10 -14.46
C GLY A 114 1.88 -8.83 -13.46
N LEU A 115 1.28 -9.29 -12.35
CA LEU A 115 2.02 -10.02 -11.32
C LEU A 115 2.05 -11.52 -11.63
N LEU A 116 0.90 -12.06 -12.04
CA LEU A 116 0.79 -13.48 -12.36
C LEU A 116 1.67 -13.84 -13.57
N PRO A 117 1.46 -13.16 -14.72
CA PRO A 117 2.24 -13.42 -15.94
C PRO A 117 3.63 -12.79 -15.89
N MET A 9 11.60 21.69 1.55
CA MET A 9 10.68 20.60 2.01
C MET A 9 10.81 19.33 1.16
N SER A 10 12.01 19.08 0.64
CA SER A 10 12.25 17.90 -0.19
C SER A 10 12.93 16.78 0.62
N ALA A 11 12.76 16.81 1.95
CA ALA A 11 13.35 15.79 2.81
C ALA A 11 12.65 14.46 2.64
N PHE A 12 11.33 14.51 2.49
CA PHE A 12 10.53 13.30 2.31
C PHE A 12 10.08 13.14 0.85
N VAL A 13 9.94 14.26 0.13
CA VAL A 13 9.51 14.23 -1.27
C VAL A 13 10.50 13.45 -2.13
N THR A 14 11.76 13.87 -2.12
CA THR A 14 12.81 13.21 -2.89
C THR A 14 12.99 11.76 -2.44
N LYS A 15 13.05 11.54 -1.13
CA LYS A 15 13.22 10.20 -0.58
C LYS A 15 12.04 9.30 -0.96
N ALA A 16 10.84 9.87 -0.99
CA ALA A 16 9.63 9.11 -1.35
C ALA A 16 9.75 8.57 -2.77
N GLU A 17 10.15 9.44 -3.71
CA GLU A 17 10.30 9.03 -5.11
C GLU A 17 11.30 7.89 -5.24
N GLU A 18 12.40 7.98 -4.49
CA GLU A 18 13.42 6.93 -4.52
C GLU A 18 12.86 5.61 -3.99
N MET A 19 11.98 5.70 -2.98
CA MET A 19 11.37 4.52 -2.39
C MET A 19 10.46 3.81 -3.40
N ILE A 20 9.60 4.59 -4.08
CA ILE A 20 8.70 4.04 -5.07
C ILE A 20 9.41 3.66 -6.36
N LYS A 21 10.64 4.18 -6.54
CA LYS A 21 11.42 3.89 -7.74
C LYS A 21 11.78 2.40 -7.80
N SER A 22 12.57 1.95 -6.82
CA SER A 22 12.99 0.55 -6.76
C SER A 22 11.94 -0.30 -6.03
N HIS A 23 11.17 0.34 -5.15
CA HIS A 23 10.13 -0.35 -4.40
C HIS A 23 8.75 0.29 -4.68
N PRO A 24 8.28 0.24 -5.94
CA PRO A 24 6.98 0.81 -6.31
C PRO A 24 5.80 0.06 -5.68
N TYR A 25 6.04 -1.16 -5.21
CA TYR A 25 5.01 -1.96 -4.58
C TYR A 25 4.94 -1.67 -3.09
N PHE A 26 4.40 -0.51 -2.74
CA PHE A 26 4.28 -0.10 -1.34
C PHE A 26 2.83 -0.21 -0.87
N GLN A 27 2.66 -0.68 0.37
CA GLN A 27 1.33 -0.84 0.95
C GLN A 27 1.32 -0.46 2.43
N LEU A 28 0.89 0.77 2.72
CA LEU A 28 0.85 1.25 4.10
C LEU A 28 -0.33 0.64 4.85
N SER A 29 -0.04 0.08 6.02
CA SER A 29 -1.07 -0.55 6.84
C SER A 29 -0.82 -0.33 8.32
N ALA A 30 -1.66 -0.93 9.17
CA ALA A 30 -1.53 -0.79 10.61
C ALA A 30 -1.63 -2.14 11.30
N SER A 31 -0.51 -2.63 11.82
CA SER A 31 -0.47 -3.93 12.52
C SER A 31 -1.58 -4.03 13.57
N TRP A 32 -1.91 -2.90 14.20
CA TRP A 32 -2.95 -2.87 15.23
C TRP A 32 -4.35 -2.96 14.61
N CYS A 33 -4.55 -2.27 13.48
CA CYS A 33 -5.83 -2.28 12.79
C CYS A 33 -6.09 -3.61 12.09
N PRO A 34 -7.32 -4.15 12.20
CA PRO A 34 -7.70 -5.43 11.56
C PRO A 34 -7.45 -5.45 10.06
N ASP A 35 -7.43 -4.27 9.44
CA ASP A 35 -7.21 -4.15 8.00
C ASP A 35 -5.89 -4.81 7.60
N CYS A 36 -4.86 -4.66 8.43
CA CYS A 36 -3.56 -5.26 8.16
C CYS A 36 -3.67 -6.78 8.15
N VAL A 37 -4.46 -7.32 9.08
CA VAL A 37 -4.66 -8.76 9.18
C VAL A 37 -5.32 -9.32 7.90
N TYR A 38 -6.31 -8.57 7.38
CA TYR A 38 -7.01 -8.97 6.17
C TYR A 38 -6.07 -8.94 4.95
N ALA A 39 -5.32 -7.84 4.83
CA ALA A 39 -4.38 -7.68 3.71
C ALA A 39 -3.30 -8.76 3.72
N ASN A 40 -2.82 -9.10 4.93
CA ASN A 40 -1.78 -10.12 5.07
C ASN A 40 -2.37 -11.52 4.88
N SER A 41 -3.64 -11.69 5.24
CA SER A 41 -4.30 -12.98 5.10
C SER A 41 -4.38 -13.40 3.63
N ILE A 42 -4.83 -12.48 2.78
CA ILE A 42 -4.94 -12.76 1.35
C ILE A 42 -3.56 -12.95 0.73
N TRP A 43 -2.60 -12.15 1.17
CA TRP A 43 -1.23 -12.23 0.67
C TRP A 43 -0.57 -13.54 1.08
N ASN A 44 -0.91 -14.04 2.27
CA ASN A 44 -0.35 -15.30 2.77
C ASN A 44 -0.83 -16.49 1.93
N LYS A 45 -2.06 -16.42 1.43
CA LYS A 45 -2.62 -17.48 0.62
C LYS A 45 -2.17 -17.37 -0.83
N LEU A 46 -1.96 -16.14 -1.30
CA LEU A 46 -1.52 -15.89 -2.67
C LEU A 46 0.00 -16.00 -2.80
N ASN A 47 0.71 -16.12 -1.67
CA ASN A 47 2.17 -16.23 -1.67
C ASN A 47 2.79 -15.07 -2.45
N VAL A 48 2.36 -13.85 -2.15
CA VAL A 48 2.89 -12.65 -2.82
C VAL A 48 3.47 -11.66 -1.81
N GLN A 49 3.98 -12.18 -0.70
CA GLN A 49 4.58 -11.35 0.35
C GLN A 49 5.90 -10.74 -0.12
N ASP A 50 6.65 -11.50 -0.93
CA ASP A 50 7.93 -11.03 -1.45
C ASP A 50 7.74 -10.17 -2.69
N LYS A 51 6.71 -10.49 -3.48
CA LYS A 51 6.41 -9.74 -4.71
C LYS A 51 5.95 -8.31 -4.39
N VAL A 52 5.48 -8.09 -3.16
CA VAL A 52 5.01 -6.76 -2.74
C VAL A 52 5.73 -6.33 -1.46
N PHE A 53 5.70 -5.02 -1.17
CA PHE A 53 6.36 -4.49 0.02
C PHE A 53 5.36 -3.72 0.87
N VAL A 54 5.04 -4.28 2.03
CA VAL A 54 4.11 -3.65 2.96
C VAL A 54 4.84 -2.87 4.05
N PHE A 55 4.28 -1.72 4.42
CA PHE A 55 4.88 -0.87 5.45
C PHE A 55 3.86 -0.54 6.53
N ASP A 56 3.88 -1.30 7.62
CA ASP A 56 2.96 -1.09 8.73
C ASP A 56 3.53 -0.07 9.72
N ILE A 57 2.65 0.76 10.30
CA ILE A 57 3.07 1.77 11.25
C ILE A 57 2.08 1.87 12.42
N GLY A 58 2.43 1.24 13.54
CA GLY A 58 1.58 1.26 14.72
C GLY A 58 2.19 2.03 15.88
N SER A 59 3.03 3.02 15.58
CA SER A 59 3.67 3.84 16.60
C SER A 59 3.84 5.28 16.15
N LEU A 60 4.92 5.54 15.39
CA LEU A 60 5.21 6.88 14.88
C LEU A 60 5.39 7.88 16.01
N PRO A 61 6.64 8.29 16.29
CA PRO A 61 6.97 9.24 17.36
C PRO A 61 6.42 10.66 17.11
N ARG A 62 5.09 10.77 17.03
CA ARG A 62 4.42 12.06 16.82
C ARG A 62 4.80 12.69 15.47
N ASN A 63 6.02 13.21 15.37
CA ASN A 63 6.50 13.85 14.14
C ASN A 63 6.36 12.92 12.94
N GLU A 64 6.72 11.65 13.12
CA GLU A 64 6.63 10.66 12.05
C GLU A 64 5.19 10.51 11.55
N GLN A 65 4.25 10.48 12.47
CA GLN A 65 2.83 10.35 12.13
C GLN A 65 2.40 11.45 11.17
N GLU A 66 2.83 12.68 11.44
CA GLU A 66 2.49 13.82 10.59
C GLU A 66 3.37 13.86 9.34
N LYS A 67 4.58 13.30 9.44
CA LYS A 67 5.51 13.29 8.31
C LYS A 67 4.99 12.41 7.17
N TRP A 68 4.52 11.20 7.49
CA TRP A 68 4.01 10.28 6.48
C TRP A 68 2.66 10.73 5.92
N ARG A 69 1.78 11.22 6.79
CA ARG A 69 0.45 11.67 6.37
C ARG A 69 0.53 12.77 5.30
N ILE A 70 1.48 13.69 5.47
CA ILE A 70 1.65 14.79 4.52
C ILE A 70 2.42 14.32 3.28
N ALA A 71 3.46 13.51 3.50
CA ALA A 71 4.27 12.99 2.40
C ALA A 71 3.43 12.17 1.43
N PHE A 72 2.73 11.17 1.96
CA PHE A 72 1.88 10.31 1.13
C PHE A 72 0.82 11.11 0.39
N GLN A 73 0.22 12.09 1.07
CA GLN A 73 -0.80 12.94 0.47
C GLN A 73 -0.24 13.73 -0.71
N LYS A 74 1.05 14.07 -0.63
CA LYS A 74 1.72 14.82 -1.68
C LYS A 74 2.11 13.91 -2.85
N VAL A 75 2.39 12.64 -2.55
CA VAL A 75 2.78 11.68 -3.58
C VAL A 75 1.55 11.17 -4.35
N VAL A 76 0.47 10.88 -3.62
CA VAL A 76 -0.75 10.38 -4.25
C VAL A 76 -2.00 11.08 -3.71
N GLY A 77 -2.08 11.25 -2.39
CA GLY A 77 -3.23 11.90 -1.79
C GLY A 77 -4.07 10.94 -0.96
N SER A 78 -3.40 10.16 -0.11
CA SER A 78 -4.09 9.21 0.75
C SER A 78 -3.88 9.55 2.22
N ARG A 79 -4.85 10.26 2.79
CA ARG A 79 -4.77 10.66 4.21
C ARG A 79 -5.39 9.60 5.12
N ASN A 80 -5.43 8.35 4.65
CA ASN A 80 -6.00 7.25 5.42
C ASN A 80 -5.19 5.97 5.24
N LEU A 81 -5.50 4.95 6.05
CA LEU A 81 -4.80 3.66 5.98
C LEU A 81 -5.74 2.51 6.31
N PRO A 82 -5.49 1.30 5.75
CA PRO A 82 -4.35 1.05 4.84
C PRO A 82 -4.59 1.59 3.43
N THR A 83 -3.56 1.53 2.60
CA THR A 83 -3.65 1.98 1.22
C THR A 83 -2.54 1.36 0.36
N ILE A 84 -2.90 0.90 -0.83
CA ILE A 84 -1.94 0.27 -1.73
C ILE A 84 -1.56 1.21 -2.88
N VAL A 85 -0.26 1.37 -3.10
CA VAL A 85 0.24 2.23 -4.17
C VAL A 85 1.14 1.45 -5.13
N VAL A 86 0.88 1.59 -6.42
CA VAL A 86 1.67 0.89 -7.45
C VAL A 86 2.25 1.87 -8.46
N ASN A 87 3.57 1.81 -8.65
CA ASN A 87 4.27 2.68 -9.58
C ASN A 87 4.15 4.15 -9.16
N GLY A 88 4.22 4.40 -7.85
CA GLY A 88 4.11 5.75 -7.33
C GLY A 88 2.79 6.40 -7.66
N LYS A 89 1.69 5.69 -7.38
CA LYS A 89 0.36 6.18 -7.65
C LYS A 89 -0.70 5.26 -7.06
N PHE A 90 -1.70 5.84 -6.41
CA PHE A 90 -2.78 5.09 -5.78
C PHE A 90 -3.48 4.18 -6.79
N TRP A 91 -3.32 2.88 -6.59
CA TRP A 91 -3.94 1.89 -7.47
C TRP A 91 -5.17 1.28 -6.80
N GLY A 92 -5.16 1.21 -5.46
CA GLY A 92 -6.28 0.65 -4.73
C GLY A 92 -6.14 0.77 -3.23
N THR A 93 -7.26 0.63 -2.51
CA THR A 93 -7.27 0.74 -1.05
C THR A 93 -7.97 -0.47 -0.41
N GLU A 94 -8.13 -0.43 0.92
CA GLU A 94 -8.77 -1.49 1.67
C GLU A 94 -10.18 -1.78 1.15
N SER A 95 -10.95 -0.72 0.89
CA SER A 95 -12.32 -0.87 0.40
C SER A 95 -12.33 -1.50 -0.99
N GLN A 96 -11.34 -1.12 -1.81
CA GLN A 96 -11.22 -1.65 -3.16
C GLN A 96 -11.03 -3.17 -3.14
N LEU A 97 -10.39 -3.68 -2.08
CA LEU A 97 -10.15 -5.12 -1.95
C LEU A 97 -11.46 -5.90 -1.96
N HIS A 98 -12.35 -5.57 -1.03
CA HIS A 98 -13.65 -6.25 -0.94
C HIS A 98 -14.46 -6.04 -2.22
N ARG A 99 -14.38 -4.83 -2.79
CA ARG A 99 -15.11 -4.51 -4.01
C ARG A 99 -14.57 -5.31 -5.20
N PHE A 100 -13.25 -5.44 -5.28
CA PHE A 100 -12.62 -6.20 -6.37
C PHE A 100 -12.82 -7.70 -6.18
N GLU A 101 -12.75 -8.16 -4.93
CA GLU A 101 -12.92 -9.58 -4.62
C GLU A 101 -14.35 -10.02 -4.88
N ALA A 102 -15.30 -9.30 -4.29
CA ALA A 102 -16.72 -9.60 -4.44
C ALA A 102 -17.16 -9.51 -5.91
N LYS A 103 -16.58 -8.56 -6.64
CA LYS A 103 -16.91 -8.37 -8.05
C LYS A 103 -16.30 -9.46 -8.91
N GLY A 104 -15.16 -10.01 -8.46
CA GLY A 104 -14.48 -11.05 -9.21
C GLY A 104 -13.48 -10.49 -10.20
N THR A 105 -12.99 -9.27 -9.95
CA THR A 105 -12.02 -8.62 -10.83
C THR A 105 -10.66 -8.43 -10.14
N LEU A 106 -10.54 -8.90 -8.89
CA LEU A 106 -9.29 -8.76 -8.14
C LEU A 106 -8.15 -9.49 -8.85
N GLU A 107 -8.32 -10.79 -9.09
CA GLU A 107 -7.30 -11.59 -9.78
C GLU A 107 -7.13 -11.15 -11.23
N GLU A 108 -8.26 -10.80 -11.87
CA GLU A 108 -8.25 -10.35 -13.26
C GLU A 108 -7.40 -9.09 -13.42
N GLU A 109 -7.68 -8.08 -12.61
CA GLU A 109 -6.94 -6.82 -12.65
C GLU A 109 -5.46 -7.03 -12.30
N LEU A 110 -5.20 -7.98 -11.39
CA LEU A 110 -3.84 -8.29 -10.96
C LEU A 110 -2.99 -8.77 -12.14
N THR A 111 -3.57 -9.65 -12.97
CA THR A 111 -2.86 -10.18 -14.13
C THR A 111 -2.66 -9.08 -15.19
N LYS A 112 -3.58 -8.11 -15.23
CA LYS A 112 -3.49 -7.01 -16.20
C LYS A 112 -2.18 -6.23 -16.01
N ILE A 113 -1.91 -5.80 -14.77
CA ILE A 113 -0.70 -5.05 -14.47
C ILE A 113 0.55 -5.94 -14.54
N GLY A 114 0.37 -7.24 -14.33
CA GLY A 114 1.49 -8.16 -14.36
C GLY A 114 1.91 -8.65 -13.00
N LEU A 115 0.98 -8.59 -12.03
CA LEU A 115 1.27 -9.03 -10.67
C LEU A 115 1.04 -10.54 -10.53
N LEU A 116 -0.13 -11.00 -10.97
CA LEU A 116 -0.48 -12.42 -10.91
C LEU A 116 -0.29 -13.07 -12.27
N PRO A 117 0.26 -14.30 -12.30
CA PRO A 117 0.51 -15.04 -13.55
C PRO A 117 -0.75 -15.19 -14.40
N MET A 9 12.96 21.12 4.16
CA MET A 9 11.91 20.24 3.57
C MET A 9 12.47 19.37 2.45
N SER A 10 11.58 18.68 1.73
CA SER A 10 11.97 17.79 0.64
C SER A 10 12.80 16.61 1.16
N ALA A 11 12.67 16.31 2.45
CA ALA A 11 13.40 15.20 3.05
C ALA A 11 12.60 13.91 2.93
N PHE A 12 11.26 14.04 2.91
CA PHE A 12 10.38 12.89 2.77
C PHE A 12 9.82 12.80 1.35
N VAL A 13 9.63 13.95 0.70
CA VAL A 13 9.10 13.98 -0.66
C VAL A 13 10.05 13.31 -1.64
N THR A 14 11.29 13.80 -1.70
CA THR A 14 12.30 13.25 -2.60
C THR A 14 12.56 11.78 -2.29
N LYS A 15 12.69 11.44 -1.00
CA LYS A 15 12.93 10.05 -0.58
C LYS A 15 11.78 9.15 -1.00
N ALA A 16 10.56 9.71 -0.98
CA ALA A 16 9.37 8.95 -1.35
C ALA A 16 9.41 8.57 -2.83
N GLU A 17 10.05 9.40 -3.65
CA GLU A 17 10.17 9.13 -5.08
C GLU A 17 11.25 8.08 -5.35
N GLU A 18 12.24 8.00 -4.47
CA GLU A 18 13.32 7.02 -4.61
C GLU A 18 12.83 5.61 -4.29
N MET A 19 11.93 5.50 -3.31
CA MET A 19 11.39 4.19 -2.92
C MET A 19 10.47 3.62 -3.98
N ILE A 20 9.62 4.46 -4.58
CA ILE A 20 8.70 4.02 -5.62
C ILE A 20 9.44 3.77 -6.94
N LYS A 21 10.63 4.34 -7.08
CA LYS A 21 11.43 4.18 -8.29
C LYS A 21 11.82 2.71 -8.50
N SER A 22 12.58 2.16 -7.55
CA SER A 22 13.03 0.77 -7.64
C SER A 22 12.00 -0.17 -7.02
N HIS A 23 11.13 0.36 -6.17
CA HIS A 23 10.10 -0.45 -5.52
C HIS A 23 8.72 0.18 -5.71
N PRO A 24 8.19 0.14 -6.95
CA PRO A 24 6.87 0.71 -7.27
C PRO A 24 5.72 -0.04 -6.59
N TYR A 25 5.97 -1.30 -6.21
CA TYR A 25 4.96 -2.12 -5.54
C TYR A 25 5.05 -1.92 -4.02
N PHE A 26 4.64 -0.74 -3.56
CA PHE A 26 4.68 -0.42 -2.13
C PHE A 26 3.28 -0.44 -1.52
N GLN A 27 3.18 -0.96 -0.30
CA GLN A 27 1.90 -1.05 0.41
C GLN A 27 2.08 -0.78 1.90
N LEU A 28 1.64 0.39 2.35
CA LEU A 28 1.76 0.77 3.75
C LEU A 28 0.54 0.31 4.55
N SER A 29 0.79 -0.45 5.62
CA SER A 29 -0.29 -0.97 6.47
C SER A 29 0.11 -0.91 7.94
N ALA A 30 -0.84 -1.21 8.82
CA ALA A 30 -0.59 -1.20 10.26
C ALA A 30 -1.64 -2.01 11.01
N SER A 31 -1.23 -2.67 12.10
CA SER A 31 -2.14 -3.48 12.90
C SER A 31 -3.03 -2.58 13.77
N TRP A 32 -4.02 -1.96 13.15
CA TRP A 32 -4.95 -1.08 13.85
C TRP A 32 -6.37 -1.24 13.30
N CYS A 33 -6.51 -1.09 11.99
CA CYS A 33 -7.81 -1.23 11.34
C CYS A 33 -8.08 -2.67 10.94
N PRO A 34 -9.34 -3.14 11.07
CA PRO A 34 -9.73 -4.51 10.72
C PRO A 34 -9.35 -4.88 9.28
N ASP A 35 -9.42 -3.90 8.37
CA ASP A 35 -9.09 -4.12 6.98
C ASP A 35 -7.59 -4.42 6.79
N CYS A 36 -6.76 -3.80 7.62
CA CYS A 36 -5.31 -4.01 7.53
C CYS A 36 -4.96 -5.49 7.70
N VAL A 37 -5.48 -6.10 8.78
CA VAL A 37 -5.24 -7.52 9.04
C VAL A 37 -5.73 -8.38 7.87
N TYR A 38 -6.90 -8.02 7.33
CA TYR A 38 -7.49 -8.74 6.21
C TYR A 38 -6.54 -8.73 5.00
N ALA A 39 -6.05 -7.54 4.66
CA ALA A 39 -5.13 -7.38 3.52
C ALA A 39 -3.90 -8.27 3.67
N ASN A 40 -3.36 -8.35 4.88
CA ASN A 40 -2.18 -9.17 5.15
C ASN A 40 -2.55 -10.65 5.11
N SER A 41 -3.77 -10.97 5.52
CA SER A 41 -4.25 -12.34 5.54
C SER A 41 -4.26 -12.94 4.13
N ILE A 42 -4.76 -12.16 3.17
CA ILE A 42 -4.85 -12.62 1.77
C ILE A 42 -3.46 -12.88 1.19
N TRP A 43 -2.55 -11.92 1.33
CA TRP A 43 -1.19 -12.06 0.81
C TRP A 43 -0.44 -13.17 1.53
N ASN A 44 -0.75 -13.37 2.82
CA ASN A 44 -0.11 -14.40 3.62
C ASN A 44 -0.50 -15.79 3.11
N LYS A 45 -1.76 -15.95 2.69
CA LYS A 45 -2.25 -17.22 2.18
C LYS A 45 -1.90 -17.41 0.70
N LEU A 46 -1.76 -16.32 -0.03
CA LEU A 46 -1.43 -16.39 -1.46
C LEU A 46 0.07 -16.60 -1.69
N ASN A 47 0.87 -16.53 -0.62
CA ASN A 47 2.32 -16.72 -0.72
C ASN A 47 2.92 -15.78 -1.77
N VAL A 48 2.56 -14.50 -1.69
CA VAL A 48 3.07 -13.49 -2.62
C VAL A 48 3.69 -12.30 -1.89
N GLN A 49 4.41 -12.58 -0.79
CA GLN A 49 5.05 -11.54 0.01
C GLN A 49 6.51 -11.32 -0.45
N ASP A 50 6.84 -11.81 -1.64
CA ASP A 50 8.19 -11.66 -2.18
C ASP A 50 8.19 -10.75 -3.40
N LYS A 51 7.19 -10.95 -4.28
CA LYS A 51 7.07 -10.14 -5.49
C LYS A 51 6.62 -8.71 -5.17
N VAL A 52 5.93 -8.53 -4.03
CA VAL A 52 5.44 -7.22 -3.60
C VAL A 52 6.25 -6.71 -2.41
N PHE A 53 6.25 -5.39 -2.20
CA PHE A 53 6.96 -4.79 -1.09
C PHE A 53 5.98 -4.13 -0.12
N VAL A 54 5.87 -4.72 1.06
CA VAL A 54 4.99 -4.22 2.10
C VAL A 54 5.78 -3.51 3.19
N PHE A 55 5.30 -2.34 3.61
CA PHE A 55 5.96 -1.55 4.65
C PHE A 55 5.01 -1.33 5.84
N ASP A 56 5.16 -2.15 6.87
CA ASP A 56 4.33 -2.05 8.06
C ASP A 56 4.89 -1.00 9.02
N ILE A 57 4.02 -0.12 9.51
CA ILE A 57 4.44 0.94 10.43
C ILE A 57 3.69 0.84 11.75
N GLY A 58 4.27 0.10 12.70
CA GLY A 58 3.67 -0.07 14.01
C GLY A 58 4.57 0.35 15.16
N SER A 59 5.67 1.06 14.83
CA SER A 59 6.62 1.51 15.85
C SER A 59 7.02 2.96 15.60
N LEU A 60 6.02 3.85 15.54
CA LEU A 60 6.27 5.28 15.30
C LEU A 60 5.92 6.09 16.55
N PRO A 61 6.73 7.10 16.89
CA PRO A 61 6.51 7.94 18.08
C PRO A 61 5.48 9.06 17.87
N ARG A 62 4.34 8.73 17.27
CA ARG A 62 3.26 9.70 17.02
C ARG A 62 3.67 10.77 16.00
N ASN A 63 4.75 11.50 16.30
CA ASN A 63 5.24 12.55 15.40
C ASN A 63 5.45 12.00 13.98
N GLU A 64 5.85 10.73 13.89
CA GLU A 64 6.08 10.11 12.59
C GLU A 64 4.76 9.88 11.86
N GLN A 65 3.71 9.48 12.60
CA GLN A 65 2.40 9.23 12.02
C GLN A 65 1.87 10.48 11.32
N GLU A 66 1.88 11.61 12.03
CA GLU A 66 1.41 12.87 11.48
C GLU A 66 2.18 13.24 10.21
N LYS A 67 3.50 13.01 10.23
CA LYS A 67 4.35 13.29 9.08
C LYS A 67 4.00 12.37 7.91
N TRP A 68 3.70 11.11 8.21
CA TRP A 68 3.34 10.14 7.18
C TRP A 68 2.07 10.56 6.44
N ARG A 69 1.06 10.99 7.18
CA ARG A 69 -0.21 11.43 6.59
C ARG A 69 0.02 12.58 5.61
N ILE A 70 0.88 13.52 5.99
CA ILE A 70 1.18 14.68 5.14
C ILE A 70 2.05 14.27 3.95
N ALA A 71 3.08 13.45 4.21
CA ALA A 71 3.98 13.00 3.17
C ALA A 71 3.25 12.18 2.11
N PHE A 72 2.49 11.18 2.54
CA PHE A 72 1.72 10.34 1.62
C PHE A 72 0.71 11.17 0.84
N GLN A 73 0.15 12.19 1.48
CA GLN A 73 -0.83 13.06 0.83
C GLN A 73 -0.19 13.81 -0.35
N LYS A 74 1.11 14.09 -0.25
CA LYS A 74 1.83 14.81 -1.30
C LYS A 74 2.22 13.85 -2.43
N VAL A 75 2.45 12.58 -2.10
CA VAL A 75 2.83 11.57 -3.09
C VAL A 75 1.61 11.03 -3.84
N VAL A 76 0.55 10.71 -3.09
CA VAL A 76 -0.67 10.19 -3.70
C VAL A 76 -1.90 11.04 -3.35
N GLY A 77 -2.00 11.47 -2.09
CA GLY A 77 -3.14 12.28 -1.66
C GLY A 77 -4.17 11.47 -0.91
N SER A 78 -3.71 10.56 -0.04
CA SER A 78 -4.61 9.72 0.75
C SER A 78 -4.45 10.01 2.24
N ARG A 79 -5.52 10.53 2.85
CA ARG A 79 -5.51 10.85 4.28
C ARG A 79 -6.13 9.71 5.08
N ASN A 80 -5.82 8.47 4.69
CA ASN A 80 -6.35 7.29 5.36
C ASN A 80 -5.43 6.07 5.15
N LEU A 81 -5.54 5.08 6.03
CA LEU A 81 -4.73 3.86 5.94
C LEU A 81 -5.61 2.60 5.96
N PRO A 82 -5.15 1.50 5.34
CA PRO A 82 -3.85 1.44 4.66
C PRO A 82 -3.85 2.12 3.29
N THR A 83 -2.66 2.20 2.68
CA THR A 83 -2.52 2.84 1.37
C THR A 83 -1.78 1.91 0.40
N ILE A 84 -2.44 1.60 -0.73
CA ILE A 84 -1.84 0.73 -1.74
C ILE A 84 -1.40 1.54 -2.96
N VAL A 85 -0.09 1.64 -3.17
CA VAL A 85 0.47 2.38 -4.30
C VAL A 85 1.15 1.45 -5.29
N VAL A 86 0.64 1.43 -6.53
CA VAL A 86 1.19 0.57 -7.58
C VAL A 86 1.77 1.40 -8.72
N ASN A 87 3.05 1.21 -9.01
CA ASN A 87 3.73 1.94 -10.09
C ASN A 87 3.78 3.44 -9.78
N GLY A 88 4.01 3.78 -8.50
CA GLY A 88 4.08 5.16 -8.10
C GLY A 88 2.78 5.91 -8.33
N LYS A 89 1.67 5.33 -7.88
CA LYS A 89 0.36 5.93 -8.03
C LYS A 89 -0.70 5.10 -7.30
N PHE A 90 -1.59 5.80 -6.60
CA PHE A 90 -2.67 5.15 -5.85
C PHE A 90 -3.50 4.24 -6.73
N TRP A 91 -3.31 2.93 -6.56
CA TRP A 91 -4.03 1.94 -7.35
C TRP A 91 -5.00 1.12 -6.48
N GLY A 92 -4.72 1.04 -5.17
CA GLY A 92 -5.58 0.27 -4.29
C GLY A 92 -6.01 1.03 -3.04
N THR A 93 -7.22 0.73 -2.56
CA THR A 93 -7.76 1.38 -1.35
C THR A 93 -8.17 0.33 -0.30
N GLU A 94 -8.59 0.83 0.87
CA GLU A 94 -9.02 -0.07 1.95
C GLU A 94 -10.37 -0.72 1.63
N SER A 95 -11.19 -0.05 0.81
CA SER A 95 -12.50 -0.59 0.44
C SER A 95 -12.43 -1.35 -0.88
N GLN A 96 -11.51 -0.95 -1.76
CA GLN A 96 -11.35 -1.61 -3.07
C GLN A 96 -11.07 -3.10 -2.91
N LEU A 97 -10.32 -3.48 -1.87
CA LEU A 97 -9.99 -4.87 -1.63
C LEU A 97 -11.25 -5.74 -1.50
N HIS A 98 -12.25 -5.21 -0.79
CA HIS A 98 -13.51 -5.93 -0.60
C HIS A 98 -14.38 -5.83 -1.84
N ARG A 99 -14.33 -4.68 -2.53
CA ARG A 99 -15.12 -4.48 -3.74
C ARG A 99 -14.61 -5.32 -4.90
N PHE A 100 -13.30 -5.22 -5.16
CA PHE A 100 -12.66 -5.97 -6.24
C PHE A 100 -12.84 -7.47 -6.07
N GLU A 101 -12.75 -7.93 -4.82
CA GLU A 101 -12.91 -9.36 -4.51
C GLU A 101 -14.30 -9.83 -4.89
N ALA A 102 -15.30 -9.11 -4.41
CA ALA A 102 -16.70 -9.44 -4.69
C ALA A 102 -17.04 -9.26 -6.17
N LYS A 103 -16.44 -8.24 -6.79
CA LYS A 103 -16.66 -7.95 -8.21
C LYS A 103 -16.00 -8.99 -9.11
N GLY A 104 -14.92 -9.62 -8.61
CA GLY A 104 -14.21 -10.61 -9.38
C GLY A 104 -13.12 -10.00 -10.26
N THR A 105 -12.67 -8.79 -9.87
CA THR A 105 -11.63 -8.09 -10.62
C THR A 105 -10.26 -8.18 -9.94
N LEU A 106 -10.24 -8.59 -8.67
CA LEU A 106 -8.99 -8.71 -7.91
C LEU A 106 -7.99 -9.58 -8.66
N GLU A 107 -8.44 -10.75 -9.13
CA GLU A 107 -7.58 -11.68 -9.86
C GLU A 107 -7.18 -11.12 -11.22
N GLU A 108 -8.16 -10.58 -11.94
CA GLU A 108 -7.93 -10.01 -13.26
C GLU A 108 -6.92 -8.86 -13.18
N GLU A 109 -7.09 -7.99 -12.17
CA GLU A 109 -6.20 -6.86 -11.97
C GLU A 109 -4.80 -7.32 -11.57
N LEU A 110 -4.75 -8.36 -10.71
CA LEU A 110 -3.47 -8.90 -10.25
C LEU A 110 -2.62 -9.39 -11.42
N THR A 111 -3.27 -10.03 -12.39
CA THR A 111 -2.56 -10.55 -13.57
C THR A 111 -2.22 -9.41 -14.54
N LYS A 112 -3.09 -8.39 -14.61
CA LYS A 112 -2.87 -7.25 -15.49
C LYS A 112 -1.57 -6.52 -15.12
N ILE A 113 -1.39 -6.24 -13.83
CA ILE A 113 -0.20 -5.54 -13.36
C ILE A 113 1.07 -6.38 -13.56
N GLY A 114 0.92 -7.70 -13.63
CA GLY A 114 2.05 -8.58 -13.82
C GLY A 114 2.39 -9.38 -12.58
N LEU A 115 1.42 -9.55 -11.68
CA LEU A 115 1.63 -10.31 -10.44
C LEU A 115 1.48 -11.81 -10.70
N LEU A 116 0.42 -12.18 -11.41
CA LEU A 116 0.16 -13.58 -11.74
C LEU A 116 0.07 -13.79 -13.25
N PRO A 117 1.18 -13.49 -13.98
CA PRO A 117 1.22 -13.64 -15.44
C PRO A 117 1.27 -15.11 -15.88
N MET A 9 11.93 21.21 2.68
CA MET A 9 10.75 20.29 2.70
C MET A 9 10.91 19.14 1.73
N SER A 10 11.58 19.38 0.59
CA SER A 10 11.79 18.35 -0.42
C SER A 10 12.66 17.20 0.11
N ALA A 11 13.38 17.44 1.21
CA ALA A 11 14.25 16.43 1.81
C ALA A 11 13.52 15.10 1.98
N PHE A 12 12.23 15.17 2.32
CA PHE A 12 11.41 13.96 2.51
C PHE A 12 10.49 13.73 1.31
N VAL A 13 9.93 14.81 0.77
CA VAL A 13 9.03 14.72 -0.38
C VAL A 13 9.74 14.12 -1.60
N THR A 14 10.86 14.73 -2.00
CA THR A 14 11.63 14.27 -3.14
C THR A 14 12.14 12.85 -2.90
N LYS A 15 12.56 12.56 -1.66
CA LYS A 15 13.06 11.24 -1.30
C LYS A 15 11.97 10.18 -1.48
N ALA A 16 10.72 10.56 -1.19
CA ALA A 16 9.59 9.64 -1.32
C ALA A 16 9.46 9.15 -2.76
N GLU A 17 9.56 10.08 -3.72
CA GLU A 17 9.47 9.74 -5.13
C GLU A 17 10.57 8.76 -5.53
N GLU A 18 11.75 8.94 -4.95
CA GLU A 18 12.88 8.05 -5.24
C GLU A 18 12.65 6.66 -4.64
N MET A 19 11.95 6.60 -3.50
CA MET A 19 11.66 5.33 -2.83
C MET A 19 10.68 4.49 -3.65
N ILE A 20 9.60 5.12 -4.10
CA ILE A 20 8.58 4.42 -4.89
C ILE A 20 9.08 4.13 -6.31
N LYS A 21 10.15 4.81 -6.72
CA LYS A 21 10.72 4.62 -8.05
C LYS A 21 11.20 3.18 -8.23
N SER A 22 12.16 2.77 -7.40
CA SER A 22 12.69 1.42 -7.45
C SER A 22 11.76 0.44 -6.76
N HIS A 23 10.86 0.97 -5.91
CA HIS A 23 9.90 0.14 -5.20
C HIS A 23 8.47 0.56 -5.55
N PRO A 24 8.05 0.33 -6.80
CA PRO A 24 6.70 0.69 -7.27
C PRO A 24 5.61 -0.13 -6.60
N TYR A 25 5.95 -1.35 -6.17
CA TYR A 25 5.00 -2.23 -5.52
C TYR A 25 5.02 -2.01 -4.01
N PHE A 26 4.61 -0.81 -3.58
CA PHE A 26 4.58 -0.46 -2.17
C PHE A 26 3.16 -0.41 -1.63
N GLN A 27 2.99 -0.88 -0.39
CA GLN A 27 1.68 -0.90 0.26
C GLN A 27 1.82 -0.53 1.74
N LEU A 28 1.51 0.70 2.08
CA LEU A 28 1.61 1.17 3.47
C LEU A 28 0.38 0.73 4.27
N SER A 29 0.62 0.29 5.51
CA SER A 29 -0.47 -0.15 6.37
C SER A 29 -0.11 0.03 7.86
N ALA A 30 -1.01 -0.43 8.73
CA ALA A 30 -0.79 -0.33 10.18
C ALA A 30 -0.17 -1.61 10.72
N SER A 31 -0.12 -1.72 12.05
CA SER A 31 0.46 -2.90 12.70
C SER A 31 -0.63 -3.75 13.37
N TRP A 32 -1.60 -3.08 14.00
CA TRP A 32 -2.69 -3.79 14.67
C TRP A 32 -4.05 -3.18 14.33
N CYS A 33 -4.22 -2.74 13.08
CA CYS A 33 -5.47 -2.14 12.63
C CYS A 33 -6.35 -3.17 11.92
N PRO A 34 -7.67 -3.15 12.19
CA PRO A 34 -8.62 -4.08 11.56
C PRO A 34 -8.53 -4.06 10.03
N ASP A 35 -8.11 -2.92 9.47
CA ASP A 35 -7.96 -2.79 8.04
C ASP A 35 -6.69 -3.49 7.56
N CYS A 36 -5.64 -3.41 8.37
CA CYS A 36 -4.36 -4.04 8.05
C CYS A 36 -4.44 -5.56 8.13
N VAL A 37 -5.05 -6.06 9.22
CA VAL A 37 -5.19 -7.51 9.41
C VAL A 37 -5.89 -8.18 8.22
N TYR A 38 -6.88 -7.49 7.65
CA TYR A 38 -7.62 -8.02 6.50
C TYR A 38 -6.73 -8.07 5.27
N ALA A 39 -6.00 -6.97 5.01
CA ALA A 39 -5.10 -6.89 3.86
C ALA A 39 -4.02 -7.97 3.91
N ASN A 40 -3.45 -8.17 5.10
CA ASN A 40 -2.41 -9.18 5.28
C ASN A 40 -3.01 -10.58 5.30
N SER A 41 -4.26 -10.69 5.74
CA SER A 41 -4.94 -11.98 5.82
C SER A 41 -5.05 -12.62 4.44
N ILE A 42 -5.51 -11.84 3.45
CA ILE A 42 -5.66 -12.33 2.08
C ILE A 42 -4.31 -12.68 1.45
N TRP A 43 -3.33 -11.79 1.63
CA TRP A 43 -1.99 -12.00 1.07
C TRP A 43 -1.29 -13.19 1.75
N ASN A 44 -1.59 -13.40 3.04
CA ASN A 44 -1.00 -14.50 3.80
C ASN A 44 -1.49 -15.84 3.30
N LYS A 45 -2.75 -15.90 2.86
CA LYS A 45 -3.34 -17.13 2.34
C LYS A 45 -2.93 -17.36 0.89
N LEU A 46 -2.82 -16.27 0.13
CA LEU A 46 -2.43 -16.35 -1.28
C LEU A 46 -0.92 -16.50 -1.45
N ASN A 47 -0.16 -16.38 -0.36
CA ASN A 47 1.30 -16.51 -0.41
C ASN A 47 1.88 -15.55 -1.46
N VAL A 48 1.41 -14.30 -1.43
CA VAL A 48 1.89 -13.29 -2.38
C VAL A 48 2.55 -12.11 -1.65
N GLN A 49 3.25 -12.41 -0.56
CA GLN A 49 3.93 -11.39 0.23
C GLN A 49 5.43 -11.34 -0.11
N ASP A 50 5.76 -11.66 -1.35
CA ASP A 50 7.15 -11.66 -1.82
C ASP A 50 7.30 -10.75 -3.04
N LYS A 51 6.43 -10.96 -4.04
CA LYS A 51 6.46 -10.17 -5.26
C LYS A 51 6.19 -8.68 -4.97
N VAL A 52 5.48 -8.41 -3.87
CA VAL A 52 5.15 -7.04 -3.48
C VAL A 52 5.87 -6.69 -2.17
N PHE A 53 6.06 -5.39 -1.94
CA PHE A 53 6.73 -4.93 -0.73
C PHE A 53 5.77 -4.07 0.10
N VAL A 54 5.38 -4.62 1.24
CA VAL A 54 4.47 -3.94 2.15
C VAL A 54 5.21 -3.38 3.36
N PHE A 55 4.95 -2.12 3.71
CA PHE A 55 5.59 -1.48 4.84
C PHE A 55 4.55 -1.06 5.89
N ASP A 56 4.61 -1.70 7.04
CA ASP A 56 3.67 -1.40 8.13
C ASP A 56 4.33 -0.49 9.17
N ILE A 57 3.85 0.74 9.25
CA ILE A 57 4.40 1.71 10.21
C ILE A 57 3.54 1.80 11.47
N GLY A 58 3.68 0.81 12.35
CA GLY A 58 2.92 0.80 13.58
C GLY A 58 3.80 0.90 14.82
N SER A 59 4.98 1.52 14.68
CA SER A 59 5.90 1.69 15.80
C SER A 59 6.52 3.09 15.78
N LEU A 60 5.78 4.07 15.29
CA LEU A 60 6.25 5.45 15.21
C LEU A 60 5.44 6.35 16.15
N PRO A 61 6.13 7.18 16.95
CA PRO A 61 5.48 8.10 17.90
C PRO A 61 4.58 9.13 17.19
N ARG A 62 4.16 10.15 17.92
CA ARG A 62 3.30 11.20 17.37
C ARG A 62 4.10 12.24 16.58
N ASN A 63 5.39 11.97 16.34
CA ASN A 63 6.25 12.89 15.58
C ASN A 63 6.71 12.24 14.28
N GLU A 64 7.07 10.96 14.33
CA GLU A 64 7.54 10.24 13.15
C GLU A 64 6.35 9.74 12.32
N GLN A 65 5.31 9.24 13.00
CA GLN A 65 4.11 8.73 12.33
C GLN A 65 3.44 9.83 11.52
N GLU A 66 3.38 11.05 12.07
CA GLU A 66 2.76 12.18 11.39
C GLU A 66 3.49 12.50 10.09
N LYS A 67 4.83 12.44 10.12
CA LYS A 67 5.64 12.71 8.94
C LYS A 67 5.25 11.80 7.77
N TRP A 68 5.13 10.50 8.05
CA TRP A 68 4.75 9.52 7.02
C TRP A 68 3.32 9.77 6.53
N ARG A 69 2.45 10.21 7.45
CA ARG A 69 1.05 10.49 7.11
C ARG A 69 0.93 11.66 6.14
N ILE A 70 1.62 12.76 6.44
CA ILE A 70 1.60 13.95 5.60
C ILE A 70 2.39 13.73 4.31
N ALA A 71 3.56 13.10 4.43
CA ALA A 71 4.41 12.82 3.27
C ALA A 71 3.66 12.01 2.21
N PHE A 72 2.90 11.00 2.66
CA PHE A 72 2.14 10.16 1.73
C PHE A 72 1.06 10.97 1.02
N GLN A 73 0.27 11.73 1.79
CA GLN A 73 -0.79 12.55 1.21
C GLN A 73 -0.21 13.59 0.23
N LYS A 74 1.05 13.94 0.41
CA LYS A 74 1.73 14.90 -0.46
C LYS A 74 2.14 14.25 -1.78
N VAL A 75 2.44 12.95 -1.74
CA VAL A 75 2.87 12.22 -2.95
C VAL A 75 1.66 11.65 -3.70
N VAL A 76 0.75 11.01 -2.99
CA VAL A 76 -0.44 10.42 -3.62
C VAL A 76 -1.74 11.10 -3.17
N GLY A 77 -1.84 11.40 -1.88
CA GLY A 77 -3.04 12.04 -1.36
C GLY A 77 -3.95 11.08 -0.63
N SER A 78 -3.36 10.16 0.13
CA SER A 78 -4.12 9.17 0.89
C SER A 78 -4.18 9.56 2.36
N ARG A 79 -5.36 9.98 2.82
CA ARG A 79 -5.55 10.38 4.21
C ARG A 79 -6.00 9.20 5.07
N ASN A 80 -5.56 7.99 4.70
CA ASN A 80 -5.93 6.78 5.44
C ASN A 80 -5.10 5.58 4.98
N LEU A 81 -5.17 4.48 5.75
CA LEU A 81 -4.44 3.26 5.43
C LEU A 81 -5.32 2.02 5.63
N PRO A 82 -4.95 0.88 5.00
CA PRO A 82 -3.77 0.78 4.15
C PRO A 82 -3.97 1.37 2.76
N THR A 83 -2.88 1.76 2.12
CA THR A 83 -2.93 2.35 0.78
C THR A 83 -1.98 1.60 -0.15
N ILE A 84 -2.52 1.13 -1.28
CA ILE A 84 -1.72 0.39 -2.25
C ILE A 84 -1.33 1.28 -3.44
N VAL A 85 -0.04 1.60 -3.54
CA VAL A 85 0.46 2.42 -4.63
C VAL A 85 1.30 1.59 -5.59
N VAL A 86 0.89 1.53 -6.86
CA VAL A 86 1.61 0.76 -7.88
C VAL A 86 2.20 1.67 -8.94
N ASN A 87 3.53 1.62 -9.09
CA ASN A 87 4.23 2.45 -10.07
C ASN A 87 4.10 3.93 -9.73
N GLY A 88 4.18 4.25 -8.44
CA GLY A 88 4.08 5.63 -7.99
C GLY A 88 2.73 6.25 -8.29
N LYS A 89 1.66 5.53 -7.94
CA LYS A 89 0.30 6.00 -8.16
C LYS A 89 -0.70 5.07 -7.48
N PHE A 90 -1.67 5.67 -6.79
CA PHE A 90 -2.71 4.93 -6.08
C PHE A 90 -3.47 3.98 -7.01
N TRP A 91 -3.34 2.68 -6.77
CA TRP A 91 -4.01 1.67 -7.60
C TRP A 91 -4.80 0.65 -6.77
N GLY A 92 -4.84 0.83 -5.44
CA GLY A 92 -5.58 -0.08 -4.60
C GLY A 92 -6.03 0.54 -3.29
N THR A 93 -7.27 0.27 -2.91
CA THR A 93 -7.85 0.80 -1.68
C THR A 93 -8.33 -0.32 -0.75
N GLU A 94 -8.62 0.06 0.51
CA GLU A 94 -9.10 -0.89 1.50
C GLU A 94 -10.44 -1.50 1.08
N SER A 95 -11.29 -0.66 0.47
CA SER A 95 -12.60 -1.10 0.01
C SER A 95 -12.50 -1.76 -1.37
N GLN A 96 -11.52 -1.33 -2.17
CA GLN A 96 -11.32 -1.89 -3.51
C GLN A 96 -11.15 -3.41 -3.44
N LEU A 97 -10.56 -3.91 -2.35
CA LEU A 97 -10.35 -5.34 -2.17
C LEU A 97 -11.67 -6.10 -2.23
N HIS A 98 -12.61 -5.70 -1.38
CA HIS A 98 -13.93 -6.35 -1.33
C HIS A 98 -14.65 -6.21 -2.67
N ARG A 99 -14.45 -5.07 -3.35
CA ARG A 99 -15.07 -4.83 -4.64
C ARG A 99 -14.48 -5.74 -5.72
N PHE A 100 -13.15 -5.87 -5.72
CA PHE A 100 -12.45 -6.70 -6.70
C PHE A 100 -12.65 -8.19 -6.40
N GLU A 101 -12.59 -8.55 -5.11
CA GLU A 101 -12.76 -9.94 -4.71
C GLU A 101 -14.20 -10.41 -4.91
N ALA A 102 -15.17 -9.55 -4.57
CA ALA A 102 -16.58 -9.87 -4.73
C ALA A 102 -16.98 -9.95 -6.21
N LYS A 103 -16.51 -8.98 -7.00
CA LYS A 103 -16.80 -8.96 -8.43
C LYS A 103 -16.08 -10.09 -9.17
N GLY A 104 -14.94 -10.53 -8.62
CA GLY A 104 -14.17 -11.59 -9.25
C GLY A 104 -13.13 -11.05 -10.22
N THR A 105 -12.70 -9.80 -10.00
CA THR A 105 -11.70 -9.17 -10.86
C THR A 105 -10.38 -8.90 -10.11
N LEU A 106 -10.24 -9.50 -8.92
CA LEU A 106 -9.02 -9.31 -8.12
C LEU A 106 -7.83 -10.01 -8.77
N GLU A 107 -8.03 -11.24 -9.23
CA GLU A 107 -6.98 -12.02 -9.88
C GLU A 107 -6.54 -11.34 -11.19
N GLU A 108 -7.51 -10.87 -11.97
CA GLU A 108 -7.23 -10.20 -13.24
C GLU A 108 -6.33 -8.97 -13.02
N GLU A 109 -6.61 -8.23 -11.94
CA GLU A 109 -5.82 -7.04 -11.61
C GLU A 109 -4.36 -7.41 -11.37
N LEU A 110 -4.13 -8.54 -10.70
CA LEU A 110 -2.77 -9.00 -10.42
C LEU A 110 -1.98 -9.22 -11.71
N THR A 111 -2.67 -9.72 -12.74
CA THR A 111 -2.02 -9.95 -14.04
C THR A 111 -1.74 -8.62 -14.75
N LYS A 112 -2.64 -7.65 -14.58
CA LYS A 112 -2.50 -6.33 -15.19
C LYS A 112 -1.30 -5.59 -14.62
N ILE A 113 -1.17 -5.58 -13.30
CA ILE A 113 -0.06 -4.89 -12.64
C ILE A 113 1.29 -5.52 -12.98
N GLY A 114 1.28 -6.80 -13.35
CA GLY A 114 2.51 -7.50 -13.69
C GLY A 114 2.99 -8.40 -12.57
N LEU A 115 2.06 -8.87 -11.74
CA LEU A 115 2.40 -9.76 -10.63
C LEU A 115 2.46 -11.21 -11.09
N LEU A 116 1.45 -11.64 -11.85
CA LEU A 116 1.39 -13.01 -12.35
C LEU A 116 2.42 -13.22 -13.48
N PRO A 117 2.32 -12.45 -14.58
CA PRO A 117 3.25 -12.57 -15.71
C PRO A 117 4.63 -11.99 -15.39
N MET A 9 9.67 19.31 3.53
CA MET A 9 8.90 19.52 2.28
C MET A 9 9.63 18.94 1.05
N SER A 10 10.92 18.64 1.19
CA SER A 10 11.71 18.07 0.09
C SER A 10 12.40 16.77 0.53
N ALA A 11 13.08 16.83 1.68
CA ALA A 11 13.78 15.66 2.21
C ALA A 11 12.87 14.44 2.32
N PHE A 12 11.61 14.66 2.68
CA PHE A 12 10.64 13.59 2.81
C PHE A 12 10.06 13.20 1.46
N VAL A 13 9.84 14.20 0.60
CA VAL A 13 9.28 13.97 -0.72
C VAL A 13 10.27 13.20 -1.60
N THR A 14 11.54 13.64 -1.61
CA THR A 14 12.56 12.98 -2.41
C THR A 14 12.80 11.55 -1.93
N LYS A 15 12.85 11.36 -0.61
CA LYS A 15 13.05 10.03 -0.02
C LYS A 15 11.92 9.09 -0.41
N ALA A 16 10.70 9.61 -0.43
CA ALA A 16 9.52 8.82 -0.80
C ALA A 16 9.59 8.40 -2.26
N GLU A 17 10.02 9.32 -3.12
CA GLU A 17 10.14 9.05 -4.55
C GLU A 17 11.25 8.03 -4.82
N GLU A 18 12.34 8.12 -4.06
CA GLU A 18 13.47 7.20 -4.22
C GLU A 18 13.06 5.77 -3.87
N MET A 19 12.16 5.62 -2.90
CA MET A 19 11.69 4.30 -2.50
C MET A 19 10.85 3.64 -3.59
N ILE A 20 9.94 4.42 -4.19
CA ILE A 20 9.10 3.92 -5.26
C ILE A 20 9.86 3.74 -6.57
N LYS A 21 11.06 4.33 -6.65
CA LYS A 21 11.88 4.23 -7.86
C LYS A 21 12.24 2.77 -8.14
N SER A 22 13.03 2.18 -7.24
CA SER A 22 13.46 0.79 -7.37
C SER A 22 12.42 -0.16 -6.80
N HIS A 23 11.61 0.34 -5.87
CA HIS A 23 10.56 -0.47 -5.24
C HIS A 23 9.19 0.17 -5.44
N PRO A 24 8.70 0.22 -6.69
CA PRO A 24 7.38 0.82 -7.00
C PRO A 24 6.22 0.02 -6.42
N TYR A 25 6.47 -1.25 -6.06
CA TYR A 25 5.44 -2.10 -5.49
C TYR A 25 5.48 -2.02 -3.96
N PHE A 26 5.01 -0.91 -3.42
CA PHE A 26 5.00 -0.70 -1.97
C PHE A 26 3.57 -0.64 -1.43
N GLN A 27 3.36 -1.24 -0.27
CA GLN A 27 2.04 -1.25 0.36
C GLN A 27 2.15 -0.90 1.83
N LEU A 28 1.81 0.34 2.17
CA LEU A 28 1.87 0.81 3.55
C LEU A 28 0.56 0.54 4.28
N SER A 29 0.62 -0.36 5.25
CA SER A 29 -0.56 -0.73 6.03
C SER A 29 -0.15 -1.43 7.33
N ALA A 30 -1.16 -1.85 8.11
CA ALA A 30 -0.93 -2.54 9.38
C ALA A 30 -0.35 -1.60 10.42
N SER A 31 -1.10 -1.42 11.51
CA SER A 31 -0.69 -0.55 12.61
C SER A 31 -1.72 -0.62 13.73
N TRP A 32 -2.98 -0.48 13.36
CA TRP A 32 -4.09 -0.51 14.31
C TRP A 32 -5.44 -0.65 13.59
N CYS A 33 -5.46 -1.39 12.47
CA CYS A 33 -6.69 -1.57 11.70
C CYS A 33 -6.87 -3.03 11.29
N PRO A 34 -8.10 -3.57 11.47
CA PRO A 34 -8.41 -4.96 11.10
C PRO A 34 -8.48 -5.15 9.59
N ASP A 35 -8.94 -4.12 8.87
CA ASP A 35 -9.06 -4.17 7.41
C ASP A 35 -7.70 -4.47 6.77
N CYS A 36 -6.63 -3.94 7.37
CA CYS A 36 -5.28 -4.14 6.87
C CYS A 36 -4.89 -5.62 6.95
N VAL A 37 -5.28 -6.27 8.05
CA VAL A 37 -4.98 -7.69 8.25
C VAL A 37 -5.54 -8.55 7.10
N TYR A 38 -6.72 -8.16 6.60
CA TYR A 38 -7.36 -8.88 5.49
C TYR A 38 -6.44 -8.94 4.27
N ALA A 39 -5.82 -7.81 3.94
CA ALA A 39 -4.91 -7.72 2.80
C ALA A 39 -3.71 -8.65 2.97
N ASN A 40 -3.20 -8.74 4.20
CA ASN A 40 -2.06 -9.60 4.49
C ASN A 40 -2.48 -11.07 4.52
N SER A 41 -3.72 -11.32 4.95
CA SER A 41 -4.24 -12.67 5.02
C SER A 41 -4.28 -13.32 3.64
N ILE A 42 -4.83 -12.60 2.66
CA ILE A 42 -4.91 -13.11 1.30
C ILE A 42 -3.54 -13.26 0.67
N TRP A 43 -2.66 -12.30 0.92
CA TRP A 43 -1.30 -12.33 0.38
C TRP A 43 -0.48 -13.46 1.00
N ASN A 44 -0.72 -13.74 2.28
CA ASN A 44 -0.01 -14.79 3.00
C ASN A 44 -0.48 -16.18 2.56
N LYS A 45 -1.76 -16.30 2.21
CA LYS A 45 -2.32 -17.57 1.76
C LYS A 45 -2.04 -17.82 0.28
N LEU A 46 -2.08 -16.74 -0.51
CA LEU A 46 -1.82 -16.84 -1.95
C LEU A 46 -0.32 -16.89 -2.26
N ASN A 47 0.53 -16.68 -1.24
CA ASN A 47 1.97 -16.70 -1.42
C ASN A 47 2.39 -15.70 -2.49
N VAL A 48 1.87 -14.47 -2.39
CA VAL A 48 2.19 -13.41 -3.35
C VAL A 48 2.84 -12.22 -2.65
N GLN A 49 3.47 -12.48 -1.49
CA GLN A 49 4.14 -11.43 -0.73
C GLN A 49 5.65 -11.46 -0.98
N ASP A 50 6.07 -12.06 -2.10
CA ASP A 50 7.47 -12.16 -2.46
C ASP A 50 7.82 -11.19 -3.58
N LYS A 51 6.96 -11.13 -4.61
CA LYS A 51 7.17 -10.23 -5.73
C LYS A 51 6.83 -8.78 -5.36
N VAL A 52 6.02 -8.61 -4.30
CA VAL A 52 5.63 -7.29 -3.83
C VAL A 52 6.33 -6.95 -2.51
N PHE A 53 6.46 -5.65 -2.23
CA PHE A 53 7.10 -5.20 -1.00
C PHE A 53 6.09 -4.51 -0.10
N VAL A 54 5.78 -5.16 0.99
CA VAL A 54 4.82 -4.63 1.98
C VAL A 54 5.54 -4.20 3.25
N PHE A 55 5.21 -3.02 3.75
CA PHE A 55 5.82 -2.49 4.97
C PHE A 55 4.76 -2.12 6.00
N ASP A 56 5.00 -2.48 7.26
CA ASP A 56 4.07 -2.19 8.35
C ASP A 56 4.49 -0.93 9.10
N ILE A 57 3.56 0.02 9.24
CA ILE A 57 3.85 1.27 9.92
C ILE A 57 3.47 1.21 11.41
N GLY A 58 4.25 0.45 12.18
CA GLY A 58 3.97 0.31 13.61
C GLY A 58 5.12 0.78 14.49
N SER A 59 5.90 1.75 14.00
CA SER A 59 7.04 2.28 14.77
C SER A 59 6.92 3.79 14.96
N LEU A 60 6.58 4.50 13.89
CA LEU A 60 6.44 5.95 13.92
C LEU A 60 5.49 6.40 15.04
N PRO A 61 5.99 7.26 15.96
CA PRO A 61 5.19 7.78 17.08
C PRO A 61 4.11 8.76 16.61
N ARG A 62 3.47 9.43 17.57
CA ARG A 62 2.41 10.40 17.24
C ARG A 62 3.00 11.62 16.54
N ASN A 63 4.24 11.97 16.87
CA ASN A 63 4.91 13.13 16.27
C ASN A 63 5.31 12.85 14.83
N GLU A 64 5.92 11.68 14.58
CA GLU A 64 6.35 11.30 13.24
C GLU A 64 5.15 11.18 12.29
N GLN A 65 4.02 10.72 12.83
CA GLN A 65 2.79 10.56 12.04
C GLN A 65 2.38 11.86 11.36
N GLU A 66 2.67 13.00 12.01
CA GLU A 66 2.34 14.30 11.46
C GLU A 66 2.97 14.50 10.09
N LYS A 67 4.30 14.32 10.02
CA LYS A 67 5.03 14.47 8.77
C LYS A 67 4.52 13.47 7.73
N TRP A 68 4.26 12.24 8.17
CA TRP A 68 3.76 11.19 7.28
C TRP A 68 2.40 11.57 6.70
N ARG A 69 1.57 12.25 7.51
CA ARG A 69 0.24 12.68 7.06
C ARG A 69 0.33 13.61 5.86
N ILE A 70 1.09 14.69 6.00
CA ILE A 70 1.25 15.66 4.92
C ILE A 70 2.05 15.07 3.76
N ALA A 71 3.09 14.30 4.09
CA ALA A 71 3.93 13.67 3.08
C ALA A 71 3.10 12.78 2.16
N PHE A 72 2.22 11.97 2.74
CA PHE A 72 1.37 11.07 1.97
C PHE A 72 0.40 11.86 1.09
N GLN A 73 -0.23 12.88 1.65
CA GLN A 73 -1.17 13.71 0.89
C GLN A 73 -0.47 14.43 -0.27
N LYS A 74 0.83 14.68 -0.12
CA LYS A 74 1.61 15.35 -1.16
C LYS A 74 2.03 14.37 -2.26
N VAL A 75 2.24 13.10 -1.88
CA VAL A 75 2.66 12.09 -2.85
C VAL A 75 1.46 11.51 -3.59
N VAL A 76 0.41 11.14 -2.85
CA VAL A 76 -0.79 10.57 -3.45
C VAL A 76 -2.04 11.43 -3.23
N GLY A 77 -2.16 12.00 -2.04
CA GLY A 77 -3.32 12.83 -1.72
C GLY A 77 -4.43 12.05 -1.05
N SER A 78 -4.06 11.06 -0.24
CA SER A 78 -5.04 10.24 0.47
C SER A 78 -4.49 9.79 1.83
N ARG A 79 -5.04 10.35 2.90
CA ARG A 79 -4.62 10.00 4.25
C ARG A 79 -5.56 8.98 4.87
N ASN A 80 -5.95 7.98 4.07
CA ASN A 80 -6.85 6.93 4.53
C ASN A 80 -6.18 5.57 4.41
N LEU A 81 -6.21 4.80 5.51
CA LEU A 81 -5.61 3.47 5.54
C LEU A 81 -6.65 2.39 5.26
N PRO A 82 -6.25 1.28 4.61
CA PRO A 82 -4.86 1.05 4.16
C PRO A 82 -4.52 1.88 2.93
N THR A 83 -3.22 1.95 2.62
CA THR A 83 -2.74 2.71 1.47
C THR A 83 -1.90 1.83 0.54
N ILE A 84 -2.40 1.63 -0.68
CA ILE A 84 -1.70 0.81 -1.66
C ILE A 84 -1.15 1.67 -2.80
N VAL A 85 0.18 1.79 -2.86
CA VAL A 85 0.84 2.57 -3.90
C VAL A 85 1.60 1.69 -4.88
N VAL A 86 1.17 1.70 -6.15
CA VAL A 86 1.81 0.89 -7.18
C VAL A 86 2.34 1.78 -8.32
N ASN A 87 3.61 1.58 -8.68
CA ASN A 87 4.23 2.36 -9.75
C ASN A 87 4.25 3.86 -9.39
N GLY A 88 4.46 4.16 -8.11
CA GLY A 88 4.50 5.54 -7.66
C GLY A 88 3.19 6.27 -7.88
N LYS A 89 2.08 5.64 -7.46
CA LYS A 89 0.76 6.23 -7.61
C LYS A 89 -0.29 5.38 -6.90
N PHE A 90 -1.18 6.04 -6.18
CA PHE A 90 -2.24 5.37 -5.44
C PHE A 90 -3.19 4.62 -6.38
N TRP A 91 -3.05 3.30 -6.42
CA TRP A 91 -3.89 2.47 -7.27
C TRP A 91 -4.87 1.62 -6.46
N GLY A 92 -4.52 1.32 -5.21
CA GLY A 92 -5.40 0.52 -4.37
C GLY A 92 -5.89 1.26 -3.14
N THR A 93 -7.16 1.07 -2.80
CA THR A 93 -7.77 1.72 -1.65
C THR A 93 -8.24 0.69 -0.62
N GLU A 94 -8.98 1.16 0.39
CA GLU A 94 -9.50 0.30 1.44
C GLU A 94 -10.71 -0.50 0.96
N SER A 95 -11.52 0.11 0.10
CA SER A 95 -12.72 -0.54 -0.43
C SER A 95 -12.39 -1.42 -1.64
N GLN A 96 -11.42 -0.99 -2.44
CA GLN A 96 -11.02 -1.75 -3.64
C GLN A 96 -10.78 -3.22 -3.31
N LEU A 97 -10.18 -3.49 -2.15
CA LEU A 97 -9.88 -4.85 -1.72
C LEU A 97 -11.16 -5.70 -1.66
N HIS A 98 -12.14 -5.23 -0.89
CA HIS A 98 -13.41 -5.95 -0.74
C HIS A 98 -14.26 -5.86 -2.00
N ARG A 99 -14.30 -4.67 -2.61
CA ARG A 99 -15.09 -4.46 -3.83
C ARG A 99 -14.66 -5.41 -4.94
N PHE A 100 -13.36 -5.69 -5.02
CA PHE A 100 -12.82 -6.59 -6.03
C PHE A 100 -13.07 -8.05 -5.65
N GLU A 101 -12.81 -8.38 -4.39
CA GLU A 101 -13.00 -9.74 -3.90
C GLU A 101 -14.46 -10.17 -4.02
N ALA A 102 -15.37 -9.27 -3.66
CA ALA A 102 -16.81 -9.53 -3.72
C ALA A 102 -17.27 -9.68 -5.17
N LYS A 103 -16.81 -8.80 -6.05
CA LYS A 103 -17.17 -8.84 -7.46
C LYS A 103 -16.52 -10.02 -8.18
N GLY A 104 -15.36 -10.46 -7.66
CA GLY A 104 -14.64 -11.57 -8.27
C GLY A 104 -13.60 -11.10 -9.27
N THR A 105 -13.07 -9.89 -9.07
CA THR A 105 -12.05 -9.33 -9.96
C THR A 105 -10.69 -9.19 -9.26
N LEU A 106 -10.53 -9.85 -8.11
CA LEU A 106 -9.27 -9.80 -7.36
C LEU A 106 -8.14 -10.45 -8.16
N GLU A 107 -8.38 -11.68 -8.64
CA GLU A 107 -7.38 -12.40 -9.43
C GLU A 107 -7.20 -11.75 -10.81
N GLU A 108 -8.32 -11.36 -11.42
CA GLU A 108 -8.28 -10.72 -12.75
C GLU A 108 -7.39 -9.47 -12.73
N GLU A 109 -7.58 -8.63 -11.71
CA GLU A 109 -6.79 -7.41 -11.57
C GLU A 109 -5.31 -7.74 -11.37
N LEU A 110 -5.03 -8.79 -10.59
CA LEU A 110 -3.66 -9.21 -10.32
C LEU A 110 -2.92 -9.53 -11.61
N THR A 111 -3.64 -10.07 -12.60
CA THR A 111 -3.05 -10.40 -13.89
C THR A 111 -2.78 -9.14 -14.72
N LYS A 112 -3.64 -8.14 -14.58
CA LYS A 112 -3.48 -6.87 -15.31
C LYS A 112 -2.26 -6.11 -14.82
N ILE A 113 -2.06 -6.05 -13.51
CA ILE A 113 -0.90 -5.34 -12.93
C ILE A 113 0.42 -6.03 -13.27
N GLY A 114 0.35 -7.34 -13.55
CA GLY A 114 1.56 -8.08 -13.88
C GLY A 114 2.11 -8.86 -12.69
N LEU A 115 1.24 -9.20 -11.73
CA LEU A 115 1.66 -9.95 -10.55
C LEU A 115 1.57 -11.45 -10.81
N LEU A 116 0.48 -11.89 -11.42
CA LEU A 116 0.28 -13.30 -11.73
C LEU A 116 -0.10 -13.49 -13.20
N PRO A 117 0.74 -12.99 -14.14
CA PRO A 117 0.49 -13.11 -15.59
C PRO A 117 0.70 -14.54 -16.11
N MET A 9 5.72 19.32 2.96
CA MET A 9 7.01 19.95 2.58
C MET A 9 7.66 19.23 1.40
N SER A 10 8.13 20.01 0.43
CA SER A 10 8.77 19.46 -0.76
C SER A 10 9.94 18.55 -0.39
N ALA A 11 10.65 18.90 0.70
CA ALA A 11 11.78 18.10 1.17
C ALA A 11 11.37 16.65 1.44
N PHE A 12 10.14 16.46 1.90
CA PHE A 12 9.62 15.13 2.19
C PHE A 12 9.07 14.48 0.92
N VAL A 13 8.46 15.29 0.05
CA VAL A 13 7.89 14.78 -1.21
C VAL A 13 8.95 14.04 -2.03
N THR A 14 10.09 14.68 -2.24
CA THR A 14 11.18 14.08 -3.02
C THR A 14 11.65 12.78 -2.39
N LYS A 15 11.79 12.77 -1.05
CA LYS A 15 12.24 11.57 -0.33
C LYS A 15 11.24 10.43 -0.51
N ALA A 16 9.95 10.77 -0.49
CA ALA A 16 8.89 9.78 -0.66
C ALA A 16 8.93 9.19 -2.07
N GLU A 17 9.18 10.05 -3.06
CA GLU A 17 9.25 9.62 -4.46
C GLU A 17 10.48 8.75 -4.70
N GLU A 18 11.59 9.08 -4.05
CA GLU A 18 12.83 8.31 -4.19
C GLU A 18 12.66 6.88 -3.68
N MET A 19 11.83 6.71 -2.64
CA MET A 19 11.59 5.40 -2.06
C MET A 19 10.77 4.51 -3.00
N ILE A 20 9.71 5.08 -3.59
CA ILE A 20 8.85 4.35 -4.52
C ILE A 20 9.55 4.12 -5.87
N LYS A 21 10.66 4.84 -6.10
CA LYS A 21 11.40 4.72 -7.35
C LYS A 21 11.93 3.30 -7.53
N SER A 22 12.73 2.83 -6.55
CA SER A 22 13.30 1.49 -6.60
C SER A 22 12.34 0.46 -6.00
N HIS A 23 11.18 0.94 -5.52
CA HIS A 23 10.18 0.06 -4.94
C HIS A 23 8.80 0.34 -5.55
N PRO A 24 8.60 -0.09 -6.81
CA PRO A 24 7.33 0.11 -7.52
C PRO A 24 6.17 -0.65 -6.88
N TYR A 25 6.45 -1.85 -6.37
CA TYR A 25 5.43 -2.67 -5.72
C TYR A 25 5.53 -2.54 -4.20
N PHE A 26 5.19 -1.36 -3.69
CA PHE A 26 5.25 -1.09 -2.25
C PHE A 26 3.85 -1.02 -1.64
N GLN A 27 3.71 -1.59 -0.46
CA GLN A 27 2.43 -1.59 0.26
C GLN A 27 2.63 -1.26 1.73
N LEU A 28 2.15 -0.09 2.16
CA LEU A 28 2.28 0.34 3.56
C LEU A 28 1.10 -0.15 4.38
N SER A 29 1.38 -1.03 5.34
CA SER A 29 0.35 -1.59 6.20
C SER A 29 0.32 -0.90 7.57
N ALA A 30 -0.65 -1.27 8.40
CA ALA A 30 -0.79 -0.69 9.75
C ALA A 30 -0.59 -1.75 10.83
N SER A 31 -0.57 -1.29 12.09
CA SER A 31 -0.39 -2.20 13.24
C SER A 31 -1.63 -3.07 13.45
N TRP A 32 -1.82 -4.04 12.56
CA TRP A 32 -2.95 -4.96 12.62
C TRP A 32 -4.29 -4.22 12.67
N CYS A 33 -4.59 -3.50 11.58
CA CYS A 33 -5.84 -2.74 11.48
C CYS A 33 -6.98 -3.63 10.98
N PRO A 34 -8.24 -3.20 11.14
CA PRO A 34 -9.41 -3.96 10.69
C PRO A 34 -9.42 -4.19 9.19
N ASP A 35 -8.91 -3.21 8.43
CA ASP A 35 -8.85 -3.31 6.97
C ASP A 35 -7.50 -3.84 6.50
N CYS A 36 -6.44 -3.51 7.24
CA CYS A 36 -5.09 -3.97 6.89
C CYS A 36 -4.98 -5.48 7.02
N VAL A 37 -5.55 -6.03 8.10
CA VAL A 37 -5.51 -7.47 8.34
C VAL A 37 -6.12 -8.24 7.16
N TYR A 38 -7.17 -7.68 6.56
CA TYR A 38 -7.84 -8.30 5.42
C TYR A 38 -6.88 -8.47 4.24
N ALA A 39 -6.28 -7.36 3.79
CA ALA A 39 -5.33 -7.39 2.68
C ALA A 39 -4.10 -8.24 3.01
N ASN A 40 -3.73 -8.28 4.28
CA ASN A 40 -2.58 -9.06 4.72
C ASN A 40 -2.89 -10.55 4.60
N SER A 41 -4.14 -10.91 4.92
CA SER A 41 -4.57 -12.29 4.84
C SER A 41 -4.56 -12.79 3.39
N ILE A 42 -4.94 -11.92 2.46
CA ILE A 42 -5.00 -12.28 1.04
C ILE A 42 -3.63 -12.76 0.54
N TRP A 43 -2.62 -11.89 0.62
CA TRP A 43 -1.27 -12.25 0.16
C TRP A 43 -0.59 -13.25 1.08
N ASN A 44 -1.11 -13.41 2.30
CA ASN A 44 -0.55 -14.34 3.28
C ASN A 44 -0.88 -15.79 2.90
N LYS A 45 -2.13 -16.02 2.49
CA LYS A 45 -2.58 -17.35 2.11
C LYS A 45 -2.17 -17.70 0.67
N LEU A 46 -2.09 -16.68 -0.19
CA LEU A 46 -1.71 -16.89 -1.58
C LEU A 46 -0.19 -17.02 -1.75
N ASN A 47 0.58 -16.79 -0.67
CA ASN A 47 2.03 -16.89 -0.72
C ASN A 47 2.60 -16.00 -1.83
N VAL A 48 2.15 -14.75 -1.88
CA VAL A 48 2.61 -13.80 -2.88
C VAL A 48 3.35 -12.63 -2.23
N GLN A 49 3.95 -12.88 -1.07
CA GLN A 49 4.69 -11.86 -0.33
C GLN A 49 6.13 -11.70 -0.86
N ASP A 50 6.60 -12.68 -1.63
CA ASP A 50 7.95 -12.64 -2.19
C ASP A 50 7.97 -11.82 -3.49
N LYS A 51 6.93 -11.97 -4.30
CA LYS A 51 6.83 -11.25 -5.57
C LYS A 51 6.57 -9.75 -5.33
N VAL A 52 5.93 -9.42 -4.20
CA VAL A 52 5.62 -8.04 -3.85
C VAL A 52 6.48 -7.59 -2.66
N PHE A 53 6.58 -6.27 -2.45
CA PHE A 53 7.35 -5.74 -1.34
C PHE A 53 6.43 -4.93 -0.42
N VAL A 54 6.21 -5.46 0.76
CA VAL A 54 5.35 -4.82 1.75
C VAL A 54 6.16 -4.37 2.98
N PHE A 55 5.81 -3.20 3.51
CA PHE A 55 6.49 -2.66 4.68
C PHE A 55 5.48 -2.11 5.69
N ASP A 56 5.58 -2.57 6.93
CA ASP A 56 4.68 -2.13 8.00
C ASP A 56 5.21 -0.86 8.67
N ILE A 57 4.31 0.05 9.01
CA ILE A 57 4.70 1.30 9.68
C ILE A 57 4.70 1.14 11.20
N GLY A 58 5.41 0.12 11.67
CA GLY A 58 5.50 -0.13 13.11
C GLY A 58 6.73 0.49 13.75
N SER A 59 7.27 1.54 13.13
CA SER A 59 8.46 2.22 13.65
C SER A 59 8.20 3.72 13.78
N LEU A 60 6.93 4.09 14.00
CA LEU A 60 6.55 5.49 14.15
C LEU A 60 5.37 5.64 15.12
N PRO A 61 5.50 6.53 16.11
CA PRO A 61 4.43 6.77 17.10
C PRO A 61 3.23 7.49 16.49
N ARG A 62 2.24 7.80 17.32
CA ARG A 62 1.04 8.49 16.86
C ARG A 62 1.41 9.83 16.22
N ASN A 63 2.41 10.50 16.78
CA ASN A 63 2.87 11.80 16.26
C ASN A 63 3.40 11.65 14.83
N GLU A 64 4.34 10.72 14.64
CA GLU A 64 4.92 10.50 13.31
C GLU A 64 3.85 10.14 12.29
N GLN A 65 2.83 9.38 12.73
CA GLN A 65 1.75 8.98 11.85
C GLN A 65 1.07 10.20 11.22
N GLU A 66 0.93 11.27 11.99
CA GLU A 66 0.30 12.50 11.51
C GLU A 66 1.15 13.15 10.42
N LYS A 67 2.41 13.43 10.74
CA LYS A 67 3.34 14.05 9.79
C LYS A 67 3.48 13.21 8.53
N TRP A 68 3.57 11.88 8.71
CA TRP A 68 3.70 10.96 7.59
C TRP A 68 2.42 10.97 6.72
N ARG A 69 1.27 11.06 7.38
CA ARG A 69 -0.01 11.09 6.68
C ARG A 69 -0.08 12.26 5.69
N ILE A 70 0.38 13.44 6.14
CA ILE A 70 0.36 14.63 5.29
C ILE A 70 1.33 14.47 4.11
N ALA A 71 2.55 14.00 4.40
CA ALA A 71 3.55 13.79 3.36
C ALA A 71 3.03 12.86 2.27
N PHE A 72 2.47 11.71 2.69
CA PHE A 72 1.93 10.74 1.75
C PHE A 72 0.77 11.33 0.95
N GLN A 73 -0.09 12.11 1.61
CA GLN A 73 -1.24 12.74 0.95
C GLN A 73 -0.76 13.70 -0.14
N LYS A 74 0.41 14.31 0.05
CA LYS A 74 0.96 15.25 -0.92
C LYS A 74 1.64 14.51 -2.08
N VAL A 75 2.17 13.32 -1.80
CA VAL A 75 2.86 12.53 -2.81
C VAL A 75 1.84 11.77 -3.68
N VAL A 76 0.84 11.17 -3.04
CA VAL A 76 -0.18 10.42 -3.75
C VAL A 76 -1.60 10.87 -3.40
N GLY A 77 -1.86 11.07 -2.11
CA GLY A 77 -3.18 11.50 -1.67
C GLY A 77 -3.92 10.42 -0.90
N SER A 78 -3.22 9.76 0.03
CA SER A 78 -3.83 8.70 0.84
C SER A 78 -3.89 9.12 2.30
N ARG A 79 -5.07 9.55 2.74
CA ARG A 79 -5.27 9.97 4.13
C ARG A 79 -5.74 8.81 5.00
N ASN A 80 -5.33 7.59 4.63
CA ASN A 80 -5.70 6.39 5.39
C ASN A 80 -4.76 5.22 5.07
N LEU A 81 -4.97 4.10 5.76
CA LEU A 81 -4.15 2.90 5.58
C LEU A 81 -5.02 1.65 5.42
N PRO A 82 -4.51 0.62 4.71
CA PRO A 82 -3.18 0.63 4.10
C PRO A 82 -3.15 1.39 2.76
N THR A 83 -1.99 1.41 2.12
CA THR A 83 -1.81 2.09 0.85
C THR A 83 -1.10 1.19 -0.16
N ILE A 84 -1.65 1.09 -1.37
CA ILE A 84 -1.07 0.26 -2.42
C ILE A 84 -0.57 1.12 -3.59
N VAL A 85 0.76 1.17 -3.74
CA VAL A 85 1.37 1.94 -4.83
C VAL A 85 2.05 1.00 -5.83
N VAL A 86 1.74 1.20 -7.11
CA VAL A 86 2.29 0.37 -8.18
C VAL A 86 3.00 1.24 -9.22
N ASN A 87 4.30 1.01 -9.39
CA ASN A 87 5.11 1.77 -10.35
C ASN A 87 5.21 3.24 -9.95
N GLY A 88 5.40 3.49 -8.66
CA GLY A 88 5.52 4.85 -8.15
C GLY A 88 4.26 5.66 -8.38
N LYS A 89 3.12 5.10 -7.98
CA LYS A 89 1.83 5.77 -8.13
C LYS A 89 0.72 4.95 -7.47
N PHE A 90 -0.14 5.64 -6.73
CA PHE A 90 -1.26 5.01 -6.02
C PHE A 90 -2.21 4.31 -7.00
N TRP A 91 -2.10 2.98 -7.06
CA TRP A 91 -2.95 2.18 -7.95
C TRP A 91 -4.01 1.41 -7.16
N GLY A 92 -3.68 1.05 -5.92
CA GLY A 92 -4.62 0.30 -5.10
C GLY A 92 -4.96 1.00 -3.79
N THR A 93 -6.21 0.84 -3.34
CA THR A 93 -6.65 1.46 -2.09
C THR A 93 -7.13 0.41 -1.08
N GLU A 94 -7.42 0.87 0.14
CA GLU A 94 -7.91 -0.02 1.20
C GLU A 94 -9.31 -0.54 0.87
N SER A 95 -10.14 0.32 0.26
CA SER A 95 -11.50 -0.05 -0.10
C SER A 95 -11.54 -0.76 -1.46
N GLN A 96 -10.61 -0.43 -2.34
CA GLN A 96 -10.55 -1.04 -3.67
C GLN A 96 -10.56 -2.57 -3.59
N LEU A 97 -9.92 -3.12 -2.55
CA LEU A 97 -9.88 -4.57 -2.37
C LEU A 97 -11.26 -5.14 -2.05
N HIS A 98 -11.87 -4.65 -0.97
CA HIS A 98 -13.20 -5.12 -0.56
C HIS A 98 -14.26 -4.82 -1.63
N ARG A 99 -14.08 -3.70 -2.36
CA ARG A 99 -15.02 -3.31 -3.40
C ARG A 99 -14.93 -4.25 -4.61
N PHE A 100 -13.71 -4.64 -4.97
CA PHE A 100 -13.49 -5.54 -6.11
C PHE A 100 -13.77 -6.99 -5.73
N GLU A 101 -13.45 -7.35 -4.48
CA GLU A 101 -13.66 -8.72 -3.99
C GLU A 101 -15.14 -9.10 -4.09
N ALA A 102 -16.01 -8.17 -3.70
CA ALA A 102 -17.46 -8.40 -3.74
C ALA A 102 -17.92 -8.83 -5.14
N LYS A 103 -17.44 -8.10 -6.16
CA LYS A 103 -17.78 -8.42 -7.55
C LYS A 103 -17.08 -9.69 -8.02
N GLY A 104 -15.90 -9.97 -7.45
CA GLY A 104 -15.13 -11.13 -7.83
C GLY A 104 -14.06 -10.81 -8.87
N THR A 105 -13.59 -9.56 -8.86
CA THR A 105 -12.56 -9.11 -9.80
C THR A 105 -11.24 -8.81 -9.09
N LEU A 106 -11.07 -9.33 -7.86
CA LEU A 106 -9.85 -9.13 -7.09
C LEU A 106 -8.67 -9.83 -7.76
N GLU A 107 -8.86 -11.11 -8.07
CA GLU A 107 -7.81 -11.91 -8.71
C GLU A 107 -7.56 -11.43 -10.15
N GLU A 108 -8.64 -11.05 -10.84
CA GLU A 108 -8.53 -10.57 -12.22
C GLU A 108 -7.68 -9.30 -12.28
N GLU A 109 -7.91 -8.38 -11.34
CA GLU A 109 -7.16 -7.14 -11.29
C GLU A 109 -5.68 -7.41 -10.98
N LEU A 110 -5.43 -8.33 -10.05
CA LEU A 110 -4.05 -8.68 -9.66
C LEU A 110 -3.31 -9.35 -10.82
N THR A 111 -4.06 -10.03 -11.71
CA THR A 111 -3.46 -10.69 -12.85
C THR A 111 -3.14 -9.68 -13.96
N LYS A 112 -3.99 -8.65 -14.09
CA LYS A 112 -3.80 -7.60 -15.10
C LYS A 112 -2.56 -6.76 -14.80
N ILE A 113 -2.34 -6.43 -13.52
CA ILE A 113 -1.19 -5.63 -13.12
C ILE A 113 0.13 -6.35 -13.39
N GLY A 114 0.09 -7.68 -13.41
CA GLY A 114 1.29 -8.47 -13.65
C GLY A 114 1.84 -9.09 -12.38
N LEU A 115 0.97 -9.29 -11.38
CA LEU A 115 1.39 -9.88 -10.11
C LEU A 115 1.00 -11.35 -10.05
N LEU A 116 -0.29 -11.63 -10.26
CA LEU A 116 -0.82 -12.99 -10.23
C LEU A 116 -0.71 -13.65 -11.61
N PRO A 117 0.20 -14.63 -11.76
CA PRO A 117 0.39 -15.34 -13.04
C PRO A 117 -0.79 -16.23 -13.40
N MET A 9 13.55 18.68 7.00
CA MET A 9 12.76 18.62 5.74
C MET A 9 13.31 17.54 4.79
N SER A 10 12.53 17.21 3.76
CA SER A 10 12.90 16.20 2.77
C SER A 10 13.27 14.86 3.41
N ALA A 11 12.78 14.62 4.61
CA ALA A 11 13.05 13.38 5.33
C ALA A 11 11.97 12.34 5.03
N PHE A 12 10.79 12.81 4.65
CA PHE A 12 9.66 11.93 4.34
C PHE A 12 9.18 12.15 2.90
N VAL A 13 9.21 13.40 2.43
CA VAL A 13 8.79 13.73 1.07
C VAL A 13 9.66 13.01 0.04
N THR A 14 10.98 13.20 0.13
CA THR A 14 11.91 12.56 -0.79
C THR A 14 11.98 11.05 -0.53
N LYS A 15 11.97 10.68 0.75
CA LYS A 15 12.04 9.26 1.14
C LYS A 15 10.88 8.48 0.53
N ALA A 16 9.70 9.09 0.49
CA ALA A 16 8.51 8.46 -0.07
C ALA A 16 8.69 8.20 -1.56
N GLU A 17 9.13 9.22 -2.30
CA GLU A 17 9.34 9.09 -3.74
C GLU A 17 10.47 8.11 -4.04
N GLU A 18 11.51 8.12 -3.21
CA GLU A 18 12.65 7.21 -3.39
C GLU A 18 12.21 5.75 -3.18
N MET A 19 11.32 5.54 -2.22
CA MET A 19 10.84 4.19 -1.91
C MET A 19 10.05 3.60 -3.08
N ILE A 20 9.14 4.40 -3.65
CA ILE A 20 8.33 3.95 -4.77
C ILE A 20 9.15 3.85 -6.06
N LYS A 21 10.33 4.48 -6.06
CA LYS A 21 11.21 4.45 -7.23
C LYS A 21 11.64 3.03 -7.56
N SER A 22 12.38 2.40 -6.65
CA SER A 22 12.85 1.03 -6.85
C SER A 22 11.83 0.00 -6.34
N HIS A 23 10.89 0.45 -5.51
CA HIS A 23 9.86 -0.43 -4.97
C HIS A 23 8.47 0.11 -5.30
N PRO A 24 8.07 0.06 -6.58
CA PRO A 24 6.75 0.54 -7.02
C PRO A 24 5.60 -0.31 -6.48
N TYR A 25 5.89 -1.55 -6.11
CA TYR A 25 4.88 -2.45 -5.56
C TYR A 25 4.88 -2.39 -4.04
N PHE A 26 4.50 -1.24 -3.49
CA PHE A 26 4.47 -1.04 -2.04
C PHE A 26 3.02 -0.92 -1.54
N GLN A 27 2.70 -1.73 -0.53
CA GLN A 27 1.36 -1.73 0.05
C GLN A 27 1.38 -1.19 1.48
N LEU A 28 0.76 -0.04 1.69
CA LEU A 28 0.72 0.58 3.01
C LEU A 28 -0.52 0.13 3.79
N SER A 29 -0.28 -0.38 5.00
CA SER A 29 -1.37 -0.85 5.86
C SER A 29 -1.44 -0.06 7.17
N ALA A 30 -2.60 -0.08 7.81
CA ALA A 30 -2.81 0.63 9.07
C ALA A 30 -2.18 -0.13 10.24
N SER A 31 -2.24 0.48 11.44
CA SER A 31 -1.68 -0.13 12.64
C SER A 31 -2.76 -0.83 13.45
N TRP A 32 -2.68 -2.17 13.52
CA TRP A 32 -3.65 -2.98 14.26
C TRP A 32 -5.07 -2.75 13.75
N CYS A 33 -5.22 -2.63 12.43
CA CYS A 33 -6.53 -2.40 11.82
C CYS A 33 -6.99 -3.63 11.05
N PRO A 34 -8.32 -3.87 11.00
CA PRO A 34 -8.90 -5.01 10.29
C PRO A 34 -8.43 -5.09 8.83
N ASP A 35 -8.15 -3.92 8.23
CA ASP A 35 -7.68 -3.86 6.85
C ASP A 35 -6.26 -4.42 6.74
N CYS A 36 -5.39 -4.00 7.67
CA CYS A 36 -4.00 -4.45 7.67
C CYS A 36 -3.92 -5.97 7.77
N VAL A 37 -4.60 -6.54 8.77
CA VAL A 37 -4.61 -7.99 8.97
C VAL A 37 -5.23 -8.71 7.77
N TYR A 38 -6.26 -8.10 7.17
CA TYR A 38 -6.93 -8.68 6.02
C TYR A 38 -6.00 -8.73 4.80
N ALA A 39 -5.44 -7.58 4.43
CA ALA A 39 -4.53 -7.49 3.29
C ALA A 39 -3.30 -8.37 3.51
N ASN A 40 -2.92 -8.57 4.77
CA ASN A 40 -1.77 -9.39 5.12
C ASN A 40 -2.09 -10.86 4.89
N SER A 41 -3.32 -11.24 5.22
CA SER A 41 -3.76 -12.62 5.04
C SER A 41 -3.76 -13.00 3.56
N ILE A 42 -4.15 -12.06 2.71
CA ILE A 42 -4.21 -12.30 1.27
C ILE A 42 -2.84 -12.70 0.71
N TRP A 43 -1.85 -11.82 0.84
CA TRP A 43 -0.51 -12.11 0.33
C TRP A 43 0.15 -13.26 1.10
N ASN A 44 -0.05 -13.29 2.43
CA ASN A 44 0.52 -14.33 3.28
C ASN A 44 0.08 -15.72 2.82
N LYS A 45 -1.19 -15.83 2.41
CA LYS A 45 -1.74 -17.09 1.94
C LYS A 45 -1.42 -17.34 0.47
N LEU A 46 -1.32 -16.26 -0.31
CA LEU A 46 -1.02 -16.38 -1.73
C LEU A 46 0.49 -16.57 -1.99
N ASN A 47 1.31 -16.43 -0.94
CA ASN A 47 2.76 -16.58 -1.07
C ASN A 47 3.31 -15.70 -2.21
N VAL A 48 2.88 -14.43 -2.22
CA VAL A 48 3.32 -13.49 -3.25
C VAL A 48 4.13 -12.34 -2.64
N GLN A 49 4.87 -12.64 -1.56
CA GLN A 49 5.68 -11.62 -0.88
C GLN A 49 6.93 -11.27 -1.69
N ASP A 50 7.28 -12.11 -2.67
CA ASP A 50 8.45 -11.87 -3.51
C ASP A 50 8.09 -10.95 -4.67
N LYS A 51 6.83 -11.03 -5.13
CA LYS A 51 6.36 -10.20 -6.23
C LYS A 51 5.96 -8.80 -5.76
N VAL A 52 5.48 -8.71 -4.51
CA VAL A 52 5.06 -7.43 -3.94
C VAL A 52 5.61 -7.25 -2.53
N PHE A 53 5.87 -6.01 -2.13
CA PHE A 53 6.40 -5.71 -0.80
C PHE A 53 5.41 -4.86 0.00
N VAL A 54 4.85 -5.48 1.02
CA VAL A 54 3.88 -4.81 1.89
C VAL A 54 4.54 -4.35 3.19
N PHE A 55 4.13 -3.17 3.65
CA PHE A 55 4.66 -2.59 4.88
C PHE A 55 3.65 -1.67 5.54
N ASP A 56 3.50 -1.80 6.85
CA ASP A 56 2.56 -0.96 7.61
C ASP A 56 3.12 0.46 7.77
N ILE A 57 2.32 1.33 8.39
CA ILE A 57 2.72 2.72 8.61
C ILE A 57 3.94 2.81 9.53
N GLY A 58 4.15 1.80 10.38
CA GLY A 58 5.28 1.78 11.29
C GLY A 58 4.93 2.22 12.70
N SER A 59 3.64 2.44 12.96
CA SER A 59 3.18 2.86 14.29
C SER A 59 3.84 4.19 14.70
N LEU A 60 4.10 5.03 13.69
CA LEU A 60 4.74 6.32 13.91
C LEU A 60 3.95 7.17 14.93
N PRO A 61 4.66 7.75 15.92
CA PRO A 61 4.04 8.58 16.95
C PRO A 61 3.37 9.82 16.36
N ARG A 62 2.70 10.60 17.23
CA ARG A 62 2.01 11.81 16.79
C ARG A 62 2.93 12.72 15.98
N ASN A 63 4.24 12.65 16.25
CA ASN A 63 5.22 13.47 15.55
C ASN A 63 5.47 12.96 14.14
N GLU A 64 5.84 11.68 14.01
CA GLU A 64 6.10 11.09 12.70
C GLU A 64 4.83 10.93 11.89
N GLN A 65 3.71 10.68 12.57
CA GLN A 65 2.42 10.52 11.91
C GLN A 65 2.11 11.71 11.01
N GLU A 66 2.36 12.92 11.51
CA GLU A 66 2.12 14.14 10.76
C GLU A 66 2.97 14.17 9.49
N LYS A 67 4.22 13.68 9.60
CA LYS A 67 5.13 13.64 8.45
C LYS A 67 4.62 12.68 7.36
N TRP A 68 4.02 11.56 7.78
CA TRP A 68 3.49 10.58 6.83
C TRP A 68 2.30 11.14 6.06
N ARG A 69 1.35 11.74 6.78
CA ARG A 69 0.16 12.31 6.17
C ARG A 69 0.52 13.34 5.10
N ILE A 70 1.37 14.31 5.45
CA ILE A 70 1.79 15.35 4.52
C ILE A 70 2.61 14.78 3.37
N ALA A 71 3.57 13.90 3.68
CA ALA A 71 4.43 13.30 2.66
C ALA A 71 3.60 12.49 1.65
N PHE A 72 2.80 11.55 2.16
CA PHE A 72 1.96 10.72 1.31
C PHE A 72 0.99 11.57 0.50
N GLN A 73 0.44 12.62 1.13
CA GLN A 73 -0.49 13.52 0.46
C GLN A 73 0.20 14.34 -0.62
N LYS A 74 1.50 14.59 -0.44
CA LYS A 74 2.28 15.37 -1.40
C LYS A 74 2.68 14.52 -2.60
N VAL A 75 2.89 13.21 -2.38
CA VAL A 75 3.29 12.30 -3.45
C VAL A 75 2.07 11.80 -4.22
N VAL A 76 1.06 11.34 -3.51
CA VAL A 76 -0.15 10.82 -4.15
C VAL A 76 -1.39 11.64 -3.79
N GLY A 77 -1.51 12.03 -2.53
CA GLY A 77 -2.65 12.80 -2.09
C GLY A 77 -3.66 11.98 -1.30
N SER A 78 -3.16 11.09 -0.44
CA SER A 78 -4.02 10.24 0.37
C SER A 78 -3.70 10.42 1.85
N ARG A 79 -4.48 11.25 2.53
CA ARG A 79 -4.28 11.53 3.96
C ARG A 79 -5.02 10.48 4.82
N ASN A 80 -4.81 9.20 4.51
CA ASN A 80 -5.45 8.11 5.25
C ASN A 80 -4.87 6.75 4.85
N LEU A 81 -5.23 5.70 5.59
CA LEU A 81 -4.75 4.34 5.31
C LEU A 81 -5.88 3.32 5.51
N PRO A 82 -5.72 2.09 4.95
CA PRO A 82 -4.55 1.70 4.15
C PRO A 82 -4.52 2.34 2.76
N THR A 83 -3.39 2.20 2.08
CA THR A 83 -3.22 2.75 0.74
C THR A 83 -2.30 1.88 -0.11
N ILE A 84 -2.76 1.51 -1.31
CA ILE A 84 -1.99 0.67 -2.21
C ILE A 84 -1.34 1.51 -3.32
N VAL A 85 -0.02 1.61 -3.28
CA VAL A 85 0.73 2.37 -4.27
C VAL A 85 1.38 1.46 -5.30
N VAL A 86 0.97 1.58 -6.56
CA VAL A 86 1.51 0.76 -7.65
C VAL A 86 2.18 1.64 -8.71
N ASN A 87 3.46 1.34 -8.98
CA ASN A 87 4.23 2.11 -9.97
C ASN A 87 4.36 3.57 -9.56
N GLY A 88 4.55 3.80 -8.26
CA GLY A 88 4.69 5.16 -7.76
C GLY A 88 3.45 6.00 -7.97
N LYS A 89 2.30 5.43 -7.62
CA LYS A 89 1.02 6.12 -7.76
C LYS A 89 -0.11 5.31 -7.14
N PHE A 90 -0.98 6.00 -6.40
CA PHE A 90 -2.12 5.36 -5.74
C PHE A 90 -3.04 4.69 -6.75
N TRP A 91 -3.02 3.37 -6.77
CA TRP A 91 -3.85 2.59 -7.70
C TRP A 91 -4.89 1.74 -6.96
N GLY A 92 -4.61 1.39 -5.69
CA GLY A 92 -5.55 0.59 -4.92
C GLY A 92 -5.99 1.25 -3.63
N THR A 93 -7.28 1.11 -3.31
CA THR A 93 -7.84 1.70 -2.09
C THR A 93 -8.15 0.63 -1.03
N GLU A 94 -8.54 1.08 0.17
CA GLU A 94 -8.87 0.19 1.28
C GLU A 94 -10.15 -0.60 0.99
N SER A 95 -11.07 0.01 0.23
CA SER A 95 -12.33 -0.65 -0.11
C SER A 95 -12.21 -1.43 -1.42
N GLN A 96 -11.31 -0.98 -2.30
CA GLN A 96 -11.10 -1.65 -3.59
C GLN A 96 -10.77 -3.13 -3.39
N LEU A 97 -9.99 -3.44 -2.34
CA LEU A 97 -9.61 -4.82 -2.06
C LEU A 97 -10.83 -5.67 -1.69
N HIS A 98 -11.70 -5.12 -0.83
CA HIS A 98 -12.90 -5.83 -0.39
C HIS A 98 -13.97 -5.83 -1.48
N ARG A 99 -14.04 -4.74 -2.25
CA ARG A 99 -15.02 -4.63 -3.33
C ARG A 99 -14.66 -5.52 -4.51
N PHE A 100 -13.37 -5.62 -4.80
CA PHE A 100 -12.90 -6.45 -5.93
C PHE A 100 -13.02 -7.93 -5.60
N GLU A 101 -12.58 -8.32 -4.40
CA GLU A 101 -12.63 -9.71 -3.97
C GLU A 101 -14.08 -10.21 -3.92
N ALA A 102 -14.98 -9.34 -3.45
CA ALA A 102 -16.39 -9.69 -3.35
C ALA A 102 -17.01 -9.92 -4.73
N LYS A 103 -16.79 -8.96 -5.64
CA LYS A 103 -17.32 -9.06 -7.00
C LYS A 103 -16.61 -10.16 -7.79
N GLY A 104 -15.37 -10.46 -7.44
CA GLY A 104 -14.61 -11.48 -8.14
C GLY A 104 -13.68 -10.90 -9.20
N THR A 105 -13.29 -9.64 -9.01
CA THR A 105 -12.39 -8.96 -9.96
C THR A 105 -10.99 -8.76 -9.36
N LEU A 106 -10.66 -9.54 -8.32
CA LEU A 106 -9.35 -9.45 -7.68
C LEU A 106 -8.29 -10.15 -8.51
N GLU A 107 -8.58 -11.41 -8.89
CA GLU A 107 -7.65 -12.20 -9.70
C GLU A 107 -7.49 -11.60 -11.10
N GLU A 108 -8.61 -11.18 -11.69
CA GLU A 108 -8.59 -10.58 -13.03
C GLU A 108 -7.66 -9.37 -13.07
N GLU A 109 -7.85 -8.44 -12.13
CA GLU A 109 -7.02 -7.24 -12.06
C GLU A 109 -5.57 -7.60 -11.77
N LEU A 110 -5.37 -8.59 -10.88
CA LEU A 110 -4.02 -9.03 -10.53
C LEU A 110 -3.25 -9.50 -11.76
N THR A 111 -3.95 -10.17 -12.68
CA THR A 111 -3.33 -10.66 -13.91
C THR A 111 -3.17 -9.53 -14.92
N LYS A 112 -4.12 -8.59 -14.93
CA LYS A 112 -4.08 -7.45 -15.84
C LYS A 112 -2.87 -6.55 -15.55
N ILE A 113 -2.62 -6.27 -14.27
CA ILE A 113 -1.49 -5.42 -13.87
C ILE A 113 -0.16 -6.06 -14.23
N GLY A 114 -0.12 -7.39 -14.31
CA GLY A 114 1.11 -8.09 -14.62
C GLY A 114 1.72 -8.79 -13.42
N LEU A 115 0.91 -9.07 -12.40
CA LEU A 115 1.39 -9.75 -11.19
C LEU A 115 1.46 -11.25 -11.42
N LEU A 116 0.42 -11.81 -12.03
CA LEU A 116 0.36 -13.24 -12.31
C LEU A 116 1.20 -13.61 -13.54
N PRO A 117 0.99 -12.93 -14.69
CA PRO A 117 1.74 -13.20 -15.92
C PRO A 117 3.25 -13.14 -15.69
N MET A 9 9.40 19.14 2.10
CA MET A 9 10.54 19.63 1.28
C MET A 9 11.05 18.54 0.33
N SER A 10 11.91 18.93 -0.60
CA SER A 10 12.47 17.99 -1.57
C SER A 10 13.14 16.80 -0.88
N ALA A 11 13.81 17.08 0.24
CA ALA A 11 14.50 16.04 1.01
C ALA A 11 13.55 14.91 1.43
N PHE A 12 12.26 15.23 1.57
CA PHE A 12 11.26 14.24 1.96
C PHE A 12 10.36 13.86 0.79
N VAL A 13 9.98 14.85 -0.03
CA VAL A 13 9.11 14.62 -1.18
C VAL A 13 9.86 13.91 -2.31
N THR A 14 11.00 14.46 -2.72
CA THR A 14 11.79 13.87 -3.80
C THR A 14 12.27 12.47 -3.42
N LYS A 15 12.69 12.30 -2.17
CA LYS A 15 13.16 11.00 -1.68
C LYS A 15 12.04 9.97 -1.77
N ALA A 16 10.80 10.41 -1.51
CA ALA A 16 9.65 9.52 -1.57
C ALA A 16 9.47 8.96 -2.97
N GLU A 17 9.56 9.83 -3.98
CA GLU A 17 9.42 9.41 -5.38
C GLU A 17 10.51 8.41 -5.75
N GLU A 18 11.71 8.59 -5.21
CA GLU A 18 12.83 7.69 -5.49
C GLU A 18 12.58 6.32 -4.85
N MET A 19 11.93 6.31 -3.69
CA MET A 19 11.64 5.06 -2.99
C MET A 19 10.62 4.22 -3.76
N ILE A 20 9.52 4.85 -4.17
CA ILE A 20 8.48 4.16 -4.92
C ILE A 20 8.94 3.85 -6.34
N LYS A 21 10.03 4.48 -6.78
CA LYS A 21 10.56 4.27 -8.12
C LYS A 21 10.97 2.81 -8.32
N SER A 22 11.96 2.36 -7.54
CA SER A 22 12.45 0.99 -7.62
C SER A 22 11.59 0.05 -6.77
N HIS A 23 10.85 0.63 -5.82
CA HIS A 23 9.98 -0.16 -4.95
C HIS A 23 8.51 0.28 -5.09
N PRO A 24 7.95 0.13 -6.30
CA PRO A 24 6.54 0.51 -6.57
C PRO A 24 5.53 -0.38 -5.84
N TYR A 25 5.99 -1.53 -5.35
CA TYR A 25 5.13 -2.46 -4.64
C TYR A 25 5.20 -2.20 -3.13
N PHE A 26 4.58 -1.12 -2.68
CA PHE A 26 4.59 -0.76 -1.27
C PHE A 26 3.18 -0.78 -0.69
N GLN A 27 2.97 -1.61 0.34
CA GLN A 27 1.66 -1.73 0.98
C GLN A 27 1.70 -1.19 2.41
N LEU A 28 0.86 -0.19 2.69
CA LEU A 28 0.79 0.41 4.02
C LEU A 28 -0.37 -0.17 4.83
N SER A 29 -0.05 -0.82 5.94
CA SER A 29 -1.08 -1.43 6.79
C SER A 29 -1.08 -0.82 8.21
N ALA A 30 -2.24 -0.89 8.87
CA ALA A 30 -2.39 -0.35 10.23
C ALA A 30 -2.20 -1.44 11.28
N SER A 31 -1.98 -1.02 12.53
CA SER A 31 -1.81 -1.95 13.64
C SER A 31 -3.02 -1.93 14.56
N TRP A 32 -4.22 -1.84 13.98
CA TRP A 32 -5.46 -1.82 14.75
C TRP A 32 -6.68 -2.16 13.88
N CYS A 33 -6.73 -1.60 12.67
CA CYS A 33 -7.84 -1.85 11.76
C CYS A 33 -7.74 -3.25 11.16
N PRO A 34 -8.89 -3.89 10.87
CA PRO A 34 -8.94 -5.24 10.28
C PRO A 34 -8.46 -5.28 8.83
N ASP A 35 -8.42 -4.11 8.18
CA ASP A 35 -7.99 -4.02 6.79
C ASP A 35 -6.60 -4.62 6.60
N CYS A 36 -5.72 -4.41 7.58
CA CYS A 36 -4.36 -4.94 7.52
C CYS A 36 -4.37 -6.47 7.48
N VAL A 37 -5.27 -7.07 8.26
CA VAL A 37 -5.39 -8.52 8.31
C VAL A 37 -6.02 -9.05 7.02
N TYR A 38 -6.99 -8.32 6.48
CA TYR A 38 -7.66 -8.72 5.24
C TYR A 38 -6.68 -8.74 4.08
N ALA A 39 -5.91 -7.66 3.91
CA ALA A 39 -4.93 -7.55 2.83
C ALA A 39 -3.85 -8.63 2.94
N ASN A 40 -3.44 -8.93 4.17
CA ASN A 40 -2.41 -9.95 4.40
C ASN A 40 -2.98 -11.35 4.23
N SER A 41 -4.27 -11.51 4.55
CA SER A 41 -4.93 -12.80 4.43
C SER A 41 -4.90 -13.29 2.99
N ILE A 42 -5.21 -12.41 2.05
CA ILE A 42 -5.21 -12.75 0.64
C ILE A 42 -3.80 -13.08 0.15
N TRP A 43 -2.82 -12.29 0.60
CA TRP A 43 -1.43 -12.50 0.21
C TRP A 43 -0.89 -13.81 0.78
N ASN A 44 -1.34 -14.15 1.99
CA ASN A 44 -0.90 -15.38 2.66
C ASN A 44 -1.40 -16.63 1.91
N LYS A 45 -2.60 -16.53 1.33
CA LYS A 45 -3.18 -17.64 0.59
C LYS A 45 -2.64 -17.69 -0.84
N LEU A 46 -2.38 -16.51 -1.42
CA LEU A 46 -1.86 -16.44 -2.78
C LEU A 46 -0.35 -16.69 -2.84
N ASN A 47 0.30 -16.77 -1.67
CA ASN A 47 1.75 -17.00 -1.61
C ASN A 47 2.50 -15.97 -2.46
N VAL A 48 2.11 -14.70 -2.31
CA VAL A 48 2.74 -13.62 -3.05
C VAL A 48 3.25 -12.53 -2.10
N GLN A 49 3.85 -12.95 -0.98
CA GLN A 49 4.39 -12.01 0.01
C GLN A 49 5.87 -11.74 -0.23
N ASP A 50 6.35 -12.05 -1.43
CA ASP A 50 7.75 -11.83 -1.79
C ASP A 50 7.87 -10.80 -2.91
N LYS A 51 7.02 -10.94 -3.94
CA LYS A 51 7.02 -10.02 -5.07
C LYS A 51 6.63 -8.60 -4.65
N VAL A 52 5.86 -8.50 -3.57
CA VAL A 52 5.41 -7.20 -3.05
C VAL A 52 6.10 -6.88 -1.73
N PHE A 53 6.16 -5.58 -1.37
CA PHE A 53 6.77 -5.18 -0.13
C PHE A 53 5.74 -4.55 0.80
N VAL A 54 5.46 -5.26 1.88
CA VAL A 54 4.49 -4.81 2.88
C VAL A 54 5.21 -4.10 4.04
N PHE A 55 4.69 -2.93 4.40
CA PHE A 55 5.27 -2.14 5.49
C PHE A 55 4.17 -1.65 6.43
N ASP A 56 4.21 -2.11 7.69
CA ASP A 56 3.23 -1.70 8.69
C ASP A 56 3.62 -0.37 9.28
N ILE A 57 2.61 0.39 9.72
CA ILE A 57 2.83 1.70 10.32
C ILE A 57 2.81 1.60 11.85
N GLY A 58 3.86 1.01 12.42
CA GLY A 58 3.95 0.86 13.85
C GLY A 58 5.37 1.01 14.40
N SER A 59 6.21 1.75 13.67
CA SER A 59 7.60 1.97 14.07
C SER A 59 7.94 3.47 14.01
N LEU A 60 6.95 4.31 14.28
CA LEU A 60 7.15 5.76 14.26
C LEU A 60 6.35 6.43 15.37
N PRO A 61 7.03 7.26 16.21
CA PRO A 61 6.38 7.96 17.33
C PRO A 61 5.30 8.94 16.86
N ARG A 62 4.79 9.74 17.80
CA ARG A 62 3.75 10.74 17.49
C ARG A 62 4.32 11.99 16.80
N ASN A 63 5.60 11.93 16.41
CA ASN A 63 6.25 13.07 15.75
C ASN A 63 6.60 12.72 14.29
N GLU A 64 7.10 11.50 14.09
CA GLU A 64 7.48 11.04 12.75
C GLU A 64 6.25 10.85 11.87
N GLN A 65 5.16 10.34 12.46
CA GLN A 65 3.91 10.12 11.73
C GLN A 65 3.32 11.44 11.22
N GLU A 66 3.48 12.51 12.00
CA GLU A 66 2.96 13.83 11.63
C GLU A 66 3.59 14.31 10.33
N LYS A 67 4.92 14.40 10.30
CA LYS A 67 5.63 14.86 9.11
C LYS A 67 5.32 13.97 7.91
N TRP A 68 5.32 12.65 8.12
CA TRP A 68 5.03 11.70 7.07
C TRP A 68 3.64 11.95 6.47
N ARG A 69 2.65 12.13 7.35
CA ARG A 69 1.27 12.38 6.91
C ARG A 69 1.20 13.53 5.91
N ILE A 70 1.91 14.62 6.21
CA ILE A 70 1.93 15.79 5.34
C ILE A 70 2.61 15.48 4.00
N ALA A 71 3.78 14.85 4.07
CA ALA A 71 4.54 14.48 2.86
C ALA A 71 3.75 13.54 1.97
N PHE A 72 3.04 12.58 2.59
CA PHE A 72 2.26 11.60 1.86
C PHE A 72 1.19 12.29 0.99
N GLN A 73 0.38 13.15 1.62
CA GLN A 73 -0.67 13.87 0.90
C GLN A 73 -0.09 14.72 -0.24
N LYS A 74 1.18 15.11 -0.10
CA LYS A 74 1.84 15.92 -1.12
C LYS A 74 2.25 15.05 -2.32
N VAL A 75 2.56 13.77 -2.05
CA VAL A 75 2.96 12.84 -3.10
C VAL A 75 1.76 12.23 -3.80
N VAL A 76 0.76 11.81 -3.01
CA VAL A 76 -0.45 11.21 -3.57
C VAL A 76 -1.71 12.00 -3.21
N GLY A 77 -1.82 12.41 -1.94
CA GLY A 77 -2.97 13.15 -1.49
C GLY A 77 -4.04 12.27 -0.87
N SER A 78 -3.64 11.09 -0.38
CA SER A 78 -4.57 10.15 0.24
C SER A 78 -3.84 8.90 0.74
N ARG A 79 -3.14 9.05 1.86
CA ARG A 79 -2.39 7.94 2.45
C ARG A 79 -2.91 7.63 3.86
N ASN A 80 -4.19 7.89 4.10
CA ASN A 80 -4.80 7.63 5.39
C ASN A 80 -5.00 6.13 5.59
N LEU A 81 -4.24 5.56 6.53
CA LEU A 81 -4.30 4.13 6.83
C LEU A 81 -5.75 3.65 6.95
N PRO A 82 -6.11 2.54 6.29
CA PRO A 82 -5.19 1.75 5.45
C PRO A 82 -4.96 2.36 4.07
N THR A 83 -3.78 2.12 3.50
CA THR A 83 -3.43 2.67 2.18
C THR A 83 -2.59 1.67 1.37
N ILE A 84 -3.03 1.40 0.13
CA ILE A 84 -2.31 0.47 -0.75
C ILE A 84 -1.68 1.21 -1.93
N VAL A 85 -0.35 1.26 -1.96
CA VAL A 85 0.38 1.94 -3.04
C VAL A 85 0.90 0.93 -4.06
N VAL A 86 0.41 1.03 -5.29
CA VAL A 86 0.82 0.13 -6.37
C VAL A 86 1.32 0.91 -7.58
N ASN A 87 2.50 0.55 -8.07
CA ASN A 87 3.10 1.22 -9.23
C ASN A 87 3.39 2.70 -8.91
N GLY A 88 3.76 2.96 -7.66
CA GLY A 88 4.06 4.32 -7.24
C GLY A 88 2.87 5.24 -7.33
N LYS A 89 1.73 4.78 -6.82
CA LYS A 89 0.50 5.56 -6.86
C LYS A 89 -0.63 4.82 -6.12
N PHE A 90 -1.38 5.57 -5.33
CA PHE A 90 -2.50 5.00 -4.56
C PHE A 90 -3.56 4.42 -5.49
N TRP A 91 -3.56 3.09 -5.59
CA TRP A 91 -4.52 2.39 -6.45
C TRP A 91 -5.45 1.49 -5.65
N GLY A 92 -5.00 1.04 -4.47
CA GLY A 92 -5.83 0.18 -3.64
C GLY A 92 -6.38 0.87 -2.42
N THR A 93 -7.64 0.60 -2.11
CA THR A 93 -8.30 1.21 -0.96
C THR A 93 -8.85 0.12 -0.02
N GLU A 94 -9.60 0.54 1.00
CA GLU A 94 -10.19 -0.41 1.96
C GLU A 94 -11.38 -1.15 1.34
N SER A 95 -12.16 -0.44 0.53
CA SER A 95 -13.33 -1.04 -0.12
C SER A 95 -13.01 -1.52 -1.53
N GLN A 96 -12.03 -0.90 -2.17
CA GLN A 96 -11.63 -1.28 -3.53
C GLN A 96 -11.31 -2.77 -3.60
N LEU A 97 -10.66 -3.29 -2.56
CA LEU A 97 -10.29 -4.70 -2.50
C LEU A 97 -11.53 -5.58 -2.40
N HIS A 98 -12.44 -5.21 -1.51
CA HIS A 98 -13.68 -5.97 -1.31
C HIS A 98 -14.52 -5.97 -2.59
N ARG A 99 -14.55 -4.83 -3.29
CA ARG A 99 -15.32 -4.71 -4.53
C ARG A 99 -14.68 -5.50 -5.67
N PHE A 100 -13.35 -5.47 -5.72
CA PHE A 100 -12.63 -6.20 -6.77
C PHE A 100 -12.64 -7.71 -6.50
N GLU A 101 -12.58 -8.09 -5.22
CA GLU A 101 -12.57 -9.50 -4.83
C GLU A 101 -13.96 -10.11 -4.99
N ALA A 102 -14.97 -9.42 -4.44
CA ALA A 102 -16.36 -9.89 -4.51
C ALA A 102 -16.81 -10.06 -5.96
N LYS A 103 -16.35 -9.17 -6.85
CA LYS A 103 -16.71 -9.24 -8.26
C LYS A 103 -16.00 -10.40 -8.96
N GLY A 104 -14.83 -10.80 -8.44
CA GLY A 104 -14.07 -11.88 -9.04
C GLY A 104 -13.06 -11.39 -10.06
N THR A 105 -12.62 -10.14 -9.92
CA THR A 105 -11.64 -9.56 -10.83
C THR A 105 -10.27 -9.37 -10.18
N LEU A 106 -10.18 -9.65 -8.88
CA LEU A 106 -8.91 -9.52 -8.16
C LEU A 106 -7.80 -10.33 -8.83
N GLU A 107 -8.12 -11.55 -9.26
CA GLU A 107 -7.14 -12.42 -9.92
C GLU A 107 -6.61 -11.78 -11.21
N GLU A 108 -7.54 -11.34 -12.07
CA GLU A 108 -7.17 -10.71 -13.33
C GLU A 108 -6.37 -9.44 -13.09
N GLU A 109 -6.82 -8.62 -12.13
CA GLU A 109 -6.14 -7.37 -11.80
C GLU A 109 -4.70 -7.64 -11.35
N LEU A 110 -4.50 -8.75 -10.63
CA LEU A 110 -3.17 -9.12 -10.15
C LEU A 110 -2.21 -9.34 -11.32
N THR A 111 -2.71 -9.97 -12.39
CA THR A 111 -1.89 -10.23 -13.58
C THR A 111 -1.68 -8.94 -14.39
N LYS A 112 -2.67 -8.04 -14.34
CA LYS A 112 -2.59 -6.77 -15.06
C LYS A 112 -1.36 -5.96 -14.63
N ILE A 113 -1.20 -5.79 -13.31
CA ILE A 113 -0.07 -5.04 -12.76
C ILE A 113 1.25 -5.76 -13.00
N GLY A 114 1.20 -7.08 -13.16
CA GLY A 114 2.40 -7.87 -13.39
C GLY A 114 2.81 -8.67 -12.16
N LEU A 115 1.85 -8.97 -11.29
CA LEU A 115 2.12 -9.74 -10.08
C LEU A 115 2.00 -11.23 -10.36
N LEU A 116 0.87 -11.63 -10.94
CA LEU A 116 0.62 -13.03 -11.28
C LEU A 116 1.09 -13.35 -12.70
N PRO A 117 2.19 -14.13 -12.83
CA PRO A 117 2.73 -14.50 -14.14
C PRO A 117 1.90 -15.57 -14.85
N MET A 9 10.39 20.49 3.58
CA MET A 9 10.49 19.04 3.95
C MET A 9 10.83 18.18 2.72
N SER A 10 11.56 18.75 1.77
CA SER A 10 11.95 18.02 0.56
C SER A 10 12.79 16.79 0.90
N ALA A 11 13.50 16.85 2.03
CA ALA A 11 14.35 15.74 2.47
C ALA A 11 13.57 14.43 2.52
N PHE A 12 12.28 14.52 2.83
CA PHE A 12 11.42 13.35 2.91
C PHE A 12 10.65 13.13 1.60
N VAL A 13 10.25 14.24 0.95
CA VAL A 13 9.50 14.16 -0.31
C VAL A 13 10.28 13.38 -1.36
N THR A 14 11.54 13.78 -1.58
CA THR A 14 12.39 13.12 -2.57
C THR A 14 12.58 11.63 -2.23
N LYS A 15 12.68 11.33 -0.92
CA LYS A 15 12.85 9.95 -0.47
C LYS A 15 11.62 9.11 -0.80
N ALA A 16 10.44 9.74 -0.77
CA ALA A 16 9.19 9.03 -1.06
C ALA A 16 9.15 8.60 -2.52
N GLU A 17 9.41 9.54 -3.43
CA GLU A 17 9.42 9.26 -4.86
C GLU A 17 10.52 8.25 -5.22
N GLU A 18 11.64 8.33 -4.50
CA GLU A 18 12.76 7.41 -4.74
C GLU A 18 12.40 6.00 -4.29
N MET A 19 11.59 5.90 -3.22
CA MET A 19 11.17 4.59 -2.69
C MET A 19 10.24 3.88 -3.67
N ILE A 20 9.26 4.60 -4.21
CA ILE A 20 8.32 4.04 -5.15
C ILE A 20 8.96 3.78 -6.52
N LYS A 21 10.13 4.38 -6.73
CA LYS A 21 10.86 4.22 -7.99
C LYS A 21 11.23 2.76 -8.23
N SER A 22 12.10 2.22 -7.37
CA SER A 22 12.54 0.83 -7.48
C SER A 22 11.57 -0.11 -6.77
N HIS A 23 10.83 0.42 -5.80
CA HIS A 23 9.87 -0.37 -5.05
C HIS A 23 8.45 0.19 -5.21
N PRO A 24 7.89 0.09 -6.44
CA PRO A 24 6.53 0.59 -6.73
C PRO A 24 5.43 -0.26 -6.07
N TYR A 25 5.77 -1.50 -5.70
CA TYR A 25 4.82 -2.39 -5.07
C TYR A 25 4.91 -2.29 -3.55
N PHE A 26 4.45 -1.16 -3.02
CA PHE A 26 4.49 -0.92 -1.58
C PHE A 26 3.09 -0.87 -0.98
N GLN A 27 2.91 -1.54 0.16
CA GLN A 27 1.62 -1.57 0.85
C GLN A 27 1.79 -1.16 2.31
N LEU A 28 1.32 0.03 2.64
CA LEU A 28 1.40 0.54 4.01
C LEU A 28 0.29 -0.02 4.88
N SER A 29 0.67 -0.66 6.00
CA SER A 29 -0.31 -1.25 6.92
C SER A 29 -0.05 -0.81 8.36
N ALA A 30 -0.98 -1.17 9.25
CA ALA A 30 -0.87 -0.82 10.67
C ALA A 30 -0.43 -2.02 11.50
N SER A 31 -0.40 -1.84 12.83
CA SER A 31 0.01 -2.91 13.74
C SER A 31 -1.19 -3.73 14.22
N TRP A 32 -1.42 -4.88 13.57
CA TRP A 32 -2.53 -5.76 13.92
C TRP A 32 -3.87 -5.04 13.88
N CYS A 33 -4.09 -4.24 12.83
CA CYS A 33 -5.35 -3.50 12.67
C CYS A 33 -6.47 -4.41 12.16
N PRO A 34 -7.74 -4.01 12.37
CA PRO A 34 -8.90 -4.79 11.92
C PRO A 34 -9.04 -4.83 10.39
N ASP A 35 -8.70 -3.72 9.74
CA ASP A 35 -8.79 -3.63 8.29
C ASP A 35 -7.46 -4.01 7.64
N CYS A 36 -6.36 -3.63 8.28
CA CYS A 36 -5.02 -3.92 7.76
C CYS A 36 -4.74 -5.42 7.80
N VAL A 37 -5.27 -6.11 8.81
CA VAL A 37 -5.08 -7.55 8.94
C VAL A 37 -5.61 -8.30 7.71
N TYR A 38 -6.69 -7.77 7.12
CA TYR A 38 -7.30 -8.38 5.93
C TYR A 38 -6.34 -8.37 4.76
N ALA A 39 -5.73 -7.21 4.49
CA ALA A 39 -4.79 -7.07 3.38
C ALA A 39 -3.59 -8.01 3.56
N ASN A 40 -3.17 -8.21 4.81
CA ASN A 40 -2.04 -9.10 5.11
C ASN A 40 -2.46 -10.55 5.00
N SER A 41 -3.73 -10.83 5.32
CA SER A 41 -4.26 -12.18 5.25
C SER A 41 -4.18 -12.73 3.83
N ILE A 42 -4.66 -11.95 2.87
CA ILE A 42 -4.64 -12.36 1.47
C ILE A 42 -3.21 -12.40 0.92
N TRP A 43 -2.38 -11.45 1.36
CA TRP A 43 -0.99 -11.38 0.92
C TRP A 43 -0.22 -12.64 1.34
N ASN A 44 -0.57 -13.19 2.50
CA ASN A 44 0.08 -14.41 3.01
C ASN A 44 -0.42 -15.65 2.27
N LYS A 45 -1.67 -15.62 1.80
CA LYS A 45 -2.25 -16.74 1.07
C LYS A 45 -1.83 -16.73 -0.39
N LEU A 46 -1.65 -15.53 -0.95
CA LEU A 46 -1.26 -15.38 -2.34
C LEU A 46 0.25 -15.56 -2.54
N ASN A 47 1.00 -15.68 -1.43
CA ASN A 47 2.45 -15.87 -1.49
C ASN A 47 3.10 -14.82 -2.41
N VAL A 48 2.77 -13.55 -2.19
CA VAL A 48 3.32 -12.46 -3.00
C VAL A 48 4.25 -11.57 -2.16
N GLN A 49 4.94 -12.17 -1.20
CA GLN A 49 5.87 -11.43 -0.34
C GLN A 49 7.20 -11.15 -1.04
N ASP A 50 7.54 -12.00 -2.02
CA ASP A 50 8.79 -11.83 -2.77
C ASP A 50 8.61 -10.85 -3.92
N LYS A 51 7.43 -10.89 -4.56
CA LYS A 51 7.13 -9.99 -5.68
C LYS A 51 6.61 -8.64 -5.19
N VAL A 52 6.22 -8.55 -3.91
CA VAL A 52 5.70 -7.31 -3.33
C VAL A 52 6.48 -6.94 -2.07
N PHE A 53 6.41 -5.66 -1.70
CA PHE A 53 7.09 -5.19 -0.50
C PHE A 53 6.10 -4.56 0.47
N VAL A 54 5.92 -5.24 1.59
CA VAL A 54 5.00 -4.78 2.64
C VAL A 54 5.75 -4.07 3.76
N PHE A 55 5.22 -2.91 4.17
CA PHE A 55 5.84 -2.13 5.24
C PHE A 55 4.84 -1.86 6.37
N ASP A 56 5.25 -2.19 7.60
CA ASP A 56 4.40 -1.99 8.77
C ASP A 56 4.75 -0.70 9.49
N ILE A 57 3.74 0.00 10.00
CA ILE A 57 3.96 1.26 10.71
C ILE A 57 3.10 1.32 11.98
N GLY A 58 3.49 0.54 12.99
CA GLY A 58 2.75 0.53 14.24
C GLY A 58 3.59 0.98 15.43
N SER A 59 4.57 1.84 15.17
CA SER A 59 5.45 2.34 16.24
C SER A 59 5.78 3.82 16.01
N LEU A 60 4.77 4.61 15.62
CA LEU A 60 4.95 6.03 15.37
C LEU A 60 3.80 6.84 15.98
N PRO A 61 4.13 7.75 16.93
CA PRO A 61 3.12 8.59 17.60
C PRO A 61 2.56 9.67 16.67
N ARG A 62 1.69 10.52 17.20
CA ARG A 62 1.08 11.60 16.42
C ARG A 62 2.14 12.54 15.84
N ASN A 63 3.22 12.75 16.59
CA ASN A 63 4.31 13.62 16.14
C ASN A 63 4.91 13.13 14.83
N GLU A 64 5.28 11.85 14.79
CA GLU A 64 5.86 11.26 13.59
C GLU A 64 4.80 11.08 12.50
N GLN A 65 3.62 10.59 12.90
CA GLN A 65 2.52 10.39 11.96
C GLN A 65 2.13 11.68 11.26
N GLU A 66 2.22 12.81 11.97
CA GLU A 66 1.88 14.11 11.41
C GLU A 66 2.71 14.42 10.16
N LYS A 67 4.04 14.24 10.28
CA LYS A 67 4.94 14.48 9.16
C LYS A 67 4.60 13.60 7.97
N TRP A 68 4.30 12.32 8.24
CA TRP A 68 3.95 11.37 7.20
C TRP A 68 2.60 11.71 6.57
N ARG A 69 1.70 12.28 7.37
CA ARG A 69 0.36 12.65 6.91
C ARG A 69 0.46 13.63 5.72
N ILE A 70 1.31 14.65 5.86
CA ILE A 70 1.49 15.64 4.80
C ILE A 70 2.36 15.09 3.68
N ALA A 71 3.46 14.43 4.04
CA ALA A 71 4.39 13.86 3.06
C ALA A 71 3.67 12.93 2.08
N PHE A 72 2.93 11.96 2.63
CA PHE A 72 2.20 10.99 1.80
C PHE A 72 1.17 11.70 0.91
N GLN A 73 0.37 12.58 1.51
CA GLN A 73 -0.65 13.33 0.76
C GLN A 73 -0.02 14.18 -0.35
N LYS A 74 1.24 14.54 -0.18
CA LYS A 74 1.95 15.36 -1.16
C LYS A 74 2.43 14.51 -2.34
N VAL A 75 2.74 13.24 -2.08
CA VAL A 75 3.22 12.33 -3.12
C VAL A 75 2.06 11.66 -3.84
N VAL A 76 1.10 11.12 -3.09
CA VAL A 76 -0.05 10.44 -3.67
C VAL A 76 -1.37 11.18 -3.41
N GLY A 77 -1.51 11.74 -2.21
CA GLY A 77 -2.73 12.45 -1.86
C GLY A 77 -3.76 11.54 -1.21
N SER A 78 -3.30 10.56 -0.44
CA SER A 78 -4.18 9.62 0.24
C SER A 78 -3.43 8.87 1.34
N ARG A 79 -3.50 9.40 2.56
CA ARG A 79 -2.84 8.79 3.70
C ARG A 79 -3.82 7.92 4.51
N ASN A 80 -4.76 7.29 3.81
CA ASN A 80 -5.75 6.44 4.45
C ASN A 80 -5.30 4.98 4.44
N LEU A 81 -5.01 4.43 5.62
CA LEU A 81 -4.58 3.05 5.74
C LEU A 81 -5.78 2.11 5.95
N PRO A 82 -5.71 0.87 5.43
CA PRO A 82 -4.55 0.37 4.67
C PRO A 82 -4.44 1.01 3.30
N THR A 83 -3.26 1.54 2.98
CA THR A 83 -3.02 2.19 1.70
C THR A 83 -2.24 1.27 0.77
N ILE A 84 -2.73 1.13 -0.47
CA ILE A 84 -2.08 0.29 -1.47
C ILE A 84 -1.60 1.12 -2.66
N VAL A 85 -0.29 1.25 -2.80
CA VAL A 85 0.31 2.00 -3.90
C VAL A 85 1.02 1.08 -4.88
N VAL A 86 0.58 1.13 -6.14
CA VAL A 86 1.17 0.29 -7.19
C VAL A 86 1.68 1.15 -8.35
N ASN A 87 2.94 0.94 -8.73
CA ASN A 87 3.55 1.69 -9.82
C ASN A 87 3.59 3.19 -9.51
N GLY A 88 3.86 3.52 -8.25
CA GLY A 88 3.93 4.92 -7.83
C GLY A 88 2.61 5.65 -8.03
N LYS A 89 1.53 5.05 -7.54
CA LYS A 89 0.20 5.64 -7.66
C LYS A 89 -0.82 4.84 -6.85
N PHE A 90 -1.65 5.55 -6.11
CA PHE A 90 -2.69 4.93 -5.29
C PHE A 90 -3.76 4.28 -6.16
N TRP A 91 -3.74 2.95 -6.20
CA TRP A 91 -4.71 2.20 -7.00
C TRP A 91 -5.59 1.29 -6.12
N GLY A 92 -5.09 0.93 -4.94
CA GLY A 92 -5.85 0.08 -4.05
C GLY A 92 -6.28 0.78 -2.77
N THR A 93 -7.52 0.51 -2.35
CA THR A 93 -8.07 1.11 -1.13
C THR A 93 -8.48 0.03 -0.13
N GLU A 94 -9.00 0.45 1.03
CA GLU A 94 -9.44 -0.48 2.05
C GLU A 94 -10.71 -1.22 1.63
N SER A 95 -11.59 -0.52 0.92
CA SER A 95 -12.85 -1.11 0.46
C SER A 95 -12.74 -1.64 -0.98
N GLN A 96 -11.82 -1.08 -1.76
CA GLN A 96 -11.63 -1.52 -3.15
C GLN A 96 -11.42 -3.03 -3.23
N LEU A 97 -10.78 -3.60 -2.21
CA LEU A 97 -10.53 -5.04 -2.17
C LEU A 97 -11.84 -5.82 -2.11
N HIS A 98 -12.71 -5.43 -1.19
CA HIS A 98 -14.02 -6.09 -1.04
C HIS A 98 -14.88 -5.91 -2.28
N ARG A 99 -14.74 -4.74 -2.93
CA ARG A 99 -15.51 -4.45 -4.14
C ARG A 99 -14.98 -5.24 -5.33
N PHE A 100 -13.66 -5.31 -5.46
CA PHE A 100 -13.02 -6.04 -6.56
C PHE A 100 -13.27 -7.54 -6.44
N GLU A 101 -13.10 -8.07 -5.23
CA GLU A 101 -13.31 -9.49 -4.98
C GLU A 101 -14.75 -9.91 -5.29
N ALA A 102 -15.70 -9.12 -4.77
CA ALA A 102 -17.12 -9.39 -4.99
C ALA A 102 -17.47 -9.34 -6.47
N LYS A 103 -16.86 -8.40 -7.19
CA LYS A 103 -17.11 -8.24 -8.62
C LYS A 103 -16.45 -9.35 -9.43
N GLY A 104 -15.40 -9.96 -8.88
CA GLY A 104 -14.69 -11.03 -9.56
C GLY A 104 -13.67 -10.50 -10.55
N THR A 105 -13.21 -9.27 -10.35
CA THR A 105 -12.23 -8.64 -11.24
C THR A 105 -10.83 -8.60 -10.59
N LEU A 106 -10.77 -8.76 -9.26
CA LEU A 106 -9.50 -8.74 -8.54
C LEU A 106 -8.53 -9.76 -9.14
N GLU A 107 -9.01 -10.98 -9.35
CA GLU A 107 -8.17 -12.05 -9.91
C GLU A 107 -7.60 -11.63 -11.27
N GLU A 108 -8.45 -11.05 -12.11
CA GLU A 108 -8.02 -10.60 -13.43
C GLU A 108 -6.98 -9.49 -13.32
N GLU A 109 -7.14 -8.61 -12.33
CA GLU A 109 -6.21 -7.51 -12.11
C GLU A 109 -4.81 -8.03 -11.78
N LEU A 110 -4.74 -8.97 -10.84
CA LEU A 110 -3.46 -9.55 -10.43
C LEU A 110 -2.74 -10.19 -11.62
N THR A 111 -3.48 -10.86 -12.49
CA THR A 111 -2.90 -11.50 -13.66
C THR A 111 -2.43 -10.45 -14.66
N LYS A 112 -3.14 -9.32 -14.73
CA LYS A 112 -2.79 -8.23 -15.64
C LYS A 112 -1.47 -7.58 -15.25
N ILE A 113 -1.33 -7.23 -13.96
CA ILE A 113 -0.11 -6.60 -13.45
C ILE A 113 1.09 -7.55 -13.53
N GLY A 114 0.82 -8.85 -13.51
CA GLY A 114 1.89 -9.83 -13.57
C GLY A 114 2.19 -10.45 -12.21
N LEU A 115 1.21 -10.43 -11.31
CA LEU A 115 1.38 -11.00 -9.97
C LEU A 115 1.16 -12.51 -10.00
N LEU A 116 0.13 -12.95 -10.72
CA LEU A 116 -0.19 -14.36 -10.83
C LEU A 116 -0.08 -14.84 -12.29
N PRO A 117 0.41 -16.07 -12.50
CA PRO A 117 0.56 -16.65 -13.84
C PRO A 117 -0.76 -16.68 -14.61
N MET A 9 7.01 18.85 2.18
CA MET A 9 8.47 19.16 2.16
C MET A 9 9.20 18.32 1.12
N SER A 10 10.06 18.97 0.34
CA SER A 10 10.83 18.27 -0.69
C SER A 10 11.61 17.10 -0.09
N ALA A 11 12.02 17.24 1.17
CA ALA A 11 12.78 16.19 1.86
C ALA A 11 12.02 14.85 1.84
N PHE A 12 10.69 14.92 1.77
CA PHE A 12 9.87 13.71 1.74
C PHE A 12 9.28 13.49 0.35
N VAL A 13 8.87 14.57 -0.32
CA VAL A 13 8.27 14.48 -1.65
C VAL A 13 9.26 13.88 -2.66
N THR A 14 10.43 14.53 -2.80
CA THR A 14 11.46 14.08 -3.72
C THR A 14 12.01 12.72 -3.30
N LYS A 15 12.33 12.58 -2.01
CA LYS A 15 12.88 11.31 -1.49
C LYS A 15 11.90 10.16 -1.70
N ALA A 16 10.60 10.45 -1.61
CA ALA A 16 9.57 9.44 -1.81
C ALA A 16 9.62 8.87 -3.22
N GLU A 17 9.77 9.77 -4.20
CA GLU A 17 9.85 9.36 -5.61
C GLU A 17 11.03 8.41 -5.83
N GLU A 18 12.11 8.61 -5.09
CA GLU A 18 13.29 7.76 -5.19
C GLU A 18 13.01 6.37 -4.63
N MET A 19 12.22 6.32 -3.55
CA MET A 19 11.88 5.05 -2.91
C MET A 19 10.94 4.21 -3.80
N ILE A 20 9.92 4.87 -4.35
CA ILE A 20 8.97 4.19 -5.24
C ILE A 20 9.59 3.88 -6.60
N LYS A 21 10.73 4.49 -6.89
CA LYS A 21 11.41 4.27 -8.16
C LYS A 21 11.84 2.80 -8.30
N SER A 22 12.74 2.36 -7.41
CA SER A 22 13.23 0.99 -7.42
C SER A 22 12.30 0.07 -6.63
N HIS A 23 11.55 0.65 -5.69
CA HIS A 23 10.62 -0.12 -4.88
C HIS A 23 9.19 0.39 -5.06
N PRO A 24 8.65 0.33 -6.29
CA PRO A 24 7.29 0.79 -6.60
C PRO A 24 6.21 -0.09 -5.97
N TYR A 25 6.58 -1.30 -5.55
CA TYR A 25 5.64 -2.23 -4.92
C TYR A 25 5.60 -2.01 -3.42
N PHE A 26 5.08 -0.84 -3.01
CA PHE A 26 4.98 -0.50 -1.59
C PHE A 26 3.54 -0.55 -1.10
N GLN A 27 3.34 -1.11 0.09
CA GLN A 27 2.00 -1.22 0.68
C GLN A 27 2.06 -1.01 2.19
N LEU A 28 1.60 0.16 2.64
CA LEU A 28 1.60 0.51 4.07
C LEU A 28 0.43 -0.14 4.80
N SER A 29 0.74 -0.89 5.87
CA SER A 29 -0.29 -1.57 6.66
C SER A 29 0.12 -1.66 8.14
N ALA A 30 -0.71 -2.31 8.93
CA ALA A 30 -0.47 -2.48 10.36
C ALA A 30 -1.13 -3.76 10.90
N SER A 31 -0.89 -4.06 12.17
CA SER A 31 -1.48 -5.25 12.80
C SER A 31 -2.52 -4.85 13.85
N TRP A 32 -3.23 -3.75 13.60
CA TRP A 32 -4.26 -3.28 14.53
C TRP A 32 -5.54 -2.90 13.78
N CYS A 33 -5.40 -2.14 12.69
CA CYS A 33 -6.54 -1.71 11.89
C CYS A 33 -7.34 -2.91 11.37
N PRO A 34 -8.69 -2.79 11.30
CA PRO A 34 -9.55 -3.87 10.82
C PRO A 34 -9.35 -4.16 9.33
N ASP A 35 -9.17 -3.09 8.54
CA ASP A 35 -8.98 -3.22 7.10
C ASP A 35 -7.60 -3.82 6.78
N CYS A 36 -6.60 -3.48 7.61
CA CYS A 36 -5.25 -3.99 7.41
C CYS A 36 -5.22 -5.51 7.49
N VAL A 37 -5.98 -6.08 8.43
CA VAL A 37 -6.05 -7.53 8.59
C VAL A 37 -6.61 -8.19 7.32
N TYR A 38 -7.57 -7.52 6.67
CA TYR A 38 -8.17 -8.03 5.45
C TYR A 38 -7.19 -7.94 4.28
N ALA A 39 -6.40 -6.88 4.24
CA ALA A 39 -5.42 -6.68 3.17
C ALA A 39 -4.34 -7.75 3.21
N ASN A 40 -3.86 -8.07 4.42
CA ASN A 40 -2.83 -9.09 4.60
C ASN A 40 -3.39 -10.50 4.44
N SER A 41 -4.67 -10.69 4.76
CA SER A 41 -5.30 -11.99 4.65
C SER A 41 -5.29 -12.48 3.19
N ILE A 42 -5.59 -11.58 2.26
CA ILE A 42 -5.61 -11.93 0.84
C ILE A 42 -4.20 -12.25 0.34
N TRP A 43 -3.26 -11.33 0.57
CA TRP A 43 -1.87 -11.53 0.13
C TRP A 43 -1.27 -12.78 0.77
N ASN A 44 -1.64 -13.06 2.01
CA ASN A 44 -1.14 -14.23 2.73
C ASN A 44 -1.68 -15.52 2.12
N LYS A 45 -2.92 -15.46 1.61
CA LYS A 45 -3.55 -16.62 0.99
C LYS A 45 -3.03 -16.82 -0.43
N LEU A 46 -2.69 -15.73 -1.10
CA LEU A 46 -2.19 -15.79 -2.46
C LEU A 46 -0.69 -16.17 -2.52
N ASN A 47 -0.04 -16.23 -1.35
CA ASN A 47 1.38 -16.57 -1.28
C ASN A 47 2.21 -15.62 -2.16
N VAL A 48 1.96 -14.33 -2.01
CA VAL A 48 2.67 -13.32 -2.79
C VAL A 48 3.23 -12.22 -1.87
N GLN A 49 3.72 -12.63 -0.70
CA GLN A 49 4.29 -11.69 0.27
C GLN A 49 5.81 -11.64 0.18
N ASP A 50 6.35 -11.93 -1.01
CA ASP A 50 7.80 -11.92 -1.22
C ASP A 50 8.17 -10.98 -2.36
N LYS A 51 7.48 -11.13 -3.50
CA LYS A 51 7.72 -10.29 -4.67
C LYS A 51 7.29 -8.85 -4.42
N VAL A 52 6.45 -8.63 -3.41
CA VAL A 52 5.97 -7.30 -3.06
C VAL A 52 6.66 -6.79 -1.79
N PHE A 53 6.65 -5.48 -1.59
CA PHE A 53 7.27 -4.89 -0.41
C PHE A 53 6.22 -4.19 0.45
N VAL A 54 5.95 -4.77 1.61
CA VAL A 54 4.96 -4.24 2.54
C VAL A 54 5.63 -3.41 3.65
N PHE A 55 5.04 -2.25 3.96
CA PHE A 55 5.56 -1.36 4.99
C PHE A 55 4.75 -1.50 6.28
N ASP A 56 5.39 -2.06 7.32
CA ASP A 56 4.74 -2.24 8.61
C ASP A 56 5.02 -1.04 9.52
N ILE A 57 3.96 -0.45 10.04
CA ILE A 57 4.10 0.70 10.94
C ILE A 57 4.32 0.25 12.37
N GLY A 58 5.45 -0.44 12.60
CA GLY A 58 5.76 -0.94 13.93
C GLY A 58 7.12 -0.46 14.44
N SER A 59 7.59 0.67 13.90
CA SER A 59 8.88 1.24 14.30
C SER A 59 8.92 2.74 14.03
N LEU A 60 7.78 3.40 14.21
CA LEU A 60 7.68 4.83 13.97
C LEU A 60 6.48 5.42 14.73
N PRO A 61 6.72 6.02 15.91
CA PRO A 61 5.67 6.63 16.74
C PRO A 61 4.88 7.71 16.00
N ARG A 62 3.84 8.24 16.64
CA ARG A 62 2.99 9.29 16.05
C ARG A 62 3.84 10.40 15.43
N ASN A 63 5.01 10.67 16.03
CA ASN A 63 5.91 11.70 15.53
C ASN A 63 6.25 11.47 14.06
N GLU A 64 6.63 10.24 13.72
CA GLU A 64 6.99 9.90 12.34
C GLU A 64 5.72 9.68 11.51
N GLN A 65 4.70 9.06 12.11
CA GLN A 65 3.45 8.80 11.41
C GLN A 65 2.82 10.10 10.91
N GLU A 66 2.89 11.15 11.74
CA GLU A 66 2.32 12.45 11.38
C GLU A 66 3.01 13.01 10.14
N LYS A 67 4.34 12.88 10.09
CA LYS A 67 5.12 13.37 8.94
C LYS A 67 4.74 12.60 7.67
N TRP A 68 4.58 11.28 7.80
CA TRP A 68 4.23 10.43 6.66
C TRP A 68 2.79 10.70 6.21
N ARG A 69 1.90 11.00 7.17
CA ARG A 69 0.50 11.26 6.87
C ARG A 69 0.37 12.41 5.87
N ILE A 70 1.11 13.48 6.10
CA ILE A 70 1.08 14.65 5.21
C ILE A 70 1.83 14.36 3.90
N ALA A 71 2.97 13.68 4.01
CA ALA A 71 3.77 13.33 2.84
C ALA A 71 2.99 12.46 1.86
N PHE A 72 2.46 11.34 2.36
CA PHE A 72 1.68 10.41 1.52
C PHE A 72 0.48 11.13 0.90
N GLN A 73 -0.17 12.00 1.66
CA GLN A 73 -1.32 12.74 1.17
C GLN A 73 -0.92 13.71 0.06
N LYS A 74 0.33 14.19 0.10
CA LYS A 74 0.84 15.11 -0.91
C LYS A 74 1.29 14.37 -2.17
N VAL A 75 1.77 13.13 -2.01
CA VAL A 75 2.23 12.33 -3.14
C VAL A 75 1.08 11.60 -3.82
N VAL A 76 0.25 10.92 -3.03
CA VAL A 76 -0.90 10.18 -3.57
C VAL A 76 -2.24 10.73 -3.09
N GLY A 77 -2.31 11.09 -1.81
CA GLY A 77 -3.54 11.62 -1.24
C GLY A 77 -4.26 10.63 -0.36
N SER A 78 -3.51 9.91 0.48
CA SER A 78 -4.10 8.94 1.39
C SER A 78 -3.52 9.08 2.79
N ARG A 79 -4.29 9.72 3.68
CA ARG A 79 -3.85 9.92 5.07
C ARG A 79 -4.38 8.80 5.97
N ASN A 80 -4.41 7.58 5.44
CA ASN A 80 -4.90 6.42 6.19
C ASN A 80 -4.42 5.11 5.57
N LEU A 81 -4.87 3.98 6.12
CA LEU A 81 -4.49 2.65 5.62
C LEU A 81 -5.69 1.71 5.57
N PRO A 82 -5.57 0.56 4.87
CA PRO A 82 -4.35 0.17 4.13
C PRO A 82 -4.09 1.04 2.91
N THR A 83 -2.81 1.27 2.63
CA THR A 83 -2.41 2.09 1.49
C THR A 83 -1.62 1.26 0.47
N ILE A 84 -2.25 0.93 -0.66
CA ILE A 84 -1.59 0.15 -1.70
C ILE A 84 -1.14 1.05 -2.86
N VAL A 85 0.17 1.19 -3.00
CA VAL A 85 0.75 2.02 -4.06
C VAL A 85 1.61 1.19 -5.00
N VAL A 86 1.19 1.11 -6.27
CA VAL A 86 1.92 0.34 -7.28
C VAL A 86 2.46 1.27 -8.36
N ASN A 87 3.72 1.06 -8.74
CA ASN A 87 4.38 1.87 -9.76
C ASN A 87 4.37 3.35 -9.36
N GLY A 88 4.45 3.61 -8.05
CA GLY A 88 4.45 4.97 -7.55
C GLY A 88 3.11 5.67 -7.77
N LYS A 89 2.02 4.90 -7.72
CA LYS A 89 0.68 5.44 -7.90
C LYS A 89 -0.33 4.64 -7.08
N PHE A 90 -1.17 5.36 -6.36
CA PHE A 90 -2.20 4.77 -5.51
C PHE A 90 -3.25 4.06 -6.34
N TRP A 91 -3.14 2.73 -6.42
CA TRP A 91 -4.10 1.92 -7.18
C TRP A 91 -5.09 1.22 -6.25
N GLY A 92 -4.65 0.87 -5.03
CA GLY A 92 -5.53 0.20 -4.09
C GLY A 92 -5.83 1.02 -2.85
N THR A 93 -7.08 0.94 -2.37
CA THR A 93 -7.50 1.67 -1.18
C THR A 93 -8.15 0.75 -0.14
N GLU A 94 -8.72 1.36 0.91
CA GLU A 94 -9.39 0.58 1.97
C GLU A 94 -10.85 0.32 1.62
N SER A 95 -11.09 -0.19 0.41
CA SER A 95 -12.44 -0.50 -0.06
C SER A 95 -12.40 -1.20 -1.41
N GLN A 96 -11.56 -0.71 -2.31
CA GLN A 96 -11.41 -1.30 -3.63
C GLN A 96 -11.14 -2.80 -3.55
N LEU A 97 -10.43 -3.23 -2.52
CA LEU A 97 -10.10 -4.66 -2.32
C LEU A 97 -11.38 -5.48 -2.26
N HIS A 98 -12.26 -5.13 -1.32
CA HIS A 98 -13.53 -5.85 -1.15
C HIS A 98 -14.38 -5.75 -2.42
N ARG A 99 -14.42 -4.56 -3.02
CA ARG A 99 -15.19 -4.35 -4.24
C ARG A 99 -14.74 -5.28 -5.36
N PHE A 100 -13.43 -5.49 -5.48
CA PHE A 100 -12.87 -6.37 -6.51
C PHE A 100 -12.99 -7.85 -6.09
N GLU A 101 -12.62 -8.14 -4.84
CA GLU A 101 -12.68 -9.51 -4.33
C GLU A 101 -14.12 -10.04 -4.35
N ALA A 102 -15.07 -9.19 -3.96
CA ALA A 102 -16.48 -9.57 -3.95
C ALA A 102 -16.96 -9.95 -5.34
N LYS A 103 -16.61 -9.14 -6.33
CA LYS A 103 -16.99 -9.39 -7.71
C LYS A 103 -16.25 -10.59 -8.29
N GLY A 104 -15.05 -10.86 -7.75
CA GLY A 104 -14.25 -11.98 -8.24
C GLY A 104 -13.29 -11.56 -9.33
N THR A 105 -12.92 -10.27 -9.36
CA THR A 105 -11.99 -9.75 -10.36
C THR A 105 -10.68 -9.28 -9.74
N LEU A 106 -10.39 -9.76 -8.52
CA LEU A 106 -9.14 -9.41 -7.82
C LEU A 106 -7.93 -9.99 -8.56
N GLU A 107 -8.04 -11.25 -8.98
CA GLU A 107 -6.96 -11.92 -9.70
C GLU A 107 -6.56 -11.12 -10.93
N GLU A 108 -7.56 -10.63 -11.68
CA GLU A 108 -7.31 -9.84 -12.88
C GLU A 108 -6.53 -8.57 -12.53
N GLU A 109 -6.86 -7.96 -11.38
CA GLU A 109 -6.18 -6.74 -10.94
C GLU A 109 -4.67 -6.97 -10.83
N LEU A 110 -4.28 -8.14 -10.30
CA LEU A 110 -2.86 -8.48 -10.15
C LEU A 110 -2.26 -8.95 -11.47
N THR A 111 -3.10 -9.40 -12.41
CA THR A 111 -2.63 -9.86 -13.72
C THR A 111 -2.31 -8.68 -14.63
N LYS A 112 -2.97 -7.53 -14.41
CA LYS A 112 -2.76 -6.34 -15.23
C LYS A 112 -1.29 -5.87 -15.21
N ILE A 113 -0.56 -6.23 -14.15
CA ILE A 113 0.85 -5.85 -14.03
C ILE A 113 1.79 -7.02 -14.36
N GLY A 114 1.28 -8.26 -14.22
CA GLY A 114 2.10 -9.43 -14.51
C GLY A 114 2.65 -10.10 -13.27
N LEU A 115 1.99 -9.90 -12.13
CA LEU A 115 2.43 -10.49 -10.87
C LEU A 115 1.71 -11.83 -10.62
N LEU A 116 0.43 -11.89 -10.98
CA LEU A 116 -0.36 -13.11 -10.80
C LEU A 116 -1.05 -13.50 -12.10
N PRO A 117 -1.14 -14.82 -12.40
CA PRO A 117 -1.78 -15.31 -13.62
C PRO A 117 -3.31 -15.25 -13.56
N MET A 9 11.41 23.00 3.06
CA MET A 9 10.29 22.08 2.67
C MET A 9 10.69 21.15 1.53
N SER A 10 9.82 20.19 1.21
CA SER A 10 10.06 19.23 0.14
C SER A 10 11.27 18.33 0.44
N ALA A 11 11.70 18.29 1.70
CA ALA A 11 12.83 17.46 2.09
C ALA A 11 12.40 16.00 2.27
N PHE A 12 11.14 15.80 2.67
CA PHE A 12 10.60 14.47 2.86
C PHE A 12 9.75 14.03 1.66
N VAL A 13 9.12 15.00 1.01
CA VAL A 13 8.28 14.72 -0.17
C VAL A 13 9.11 14.10 -1.29
N THR A 14 10.21 14.76 -1.65
CA THR A 14 11.09 14.27 -2.71
C THR A 14 11.69 12.92 -2.34
N LYS A 15 12.01 12.74 -1.05
CA LYS A 15 12.59 11.49 -0.57
C LYS A 15 11.63 10.33 -0.81
N ALA A 16 10.32 10.59 -0.67
CA ALA A 16 9.30 9.57 -0.89
C ALA A 16 9.27 9.14 -2.36
N GLU A 17 9.45 10.11 -3.26
CA GLU A 17 9.44 9.83 -4.69
C GLU A 17 10.61 8.93 -5.07
N GLU A 18 11.78 9.18 -4.47
CA GLU A 18 12.96 8.37 -4.76
C GLU A 18 12.78 6.94 -4.24
N MET A 19 12.01 6.81 -3.15
CA MET A 19 11.76 5.50 -2.56
C MET A 19 10.89 4.64 -3.48
N ILE A 20 9.84 5.25 -4.05
CA ILE A 20 8.95 4.54 -4.95
C ILE A 20 9.61 4.27 -6.31
N LYS A 21 10.74 4.96 -6.56
CA LYS A 21 11.46 4.78 -7.81
C LYS A 21 11.95 3.33 -7.97
N SER A 22 12.83 2.92 -7.06
CA SER A 22 13.37 1.56 -7.08
C SER A 22 12.43 0.59 -6.38
N HIS A 23 11.61 1.11 -5.46
CA HIS A 23 10.66 0.29 -4.73
C HIS A 23 9.23 0.74 -5.00
N PRO A 24 8.76 0.62 -6.25
CA PRO A 24 7.40 1.03 -6.64
C PRO A 24 6.33 0.09 -6.08
N TYR A 25 6.73 -1.14 -5.73
CA TYR A 25 5.81 -2.12 -5.17
C TYR A 25 5.79 -2.04 -3.65
N PHE A 26 5.23 -0.96 -3.13
CA PHE A 26 5.14 -0.75 -1.69
C PHE A 26 3.71 -0.84 -1.20
N GLN A 27 3.49 -1.63 -0.15
CA GLN A 27 2.16 -1.80 0.41
C GLN A 27 2.13 -1.33 1.87
N LEU A 28 1.59 -0.13 2.07
CA LEU A 28 1.50 0.45 3.42
C LEU A 28 0.37 -0.19 4.23
N SER A 29 0.71 -0.68 5.42
CA SER A 29 -0.27 -1.32 6.29
C SER A 29 0.19 -1.28 7.76
N ALA A 30 -0.72 -1.60 8.67
CA ALA A 30 -0.43 -1.61 10.10
C ALA A 30 -1.49 -2.38 10.88
N SER A 31 -1.32 -2.47 12.20
CA SER A 31 -2.28 -3.17 13.05
C SER A 31 -3.28 -2.20 13.70
N TRP A 32 -3.55 -1.09 13.01
CA TRP A 32 -4.48 -0.07 13.52
C TRP A 32 -5.81 -0.14 12.79
N CYS A 33 -5.77 -0.35 11.47
CA CYS A 33 -6.99 -0.42 10.66
C CYS A 33 -7.39 -1.88 10.38
N PRO A 34 -8.70 -2.14 10.25
CA PRO A 34 -9.22 -3.49 9.98
C PRO A 34 -8.89 -3.99 8.58
N ASP A 35 -8.96 -3.08 7.59
CA ASP A 35 -8.66 -3.43 6.21
C ASP A 35 -7.23 -3.93 6.06
N CYS A 36 -6.33 -3.39 6.88
CA CYS A 36 -4.92 -3.81 6.85
C CYS A 36 -4.80 -5.32 7.03
N VAL A 37 -5.57 -5.87 7.97
CA VAL A 37 -5.55 -7.30 8.23
C VAL A 37 -6.12 -8.08 7.04
N TYR A 38 -7.22 -7.59 6.48
CA TYR A 38 -7.86 -8.26 5.34
C TYR A 38 -6.92 -8.30 4.14
N ALA A 39 -6.36 -7.15 3.77
CA ALA A 39 -5.44 -7.05 2.64
C ALA A 39 -4.24 -7.98 2.80
N ASN A 40 -3.70 -8.05 4.02
CA ASN A 40 -2.55 -8.90 4.30
C ASN A 40 -2.94 -10.37 4.34
N SER A 41 -4.19 -10.64 4.74
CA SER A 41 -4.69 -12.00 4.82
C SER A 41 -4.64 -12.70 3.47
N ILE A 42 -4.99 -11.96 2.40
CA ILE A 42 -4.98 -12.51 1.05
C ILE A 42 -3.56 -12.75 0.56
N TRP A 43 -2.71 -11.74 0.67
CA TRP A 43 -1.31 -11.84 0.22
C TRP A 43 -0.57 -12.91 1.03
N ASN A 44 -0.93 -13.05 2.30
CA ASN A 44 -0.31 -14.05 3.18
C ASN A 44 -0.68 -15.47 2.75
N LYS A 45 -1.90 -15.65 2.25
CA LYS A 45 -2.38 -16.94 1.80
C LYS A 45 -1.82 -17.28 0.42
N LEU A 46 -1.63 -16.25 -0.41
CA LEU A 46 -1.11 -16.44 -1.75
C LEU A 46 0.42 -16.60 -1.76
N ASN A 47 1.06 -16.39 -0.60
CA ASN A 47 2.51 -16.51 -0.49
C ASN A 47 3.20 -15.65 -1.56
N VAL A 48 2.78 -14.39 -1.65
CA VAL A 48 3.35 -13.45 -2.62
C VAL A 48 4.00 -12.25 -1.91
N GLN A 49 4.67 -12.53 -0.80
CA GLN A 49 5.35 -11.48 -0.02
C GLN A 49 6.84 -11.41 -0.38
N ASP A 50 7.16 -11.74 -1.63
CA ASP A 50 8.55 -11.70 -2.11
C ASP A 50 8.69 -10.70 -3.26
N LYS A 51 7.80 -10.80 -4.25
CA LYS A 51 7.83 -9.91 -5.41
C LYS A 51 7.45 -8.48 -5.00
N VAL A 52 6.74 -8.33 -3.87
CA VAL A 52 6.32 -7.03 -3.38
C VAL A 52 6.99 -6.72 -2.03
N PHE A 53 7.12 -5.43 -1.71
CA PHE A 53 7.74 -5.02 -0.45
C PHE A 53 6.72 -4.30 0.43
N VAL A 54 6.36 -4.96 1.52
CA VAL A 54 5.40 -4.41 2.47
C VAL A 54 6.09 -3.63 3.59
N PHE A 55 5.46 -2.53 4.01
CA PHE A 55 6.01 -1.68 5.07
C PHE A 55 4.98 -1.47 6.17
N ASP A 56 5.17 -2.16 7.30
CA ASP A 56 4.26 -2.04 8.42
C ASP A 56 4.53 -0.76 9.22
N ILE A 57 3.50 -0.23 9.87
CA ILE A 57 3.63 0.98 10.66
C ILE A 57 3.40 0.70 12.15
N GLY A 58 4.34 -0.01 12.76
CA GLY A 58 4.24 -0.35 14.17
C GLY A 58 5.44 0.11 14.98
N SER A 59 6.44 0.71 14.31
CA SER A 59 7.65 1.19 14.98
C SER A 59 7.66 2.72 15.07
N LEU A 60 7.12 3.38 14.05
CA LEU A 60 7.08 4.84 14.01
C LEU A 60 6.20 5.41 15.13
N PRO A 61 6.78 6.27 15.99
CA PRO A 61 6.04 6.89 17.11
C PRO A 61 4.89 7.77 16.65
N ARG A 62 4.28 8.48 17.60
CA ARG A 62 3.15 9.37 17.30
C ARG A 62 3.61 10.70 16.69
N ASN A 63 4.90 10.81 16.34
CA ASN A 63 5.44 12.02 15.74
C ASN A 63 5.89 11.76 14.29
N GLU A 64 6.55 10.62 14.07
CA GLU A 64 7.02 10.26 12.74
C GLU A 64 5.85 9.88 11.82
N GLN A 65 4.84 9.22 12.39
CA GLN A 65 3.66 8.81 11.61
C GLN A 65 2.99 10.00 10.94
N GLU A 66 2.95 11.14 11.63
CA GLU A 66 2.34 12.35 11.10
C GLU A 66 3.04 12.80 9.81
N LYS A 67 4.37 12.89 9.86
CA LYS A 67 5.17 13.31 8.71
C LYS A 67 4.91 12.38 7.52
N TRP A 68 4.73 11.09 7.80
CA TRP A 68 4.47 10.11 6.75
C TRP A 68 3.09 10.33 6.12
N ARG A 69 2.11 10.71 6.95
CA ARG A 69 0.75 10.96 6.48
C ARG A 69 0.69 12.17 5.56
N ILE A 70 1.35 13.26 5.96
CA ILE A 70 1.37 14.50 5.16
C ILE A 70 2.16 14.31 3.87
N ALA A 71 3.35 13.70 3.97
CA ALA A 71 4.19 13.47 2.80
C ALA A 71 3.47 12.63 1.75
N PHE A 72 2.96 11.48 2.15
CA PHE A 72 2.25 10.59 1.23
C PHE A 72 0.94 11.22 0.74
N GLN A 73 0.34 12.09 1.55
CA GLN A 73 -0.91 12.75 1.17
C GLN A 73 -0.73 13.53 -0.13
N LYS A 74 0.42 14.18 -0.28
CA LYS A 74 0.72 14.95 -1.47
C LYS A 74 1.16 14.05 -2.63
N VAL A 75 1.76 12.91 -2.29
CA VAL A 75 2.24 11.96 -3.30
C VAL A 75 1.06 11.26 -3.97
N VAL A 76 0.14 10.75 -3.14
CA VAL A 76 -1.04 10.05 -3.66
C VAL A 76 -2.28 10.32 -2.80
N GLY A 77 -2.10 10.32 -1.47
CA GLY A 77 -3.21 10.55 -0.56
C GLY A 77 -3.38 9.41 0.42
N SER A 78 -2.37 9.21 1.26
CA SER A 78 -2.40 8.16 2.27
C SER A 78 -2.85 8.71 3.62
N ARG A 79 -3.90 9.53 3.60
CA ARG A 79 -4.44 10.12 4.83
C ARG A 79 -5.20 9.08 5.64
N ASN A 80 -5.54 7.95 5.01
CA ASN A 80 -6.27 6.87 5.67
C ASN A 80 -5.73 5.51 5.22
N LEU A 81 -5.26 4.71 6.19
CA LEU A 81 -4.72 3.38 5.90
C LEU A 81 -5.85 2.35 5.77
N PRO A 82 -5.63 1.24 5.05
CA PRO A 82 -4.37 0.95 4.36
C PRO A 82 -4.17 1.77 3.08
N THR A 83 -3.00 1.64 2.46
CA THR A 83 -2.70 2.37 1.23
C THR A 83 -1.74 1.57 0.35
N ILE A 84 -2.23 1.14 -0.82
CA ILE A 84 -1.42 0.36 -1.76
C ILE A 84 -0.93 1.23 -2.92
N VAL A 85 0.40 1.29 -3.09
CA VAL A 85 1.01 2.06 -4.17
C VAL A 85 1.79 1.16 -5.12
N VAL A 86 1.41 1.18 -6.40
CA VAL A 86 2.07 0.36 -7.41
C VAL A 86 2.59 1.22 -8.56
N ASN A 87 3.89 1.16 -8.81
CA ASN A 87 4.52 1.94 -9.88
C ASN A 87 4.40 3.44 -9.61
N GLY A 88 4.57 3.83 -8.35
CA GLY A 88 4.49 5.24 -7.97
C GLY A 88 3.12 5.84 -8.26
N LYS A 89 2.07 5.16 -7.81
CA LYS A 89 0.71 5.62 -8.01
C LYS A 89 -0.27 4.72 -7.25
N PHE A 90 -1.23 5.35 -6.59
CA PHE A 90 -2.24 4.64 -5.80
C PHE A 90 -3.08 3.72 -6.70
N TRP A 91 -2.80 2.42 -6.62
CA TRP A 91 -3.52 1.43 -7.42
C TRP A 91 -4.55 0.68 -6.58
N GLY A 92 -4.30 0.56 -5.27
CA GLY A 92 -5.23 -0.15 -4.40
C GLY A 92 -5.74 0.71 -3.27
N THR A 93 -7.02 0.55 -2.94
CA THR A 93 -7.65 1.32 -1.86
C THR A 93 -8.35 0.40 -0.86
N GLU A 94 -8.82 0.98 0.25
CA GLU A 94 -9.51 0.22 1.29
C GLU A 94 -10.90 -0.24 0.83
N SER A 95 -11.49 0.49 -0.12
CA SER A 95 -12.82 0.16 -0.64
C SER A 95 -12.72 -0.68 -1.93
N GLN A 96 -11.65 -0.50 -2.70
CA GLN A 96 -11.46 -1.24 -3.94
C GLN A 96 -11.49 -2.76 -3.70
N LEU A 97 -10.98 -3.18 -2.54
CA LEU A 97 -10.95 -4.61 -2.20
C LEU A 97 -12.37 -5.18 -2.13
N HIS A 98 -13.20 -4.58 -1.28
CA HIS A 98 -14.59 -5.03 -1.12
C HIS A 98 -15.35 -4.94 -2.44
N ARG A 99 -15.02 -3.94 -3.26
CA ARG A 99 -15.67 -3.75 -4.56
C ARG A 99 -15.21 -4.80 -5.56
N PHE A 100 -13.91 -5.09 -5.57
CA PHE A 100 -13.34 -6.07 -6.49
C PHE A 100 -13.71 -7.50 -6.08
N GLU A 101 -13.63 -7.79 -4.78
CA GLU A 101 -13.95 -9.12 -4.27
C GLU A 101 -15.40 -9.48 -4.56
N ALA A 102 -16.32 -8.57 -4.22
CA ALA A 102 -17.75 -8.78 -4.45
C ALA A 102 -18.07 -8.86 -5.94
N LYS A 103 -17.35 -8.07 -6.74
CA LYS A 103 -17.57 -8.06 -8.20
C LYS A 103 -16.97 -9.29 -8.86
N GLY A 104 -15.93 -9.85 -8.25
CA GLY A 104 -15.26 -11.01 -8.82
C GLY A 104 -14.16 -10.63 -9.78
N THR A 105 -13.57 -9.45 -9.57
CA THR A 105 -12.49 -8.95 -10.42
C THR A 105 -11.14 -8.99 -9.70
N LEU A 106 -11.14 -9.32 -8.40
CA LEU A 106 -9.90 -9.39 -7.63
C LEU A 106 -8.90 -10.35 -8.27
N GLU A 107 -9.39 -11.57 -8.59
CA GLU A 107 -8.54 -12.58 -9.23
C GLU A 107 -7.98 -12.08 -10.55
N GLU A 108 -8.82 -11.39 -11.34
CA GLU A 108 -8.40 -10.86 -12.63
C GLU A 108 -7.30 -9.81 -12.45
N GLU A 109 -7.49 -8.91 -11.49
CA GLU A 109 -6.51 -7.86 -11.21
C GLU A 109 -5.14 -8.46 -10.89
N LEU A 110 -5.13 -9.57 -10.15
CA LEU A 110 -3.88 -10.25 -9.78
C LEU A 110 -3.10 -10.68 -11.03
N THR A 111 -3.80 -11.28 -11.98
CA THR A 111 -3.18 -11.73 -13.23
C THR A 111 -2.95 -10.56 -14.20
N LYS A 112 -3.85 -9.57 -14.13
CA LYS A 112 -3.76 -8.38 -14.98
C LYS A 112 -2.44 -7.64 -14.77
N ILE A 113 -1.98 -7.57 -13.52
CA ILE A 113 -0.72 -6.90 -13.20
C ILE A 113 0.49 -7.78 -13.52
N GLY A 114 0.29 -9.09 -13.53
CA GLY A 114 1.38 -10.01 -13.81
C GLY A 114 1.94 -10.67 -12.56
N LEU A 115 1.12 -10.76 -11.51
CA LEU A 115 1.55 -11.38 -10.26
C LEU A 115 1.13 -12.86 -10.21
N LEU A 116 -0.13 -13.11 -10.52
CA LEU A 116 -0.67 -14.48 -10.52
C LEU A 116 -0.80 -15.00 -11.95
N PRO A 117 0.00 -16.03 -12.31
CA PRO A 117 -0.03 -16.61 -13.65
C PRO A 117 -1.20 -17.58 -13.86
#